data_3NXQ
#
_entry.id   3NXQ
#
_cell.length_a   72.882
_cell.length_b   76.685
_cell.length_c   82.646
_cell.angle_alpha   88.63
_cell.angle_beta   64.17
_cell.angle_gamma   75.70
#
_symmetry.space_group_name_H-M   'P 1'
#
loop_
_entity.id
_entity.type
_entity.pdbx_description
1 polymer 'Angiotensin-converting enzyme'
2 branched alpha-L-fucopyranose-(1-6)-2-acetamido-2-deoxy-beta-D-glucopyranose
3 branched 2-acetamido-2-deoxy-beta-D-glucopyranose-(1-4)-2-acetamido-2-deoxy-beta-D-glucopyranose
4 branched beta-D-mannopyranose-(1-4)-2-acetamido-2-deoxy-beta-D-glucopyranose-(1-4)-[alpha-L-fucopyranose-(1-6)]2-acetamido-2-deoxy-beta-D-glucopyranose
5 non-polymer 'ZINC ION'
6 non-polymer N~2~-acetyl-N-{(1R)-1-[(S)-[(2S)-3-{[(2S)-1-amino-1-oxopropan-2-yl]amino}-2-methyl-3-oxopropyl](hydroxy)phosphoryl]-2-phenylethyl}-L-alpha-asparagine
7 non-polymer 'HEXAETHYLENE GLYCOL'
8 non-polymer 'CHLORIDE ION'
9 non-polymer DI(HYDROXYETHYL)ETHER
10 non-polymer 'TETRAETHYLENE GLYCOL'
11 water water
#
_entity_poly.entity_id   1
_entity_poly.type   'polypeptide(L)'
_entity_poly.pdbx_seq_one_letter_code
;LDPGLQPGQFSADEAGAQLFAQSYQSSAEQVLFQSVAASWAHDTNITAENARRQEEAALLSQEFAEAWGQKAKELYEPIW
QQFTDPQLRRIIGAVRTLGSANLPLAKRQQYNALLSQMSRIYSTAKVCLPQKTATCWSLDPDLTNILASSRSYAMLLFAW
EGWHNAAGIPLKPLYEDFTALSNEAYKQDGFTDTGAYWRSWYNSPTFEDDLEHLYQQLEPLYLNLHAFVRRALHRRYGDR
YINLRGPIPAHLLGDMWAQSWENIYDMVVPFPDKPNLDVTSTMLQQGWQATHMFRVAEEFFTSLELSPMPPEFWEGSMLE
KPADGREVVCHASAWDFYNRKDFRIKQCTRVTMDQLSTVHHEMGHIQYYLQYKDLPVSLRRGANPGFHEAIGDVLALSVS
TPEHLHKIGLLDRVTNDTESDINYLLKMALEKIAFLPFGYLVDQWRWGVFSGRTPPSRYNFDWWYLRTKYQGICPPVTRN
ETHFDAGAKFHVPNVTPYIRYFVSFVLQFQFHEALCKEAGYEGPLHQCDIYRSTKAGAKLRKVLRAGSSRPWQEVLKDMV
GLDALDAQPLLKYFQLVTQWLQEQNQQNGEVLGWPEYQWHPPLPDNYPEGIDLVTDEAEASKFVEEYDL
;
_entity_poly.pdbx_strand_id   A,B
#
loop_
_chem_comp.id
_chem_comp.type
_chem_comp.name
_chem_comp.formula
BMA D-saccharide, beta linking beta-D-mannopyranose 'C6 H12 O6'
CL non-polymer 'CHLORIDE ION' 'Cl -1'
FUC L-saccharide, alpha linking alpha-L-fucopyranose 'C6 H12 O5'
NAG D-saccharide, beta linking 2-acetamido-2-deoxy-beta-D-glucopyranose 'C8 H15 N O6'
P6G non-polymer 'HEXAETHYLENE GLYCOL' 'C12 H26 O7'
PEG non-polymer DI(HYDROXYETHYL)ETHER 'C4 H10 O3'
PG4 non-polymer 'TETRAETHYLENE GLYCOL' 'C8 H18 O5'
RX4 peptide-like N~2~-acetyl-N-{(1R)-1-[(S)-[(2S)-3-{[(2S)-1-amino-1-oxopropan-2-yl]amino}-2-methyl-3-oxopropyl](hydroxy)phosphoryl]-2-phenylethyl}-L-alpha-asparagine 'C21 H31 N4 O8 P'
ZN non-polymer 'ZINC ION' 'Zn 2'
#
# COMPACT_ATOMS: atom_id res chain seq x y z
N LEU A 1 39.30 11.58 18.56
CA LEU A 1 39.68 12.02 17.19
C LEU A 1 41.02 12.75 17.23
N ASP A 2 41.92 12.37 16.32
CA ASP A 2 43.27 12.94 16.24
C ASP A 2 43.21 14.45 16.01
N PRO A 3 44.05 15.22 16.73
CA PRO A 3 44.09 16.68 16.57
C PRO A 3 44.08 17.16 15.11
N GLY A 4 44.82 16.45 14.25
CA GLY A 4 44.90 16.81 12.83
C GLY A 4 43.60 16.67 12.05
N LEU A 5 42.66 15.92 12.59
CA LEU A 5 41.40 15.63 11.89
C LEU A 5 40.21 16.43 12.43
N GLN A 6 40.48 17.26 13.44
CA GLN A 6 39.46 18.11 14.05
C GLN A 6 39.36 19.44 13.31
N PRO A 7 38.15 20.04 13.26
CA PRO A 7 37.98 21.34 12.58
C PRO A 7 38.55 22.52 13.38
N GLY A 8 39.12 23.49 12.66
CA GLY A 8 39.57 24.75 13.26
C GLY A 8 38.47 25.79 13.20
N GLN A 9 38.85 27.06 13.09
CA GLN A 9 37.85 28.13 13.03
C GLN A 9 37.64 28.67 11.64
N PHE A 10 36.42 29.16 11.40
CA PHE A 10 36.00 29.74 10.14
C PHE A 10 34.93 30.76 10.45
N SER A 11 34.81 31.78 9.61
CA SER A 11 33.80 32.83 9.80
C SER A 11 32.40 32.32 9.45
N ALA A 12 31.40 32.85 10.16
CA ALA A 12 30.02 32.42 10.03
C ALA A 12 29.30 33.12 8.86
N ASP A 13 29.87 32.98 7.68
CA ASP A 13 29.29 33.52 6.46
C ASP A 13 29.68 32.64 5.29
N GLU A 14 29.14 32.94 4.11
CA GLU A 14 29.42 32.14 2.91
C GLU A 14 30.92 31.98 2.62
N ALA A 15 31.67 33.07 2.77
CA ALA A 15 33.12 33.06 2.51
C ALA A 15 33.86 32.10 3.45
N GLY A 16 33.48 32.11 4.73
CA GLY A 16 34.04 31.18 5.71
C GLY A 16 33.60 29.75 5.43
N ALA A 17 32.36 29.62 4.94
CA ALA A 17 31.82 28.33 4.54
C ALA A 17 32.60 27.67 3.40
N GLN A 18 33.09 28.50 2.47
CA GLN A 18 33.94 28.00 1.37
C GLN A 18 35.26 27.46 1.93
N LEU A 19 35.81 28.14 2.93
CA LEU A 19 37.05 27.71 3.56
C LEU A 19 36.82 26.49 4.45
N PHE A 20 35.66 26.44 5.11
CA PHE A 20 35.21 25.28 5.87
C PHE A 20 35.16 24.04 4.99
N ALA A 21 34.45 24.16 3.86
CA ALA A 21 34.29 23.03 2.93
C ALA A 21 35.63 22.53 2.39
N GLN A 22 36.55 23.45 2.12
CA GLN A 22 37.86 23.10 1.57
C GLN A 22 38.68 22.30 2.59
N SER A 23 38.70 22.77 3.82
CA SER A 23 39.39 22.11 4.93
C SER A 23 38.73 20.77 5.30
N TYR A 24 37.39 20.74 5.30
CA TYR A 24 36.64 19.51 5.58
C TYR A 24 37.07 18.37 4.66
N GLN A 25 37.14 18.67 3.35
CA GLN A 25 37.43 17.68 2.32
C GLN A 25 38.86 17.17 2.36
N SER A 26 39.77 18.02 2.84
CA SER A 26 41.17 17.63 3.00
C SER A 26 41.34 16.57 4.09
N SER A 27 40.65 16.76 5.22
CA SER A 27 40.72 15.83 6.35
C SER A 27 39.94 14.55 6.08
N ALA A 28 38.80 14.69 5.39
CA ALA A 28 37.90 13.57 5.10
C ALA A 28 38.55 12.41 4.34
N GLU A 29 39.52 12.71 3.48
CA GLU A 29 40.22 11.69 2.70
C GLU A 29 40.86 10.60 3.56
N GLN A 30 41.60 11.01 4.59
CA GLN A 30 42.24 10.07 5.52
C GLN A 30 41.23 9.21 6.28
N VAL A 31 40.11 9.81 6.65
CA VAL A 31 39.06 9.11 7.40
C VAL A 31 38.38 8.09 6.50
N LEU A 32 38.05 8.52 5.28
CA LEU A 32 37.48 7.62 4.28
C LEU A 32 38.43 6.45 4.00
N PHE A 33 39.71 6.74 3.82
CA PHE A 33 40.69 5.70 3.56
C PHE A 33 40.75 4.61 4.63
N GLN A 34 40.81 5.00 5.91
CA GLN A 34 40.88 4.01 7.01
C GLN A 34 39.59 3.19 7.12
N SER A 35 38.46 3.85 6.87
CA SER A 35 37.17 3.19 6.84
C SER A 35 37.13 2.10 5.75
N VAL A 36 37.43 2.48 4.51
CA VAL A 36 37.43 1.53 3.38
C VAL A 36 38.43 0.38 3.57
N ALA A 37 39.66 0.72 4.00
CA ALA A 37 40.69 -0.29 4.23
C ALA A 37 40.24 -1.35 5.24
N ALA A 38 39.60 -0.93 6.32
CA ALA A 38 39.13 -1.86 7.34
C ALA A 38 37.94 -2.70 6.84
N SER A 39 37.09 -2.09 6.02
CA SER A 39 35.99 -2.83 5.38
C SER A 39 36.52 -3.86 4.38
N TRP A 40 37.53 -3.47 3.59
CA TRP A 40 38.17 -4.39 2.65
C TRP A 40 38.75 -5.59 3.39
N ALA A 41 39.49 -5.32 4.46
CA ALA A 41 40.16 -6.37 5.23
C ALA A 41 39.17 -7.39 5.79
N HIS A 42 37.98 -6.93 6.17
CA HIS A 42 36.95 -7.81 6.71
C HIS A 42 36.22 -8.58 5.60
N ASP A 43 35.81 -7.88 4.55
CA ASP A 43 35.00 -8.50 3.49
C ASP A 43 35.78 -9.53 2.66
N THR A 44 37.10 -9.42 2.64
CA THR A 44 37.94 -10.39 1.94
C THR A 44 38.53 -11.44 2.88
N ASN A 45 38.13 -11.39 4.16
CA ASN A 45 38.69 -12.27 5.19
C ASN A 45 37.87 -12.12 6.48
N ILE A 46 36.70 -12.74 6.49
CA ILE A 46 35.74 -12.54 7.57
C ILE A 46 36.21 -13.27 8.83
N THR A 47 36.62 -12.48 9.82
CA THR A 47 37.01 -13.00 11.13
C THR A 47 36.47 -12.07 12.22
N ALA A 48 36.52 -12.54 13.46
CA ALA A 48 36.09 -11.73 14.60
C ALA A 48 37.02 -10.52 14.78
N GLU A 49 38.31 -10.75 14.62
CA GLU A 49 39.30 -9.68 14.79
C GLU A 49 39.17 -8.61 13.70
N ASN A 50 38.90 -9.03 12.47
CA ASN A 50 38.68 -8.09 11.37
C ASN A 50 37.38 -7.30 11.53
N ALA A 51 36.34 -7.96 12.06
CA ALA A 51 35.07 -7.30 12.37
C ALA A 51 35.22 -6.22 13.46
N ARG A 52 35.94 -6.56 14.53
CA ARG A 52 36.23 -5.59 15.60
C ARG A 52 36.95 -4.37 15.02
N ARG A 53 37.92 -4.62 14.14
CA ARG A 53 38.69 -3.56 13.48
C ARG A 53 37.82 -2.66 12.61
N GLN A 54 36.88 -3.27 11.89
CA GLN A 54 35.94 -2.53 11.06
C GLN A 54 35.04 -1.67 11.96
N GLU A 55 34.57 -2.24 13.07
CA GLU A 55 33.72 -1.52 14.01
C GLU A 55 34.44 -0.31 14.63
N GLU A 56 35.71 -0.47 14.96
CA GLU A 56 36.53 0.66 15.44
C GLU A 56 36.70 1.75 14.39
N ALA A 57 36.87 1.34 13.13
CA ALA A 57 36.97 2.29 12.02
C ALA A 57 35.66 3.06 11.81
N ALA A 58 34.54 2.36 11.95
CA ALA A 58 33.23 2.99 11.82
C ALA A 58 33.02 4.03 12.92
N LEU A 59 33.47 3.70 14.15
CA LEU A 59 33.42 4.62 15.28
C LEU A 59 34.25 5.87 15.03
N LEU A 60 35.45 5.70 14.48
CA LEU A 60 36.32 6.82 14.14
C LEU A 60 35.65 7.72 13.09
N SER A 61 35.03 7.10 12.08
CA SER A 61 34.28 7.85 11.06
C SER A 61 33.14 8.65 11.65
N GLN A 62 32.46 8.09 12.64
CA GLN A 62 31.38 8.78 13.35
C GLN A 62 31.89 9.96 14.18
N GLU A 63 33.00 9.77 14.89
CA GLU A 63 33.68 10.87 15.59
C GLU A 63 33.95 12.05 14.67
N PHE A 64 34.55 11.76 13.52
CA PHE A 64 34.87 12.76 12.50
C PHE A 64 33.60 13.47 12.05
N ALA A 65 32.59 12.69 11.64
CA ALA A 65 31.33 13.24 11.16
C ALA A 65 30.65 14.13 12.20
N GLU A 66 30.75 13.72 13.47
CA GLU A 66 30.19 14.49 14.58
C GLU A 66 30.90 15.84 14.73
N ALA A 67 32.23 15.83 14.78
CA ALA A 67 33.00 17.05 15.00
C ALA A 67 32.74 18.11 13.91
N TRP A 68 32.81 17.68 12.64
CA TRP A 68 32.62 18.61 11.51
C TRP A 68 31.16 19.00 11.32
N GLY A 69 30.26 18.04 11.55
CA GLY A 69 28.81 18.28 11.48
C GLY A 69 28.34 19.31 12.48
N GLN A 70 28.74 19.15 13.74
CA GLN A 70 28.39 20.10 14.80
C GLN A 70 28.98 21.47 14.50
N LYS A 71 30.17 21.48 13.91
CA LYS A 71 30.83 22.72 13.51
C LYS A 71 30.03 23.41 12.42
N ALA A 72 29.58 22.65 11.42
CA ALA A 72 28.76 23.18 10.33
C ALA A 72 27.44 23.77 10.82
N LYS A 73 26.80 23.10 11.76
CA LYS A 73 25.54 23.56 12.34
C LYS A 73 25.75 24.80 13.21
N GLU A 74 26.83 24.81 13.98
CA GLU A 74 27.22 25.95 14.81
C GLU A 74 27.35 27.24 13.98
N LEU A 75 27.99 27.13 12.82
CA LEU A 75 28.31 28.28 12.00
C LEU A 75 27.26 28.60 10.91
N TYR A 76 26.63 27.56 10.34
CA TYR A 76 25.85 27.73 9.10
C TYR A 76 24.39 27.27 9.09
N GLU A 77 23.96 26.55 10.12
CA GLU A 77 22.60 26.01 10.13
C GLU A 77 21.50 27.02 9.77
N PRO A 78 21.55 28.25 10.33
CA PRO A 78 20.46 29.16 9.96
C PRO A 78 20.65 29.91 8.62
N ILE A 79 21.76 29.70 7.92
CA ILE A 79 22.08 30.50 6.73
C ILE A 79 22.48 29.73 5.48
N TRP A 80 22.90 28.48 5.63
CA TRP A 80 23.43 27.70 4.52
C TRP A 80 22.44 27.50 3.35
N GLN A 81 21.15 27.48 3.66
CA GLN A 81 20.11 27.29 2.62
C GLN A 81 19.98 28.52 1.71
N GLN A 82 20.49 29.66 2.16
CA GLN A 82 20.45 30.90 1.38
C GLN A 82 21.77 31.21 0.68
N PHE A 83 22.74 30.29 0.76
CA PHE A 83 24.03 30.49 0.10
C PHE A 83 23.87 30.60 -1.40
N THR A 84 24.64 31.50 -2.01
CA THR A 84 24.54 31.75 -3.46
C THR A 84 25.09 30.59 -4.30
N ASP A 85 26.17 29.97 -3.82
CA ASP A 85 26.85 28.88 -4.53
C ASP A 85 26.11 27.55 -4.31
N PRO A 86 25.49 26.99 -5.37
CA PRO A 86 24.71 25.75 -5.18
C PRO A 86 25.57 24.52 -4.78
N GLN A 87 26.79 24.43 -5.31
CA GLN A 87 27.71 23.34 -4.98
C GLN A 87 28.07 23.40 -3.48
N LEU A 88 28.26 24.62 -2.97
CA LEU A 88 28.48 24.84 -1.55
C LEU A 88 27.27 24.42 -0.70
N ARG A 89 26.06 24.70 -1.18
CA ARG A 89 24.84 24.32 -0.44
C ARG A 89 24.77 22.80 -0.28
N ARG A 90 25.10 22.08 -1.35
CA ARG A 90 25.11 20.62 -1.36
C ARG A 90 26.11 20.05 -0.35
N ILE A 91 27.32 20.61 -0.30
CA ILE A 91 28.39 20.10 0.57
C ILE A 91 28.12 20.40 2.05
N ILE A 92 27.86 21.66 2.38
CA ILE A 92 27.53 22.02 3.75
C ILE A 92 26.21 21.35 4.19
N GLY A 93 25.26 21.28 3.27
CA GLY A 93 24.00 20.55 3.49
C GLY A 93 24.22 19.08 3.86
N ALA A 94 25.27 18.49 3.28
CA ALA A 94 25.66 17.13 3.61
C ALA A 94 26.34 17.05 4.98
N VAL A 95 27.24 17.98 5.25
CA VAL A 95 28.01 17.97 6.50
C VAL A 95 27.14 18.20 7.73
N ARG A 96 26.10 19.04 7.59
CA ARG A 96 25.12 19.27 8.66
C ARG A 96 24.25 18.03 8.96
N THR A 97 24.32 17.03 8.08
CA THR A 97 23.52 15.80 8.21
C THR A 97 24.40 14.70 8.80
N LEU A 98 24.26 14.49 10.11
CA LEU A 98 25.20 13.65 10.87
C LEU A 98 24.98 12.15 10.75
N GLY A 99 23.74 11.75 10.44
CA GLY A 99 23.38 10.34 10.32
C GLY A 99 23.59 9.60 11.63
N SER A 100 24.23 8.43 11.56
CA SER A 100 24.51 7.59 12.74
C SER A 100 25.35 8.30 13.80
N ALA A 101 26.07 9.33 13.39
CA ALA A 101 26.86 10.16 14.30
C ALA A 101 25.97 10.98 15.25
N ASN A 102 24.68 11.05 14.95
CA ASN A 102 23.71 11.67 15.86
C ASN A 102 23.45 10.85 17.10
N LEU A 103 23.67 9.54 16.99
CA LEU A 103 23.41 8.62 18.10
C LEU A 103 24.41 8.79 19.23
N PRO A 104 23.95 8.61 20.48
CA PRO A 104 24.88 8.58 21.62
C PRO A 104 25.86 7.44 21.43
N LEU A 105 27.00 7.50 22.13
CA LEU A 105 28.08 6.53 21.95
C LEU A 105 27.61 5.07 22.06
N ALA A 106 26.84 4.76 23.10
CA ALA A 106 26.35 3.39 23.32
C ALA A 106 25.54 2.90 22.11
N LYS A 107 24.66 3.75 21.60
CA LYS A 107 23.85 3.40 20.43
C LYS A 107 24.65 3.36 19.12
N ARG A 108 25.68 4.21 19.00
CA ARG A 108 26.60 4.14 17.87
C ARG A 108 27.26 2.78 17.77
N GLN A 109 27.76 2.30 18.91
CA GLN A 109 28.41 1.01 19.00
C GLN A 109 27.43 -0.12 18.68
N GLN A 110 26.21 0.01 19.19
CA GLN A 110 25.13 -0.94 18.90
C GLN A 110 24.82 -0.98 17.39
N TYR A 111 24.69 0.19 16.78
CA TYR A 111 24.45 0.32 15.34
C TYR A 111 25.56 -0.34 14.52
N ASN A 112 26.82 -0.03 14.83
CA ASN A 112 27.94 -0.62 14.13
C ASN A 112 27.99 -2.15 14.29
N ALA A 113 27.69 -2.63 15.50
CA ALA A 113 27.69 -4.08 15.78
C ALA A 113 26.62 -4.80 14.96
N LEU A 114 25.43 -4.20 14.89
CA LEU A 114 24.32 -4.75 14.11
C LEU A 114 24.66 -4.90 12.63
N LEU A 115 25.25 -3.87 12.05
CA LEU A 115 25.67 -3.90 10.63
C LEU A 115 26.67 -5.02 10.40
N SER A 116 27.61 -5.16 11.33
CA SER A 116 28.65 -6.19 11.28
C SER A 116 28.04 -7.60 11.37
N GLN A 117 27.13 -7.79 12.33
CA GLN A 117 26.49 -9.09 12.55
C GLN A 117 25.57 -9.48 11.40
N MET A 118 24.83 -8.51 10.85
CA MET A 118 23.95 -8.78 9.70
C MET A 118 24.74 -9.21 8.47
N SER A 119 25.84 -8.50 8.23
CA SER A 119 26.75 -8.81 7.13
C SER A 119 27.36 -10.20 7.26
N ARG A 120 27.82 -10.52 8.47
CA ARG A 120 28.39 -11.82 8.81
CA ARG A 120 28.40 -11.83 8.76
C ARG A 120 27.38 -12.95 8.56
N ILE A 121 26.17 -12.76 9.07
CA ILE A 121 25.11 -13.76 8.92
C ILE A 121 24.80 -14.03 7.45
N TYR A 122 24.65 -12.97 6.66
CA TYR A 122 24.29 -13.15 5.25
C TYR A 122 25.39 -13.88 4.48
N SER A 123 26.63 -13.46 4.67
CA SER A 123 27.74 -14.01 3.89
C SER A 123 28.30 -15.35 4.39
N THR A 124 27.97 -15.73 5.62
CA THR A 124 28.44 -17.03 6.17
C THR A 124 27.33 -18.07 6.32
N ALA A 125 26.10 -17.70 5.96
CA ALA A 125 24.97 -18.65 6.00
C ALA A 125 25.21 -19.79 5.01
N LYS A 126 24.84 -21.00 5.44
CA LYS A 126 24.98 -22.19 4.61
C LYS A 126 23.75 -23.09 4.66
N VAL A 127 23.57 -23.89 3.62
CA VAL A 127 22.51 -24.88 3.57
C VAL A 127 23.12 -26.28 3.71
N CYS A 128 22.77 -26.97 4.78
CA CYS A 128 23.34 -28.29 5.05
C CYS A 128 22.42 -29.41 4.56
N LEU A 129 23.01 -30.40 3.89
CA LEU A 129 22.27 -31.51 3.27
C LEU A 129 21.76 -32.53 4.30
N THR A 133 25.47 -35.20 5.38
CA THR A 133 25.10 -34.71 6.71
C THR A 133 25.97 -33.53 7.16
N ALA A 134 27.28 -33.62 6.92
CA ALA A 134 28.24 -32.62 7.38
C ALA A 134 28.52 -31.53 6.33
N THR A 135 28.43 -31.89 5.06
CA THR A 135 28.69 -30.96 3.95
C THR A 135 27.57 -29.94 3.81
N CYS A 136 27.95 -28.67 3.64
CA CYS A 136 26.97 -27.57 3.54
C CYS A 136 27.25 -26.68 2.32
N TRP A 137 26.18 -26.31 1.62
CA TRP A 137 26.28 -25.46 0.42
C TRP A 137 26.24 -23.97 0.76
N SER A 138 27.14 -23.20 0.14
CA SER A 138 27.14 -21.74 0.26
C SER A 138 26.32 -21.11 -0.87
N LEU A 139 25.94 -19.85 -0.71
CA LEU A 139 25.18 -19.16 -1.75
C LEU A 139 25.93 -19.13 -3.09
N ASP A 140 27.18 -18.69 -3.04
CA ASP A 140 28.03 -18.53 -4.21
C ASP A 140 29.28 -19.38 -3.94
N PRO A 141 29.55 -20.39 -4.80
CA PRO A 141 28.86 -20.74 -6.04
C PRO A 141 27.74 -21.79 -5.96
N ASP A 142 27.67 -22.54 -4.85
CA ASP A 142 26.87 -23.76 -4.77
C ASP A 142 25.38 -23.57 -5.07
N LEU A 143 24.70 -22.75 -4.27
CA LEU A 143 23.26 -22.54 -4.46
C LEU A 143 22.96 -21.78 -5.75
N THR A 144 23.85 -20.84 -6.10
CA THR A 144 23.76 -20.10 -7.35
C THR A 144 23.79 -21.05 -8.56
N ASN A 145 24.71 -22.01 -8.55
CA ASN A 145 24.78 -23.01 -9.63
C ASN A 145 23.53 -23.90 -9.73
N ILE A 146 22.99 -24.30 -8.57
CA ILE A 146 21.78 -25.12 -8.52
C ILE A 146 20.58 -24.40 -9.14
N LEU A 147 20.31 -23.18 -8.70
CA LEU A 147 19.20 -22.41 -9.27
C LEU A 147 19.36 -22.12 -10.77
N ALA A 148 20.60 -21.99 -11.21
CA ALA A 148 20.91 -21.71 -12.61
C ALA A 148 20.74 -22.90 -13.55
N SER A 149 21.13 -24.09 -13.10
CA SER A 149 21.29 -25.24 -14.01
C SER A 149 20.46 -26.49 -13.68
N SER A 150 19.97 -26.59 -12.45
CA SER A 150 19.06 -27.68 -12.12
C SER A 150 17.67 -27.38 -12.65
N ARG A 151 17.03 -28.40 -13.20
CA ARG A 151 15.67 -28.30 -13.69
C ARG A 151 14.77 -29.28 -12.93
N SER A 152 15.27 -29.71 -11.78
CA SER A 152 14.50 -30.57 -10.88
C SER A 152 13.73 -29.70 -9.89
N TYR A 153 12.41 -29.77 -9.97
CA TYR A 153 11.54 -28.97 -9.11
C TYR A 153 11.92 -29.10 -7.62
N ALA A 154 12.17 -30.33 -7.18
CA ALA A 154 12.46 -30.63 -5.79
C ALA A 154 13.82 -30.12 -5.32
N MET A 155 14.83 -30.22 -6.20
CA MET A 155 16.17 -29.73 -5.88
C MET A 155 16.20 -28.21 -5.81
N LEU A 156 15.54 -27.56 -6.77
CA LEU A 156 15.40 -26.10 -6.76
C LEU A 156 14.70 -25.63 -5.49
N LEU A 157 13.66 -26.36 -5.08
CA LEU A 157 12.92 -26.03 -3.87
C LEU A 157 13.81 -26.14 -2.64
N PHE A 158 14.61 -27.21 -2.56
CA PHE A 158 15.50 -27.41 -1.44
C PHE A 158 16.51 -26.27 -1.33
N ALA A 159 17.09 -25.88 -2.46
CA ALA A 159 18.01 -24.74 -2.51
C ALA A 159 17.32 -23.42 -2.11
N TRP A 160 16.15 -23.16 -2.70
CA TRP A 160 15.42 -21.91 -2.45
C TRP A 160 14.98 -21.79 -0.98
N GLU A 161 14.32 -22.83 -0.48
CA GLU A 161 13.86 -22.86 0.91
C GLU A 161 15.04 -22.84 1.87
N GLY A 162 16.07 -23.65 1.57
CA GLY A 162 17.27 -23.71 2.40
C GLY A 162 17.86 -22.34 2.60
N TRP A 163 18.12 -21.65 1.49
CA TRP A 163 18.71 -20.31 1.54
C TRP A 163 17.86 -19.29 2.28
N HIS A 164 16.58 -19.18 1.91
CA HIS A 164 15.72 -18.17 2.53
C HIS A 164 15.59 -18.38 4.03
N ASN A 165 15.48 -19.64 4.45
CA ASN A 165 15.47 -20.01 5.87
C ASN A 165 16.78 -19.71 6.59
N ALA A 166 17.90 -20.14 6.01
CA ALA A 166 19.22 -19.98 6.59
C ALA A 166 19.63 -18.51 6.75
N ALA A 167 19.30 -17.69 5.75
CA ALA A 167 19.70 -16.29 5.79
C ALA A 167 18.67 -15.44 6.53
N GLY A 168 17.39 -15.63 6.22
CA GLY A 168 16.33 -14.74 6.69
C GLY A 168 15.99 -14.81 8.16
N ILE A 169 15.77 -16.02 8.66
CA ILE A 169 15.32 -16.22 10.05
C ILE A 169 16.22 -15.57 11.12
N PRO A 170 17.56 -15.83 11.09
CA PRO A 170 18.38 -15.16 12.11
C PRO A 170 18.55 -13.64 11.92
N LEU A 171 18.29 -13.13 10.72
CA LEU A 171 18.44 -11.71 10.46
C LEU A 171 17.33 -10.83 11.03
N LYS A 172 16.12 -11.38 11.16
CA LYS A 172 14.94 -10.56 11.50
C LYS A 172 15.09 -9.71 12.78
N PRO A 173 15.46 -10.33 13.92
CA PRO A 173 15.60 -9.50 15.13
C PRO A 173 16.62 -8.37 14.99
N LEU A 174 17.70 -8.61 14.26
CA LEU A 174 18.73 -7.61 14.06
C LEU A 174 18.23 -6.48 13.16
N TYR A 175 17.50 -6.86 12.10
CA TYR A 175 16.97 -5.88 11.17
C TYR A 175 15.96 -4.92 11.84
N GLU A 176 15.20 -5.44 12.79
CA GLU A 176 14.24 -4.63 13.55
C GLU A 176 14.97 -3.56 14.38
N ASP A 177 16.04 -3.97 15.04
CA ASP A 177 16.84 -3.07 15.87
C ASP A 177 17.59 -2.04 15.03
N PHE A 178 18.20 -2.48 13.92
CA PHE A 178 18.84 -1.58 12.97
C PHE A 178 17.88 -0.48 12.50
N THR A 179 16.67 -0.89 12.12
CA THR A 179 15.69 0.05 11.56
C THR A 179 15.34 1.15 12.57
N ALA A 180 15.11 0.77 13.83
CA ALA A 180 14.84 1.73 14.90
C ALA A 180 15.98 2.73 15.10
N LEU A 181 17.21 2.21 15.17
CA LEU A 181 18.40 3.06 15.36
C LEU A 181 18.66 3.99 14.17
N SER A 182 18.52 3.45 12.96
CA SER A 182 18.69 4.22 11.73
C SER A 182 17.69 5.38 11.67
N ASN A 183 16.42 5.10 11.98
CA ASN A 183 15.38 6.13 12.03
C ASN A 183 15.68 7.18 13.08
N GLU A 184 16.07 6.75 14.27
CA GLU A 184 16.42 7.67 15.35
C GLU A 184 17.51 8.65 14.87
N ALA A 185 18.54 8.10 14.23
CA ALA A 185 19.66 8.88 13.74
C ALA A 185 19.22 9.95 12.73
N TYR A 186 18.50 9.54 11.69
CA TYR A 186 18.16 10.45 10.61
C TYR A 186 17.04 11.44 10.91
N LYS A 187 16.17 11.09 11.87
CA LYS A 187 15.15 12.02 12.34
C LYS A 187 15.75 13.26 13.00
N GLN A 188 16.90 13.09 13.66
CA GLN A 188 17.62 14.20 14.28
CA GLN A 188 17.61 14.21 14.28
C GLN A 188 18.18 15.17 13.23
N ASP A 189 18.30 14.70 12.00
CA ASP A 189 18.74 15.53 10.88
C ASP A 189 17.59 16.21 10.16
N GLY A 190 16.35 15.94 10.59
CA GLY A 190 15.17 16.59 10.03
C GLY A 190 14.39 15.78 9.00
N PHE A 191 14.87 14.59 8.67
CA PHE A 191 14.15 13.69 7.77
C PHE A 191 13.04 12.95 8.53
N THR A 192 11.94 12.64 7.85
CA THR A 192 10.85 11.91 8.48
CA THR A 192 10.84 11.90 8.46
C THR A 192 11.28 10.49 8.87
N ASP A 193 12.17 9.91 8.06
CA ASP A 193 12.73 8.58 8.28
C ASP A 193 13.91 8.34 7.34
N THR A 194 14.60 7.21 7.49
CA THR A 194 15.79 6.90 6.69
C THR A 194 15.49 6.83 5.19
N GLY A 195 14.32 6.31 4.85
CA GLY A 195 13.86 6.25 3.46
C GLY A 195 13.80 7.62 2.80
N ALA A 196 13.36 8.63 3.55
CA ALA A 196 13.29 9.99 3.02
C ALA A 196 14.69 10.54 2.73
N TYR A 197 15.64 10.22 3.59
CA TYR A 197 17.04 10.57 3.35
C TYR A 197 17.60 9.90 2.09
N TRP A 198 17.38 8.59 1.95
CA TRP A 198 17.83 7.86 0.77
C TRP A 198 17.29 8.48 -0.52
N ARG A 199 15.98 8.75 -0.55
CA ARG A 199 15.33 9.33 -1.72
C ARG A 199 15.83 10.74 -2.06
N SER A 200 16.27 11.48 -1.05
CA SER A 200 16.73 12.87 -1.22
C SER A 200 17.97 12.97 -2.11
N TRP A 201 18.68 11.86 -2.29
CA TRP A 201 19.87 11.82 -3.14
C TRP A 201 19.56 12.14 -4.60
N TYR A 202 18.30 11.98 -5.00
CA TYR A 202 17.90 12.21 -6.38
C TYR A 202 17.41 13.63 -6.62
N ASN A 203 17.35 14.41 -5.54
CA ASN A 203 16.89 15.80 -5.60
CA ASN A 203 16.85 15.79 -5.55
C ASN A 203 15.79 16.06 -6.63
N SER A 204 14.70 15.29 -6.53
CA SER A 204 13.51 15.47 -7.36
C SER A 204 12.34 15.44 -6.40
N PRO A 205 11.59 16.56 -6.30
CA PRO A 205 10.44 16.59 -5.38
C PRO A 205 9.32 15.66 -5.82
N THR A 206 9.41 15.17 -7.06
CA THR A 206 8.39 14.31 -7.64
C THR A 206 8.94 12.90 -7.94
N PHE A 207 10.04 12.55 -7.27
CA PHE A 207 10.75 11.28 -7.50
C PHE A 207 9.84 10.06 -7.56
N GLU A 208 9.04 9.84 -6.52
CA GLU A 208 8.21 8.63 -6.43
C GLU A 208 7.13 8.57 -7.52
N ASP A 209 6.51 9.71 -7.83
CA ASP A 209 5.54 9.77 -8.92
C ASP A 209 6.18 9.56 -10.28
N ASP A 210 7.36 10.15 -10.49
CA ASP A 210 8.14 9.92 -11.70
C ASP A 210 8.44 8.43 -11.93
N LEU A 211 8.85 7.73 -10.87
CA LEU A 211 9.10 6.29 -10.93
C LEU A 211 7.85 5.51 -11.31
N GLU A 212 6.71 5.86 -10.70
CA GLU A 212 5.46 5.17 -10.96
C GLU A 212 5.03 5.37 -12.41
N HIS A 213 5.22 6.59 -12.92
CA HIS A 213 4.93 6.88 -14.32
CA HIS A 213 4.94 6.90 -14.32
C HIS A 213 5.82 6.07 -15.26
N LEU A 214 7.10 5.91 -14.91
CA LEU A 214 8.01 5.08 -15.69
C LEU A 214 7.54 3.64 -15.69
N TYR A 215 7.24 3.12 -14.52
CA TYR A 215 6.82 1.73 -14.41
C TYR A 215 5.55 1.40 -15.22
N GLN A 216 4.59 2.32 -15.23
CA GLN A 216 3.34 2.12 -16.00
C GLN A 216 3.59 1.88 -17.49
N GLN A 217 4.61 2.52 -18.04
CA GLN A 217 4.97 2.34 -19.45
C GLN A 217 5.66 0.99 -19.69
N LEU A 218 6.33 0.48 -18.65
CA LEU A 218 7.14 -0.72 -18.75
C LEU A 218 6.38 -1.99 -18.42
N GLU A 219 5.36 -1.87 -17.56
CA GLU A 219 4.61 -3.03 -17.09
C GLU A 219 4.04 -3.94 -18.19
N PRO A 220 3.46 -3.37 -19.29
CA PRO A 220 2.95 -4.24 -20.35
C PRO A 220 4.04 -5.13 -20.97
N LEU A 221 5.26 -4.63 -21.07
CA LEU A 221 6.37 -5.43 -21.58
C LEU A 221 6.65 -6.61 -20.64
N TYR A 222 6.64 -6.34 -19.33
CA TYR A 222 6.83 -7.40 -18.35
C TYR A 222 5.72 -8.43 -18.38
N LEU A 223 4.47 -7.97 -18.42
CA LEU A 223 3.33 -8.88 -18.41
C LEU A 223 3.38 -9.87 -19.57
N ASN A 224 3.75 -9.37 -20.75
CA ASN A 224 3.86 -10.23 -21.94
C ASN A 224 5.04 -11.21 -21.87
N LEU A 225 6.18 -10.74 -21.38
CA LEU A 225 7.33 -11.64 -21.14
C LEU A 225 6.97 -12.74 -20.14
N HIS A 226 6.33 -12.32 -19.04
CA HIS A 226 5.90 -13.20 -17.96
C HIS A 226 4.99 -14.32 -18.50
N ALA A 227 3.98 -13.95 -19.26
CA ALA A 227 3.03 -14.92 -19.83
C ALA A 227 3.72 -15.94 -20.75
N PHE A 228 4.61 -15.44 -21.61
CA PHE A 228 5.35 -16.29 -22.55
C PHE A 228 6.23 -17.26 -21.78
N VAL A 229 6.95 -16.76 -20.78
CA VAL A 229 7.82 -17.58 -19.95
C VAL A 229 7.02 -18.61 -19.17
N ARG A 230 5.89 -18.20 -18.60
CA ARG A 230 5.06 -19.11 -17.83
C ARG A 230 4.62 -20.30 -18.69
N ARG A 231 4.21 -20.04 -19.92
CA ARG A 231 3.83 -21.09 -20.88
C ARG A 231 5.00 -22.04 -21.15
N ALA A 232 6.20 -21.50 -21.30
CA ALA A 232 7.40 -22.31 -21.55
C ALA A 232 7.70 -23.23 -20.36
N LEU A 233 7.53 -22.70 -19.14
CA LEU A 233 7.70 -23.48 -17.91
C LEU A 233 6.65 -24.56 -17.75
N HIS A 234 5.43 -24.26 -18.17
CA HIS A 234 4.31 -25.20 -18.11
C HIS A 234 4.58 -26.42 -19.00
N ARG A 235 5.17 -26.16 -20.16
CA ARG A 235 5.52 -27.23 -21.13
C ARG A 235 6.57 -28.19 -20.58
N ARG A 236 7.30 -27.78 -19.55
CA ARG A 236 8.33 -28.65 -18.99
C ARG A 236 8.05 -29.19 -17.58
N TYR A 237 7.39 -28.39 -16.74
CA TYR A 237 7.10 -28.77 -15.36
C TYR A 237 5.73 -29.39 -15.18
N GLY A 238 4.79 -29.06 -16.07
CA GLY A 238 3.46 -29.65 -16.06
C GLY A 238 2.39 -28.83 -15.36
N ASP A 239 1.14 -29.28 -15.53
CA ASP A 239 -0.06 -28.59 -15.04
C ASP A 239 -0.17 -28.59 -13.51
N ARG A 240 0.61 -29.43 -12.85
CA ARG A 240 0.58 -29.52 -11.39
C ARG A 240 1.41 -28.40 -10.75
N TYR A 241 2.60 -28.16 -11.29
CA TYR A 241 3.51 -27.16 -10.73
C TYR A 241 3.38 -25.76 -11.34
N ILE A 242 2.75 -25.66 -12.50
CA ILE A 242 2.57 -24.36 -13.16
C ILE A 242 1.08 -24.06 -13.41
N ASN A 243 0.63 -22.91 -12.93
CA ASN A 243 -0.74 -22.44 -13.17
C ASN A 243 -0.69 -21.35 -14.24
N LEU A 244 -1.22 -21.68 -15.42
CA LEU A 244 -1.22 -20.76 -16.56
C LEU A 244 -2.01 -19.46 -16.32
N ARG A 245 -2.75 -19.40 -15.23
CA ARG A 245 -3.47 -18.18 -14.86
C ARG A 245 -3.06 -17.68 -13.48
N GLY A 246 -1.99 -18.25 -12.93
CA GLY A 246 -1.50 -17.90 -11.61
C GLY A 246 -0.06 -17.40 -11.62
N PRO A 247 0.46 -17.00 -10.44
CA PRO A 247 1.84 -16.54 -10.35
C PRO A 247 2.80 -17.70 -10.58
N ILE A 248 4.02 -17.39 -11.01
CA ILE A 248 5.02 -18.43 -11.23
C ILE A 248 5.73 -18.75 -9.91
N PRO A 249 5.91 -20.04 -9.58
CA PRO A 249 6.68 -20.37 -8.38
C PRO A 249 8.07 -19.72 -8.42
N ALA A 250 8.46 -19.10 -7.31
CA ALA A 250 9.63 -18.18 -7.28
C ALA A 250 10.99 -18.84 -7.53
N HIS A 251 11.06 -20.16 -7.49
CA HIS A 251 12.34 -20.86 -7.59
C HIS A 251 12.68 -21.39 -9.00
N LEU A 252 11.79 -21.18 -9.97
CA LEU A 252 11.92 -21.79 -11.30
C LEU A 252 12.51 -20.89 -12.41
N LEU A 253 12.98 -19.70 -12.06
CA LEU A 253 13.35 -18.72 -13.07
C LEU A 253 14.87 -18.54 -13.27
N GLY A 254 15.65 -19.42 -12.66
CA GLY A 254 17.10 -19.48 -12.90
C GLY A 254 17.97 -18.74 -11.90
N ASP A 255 17.33 -18.09 -10.94
CA ASP A 255 17.97 -17.12 -10.05
C ASP A 255 17.27 -17.16 -8.68
N MET A 256 18.05 -17.06 -7.61
CA MET A 256 17.55 -17.18 -6.24
C MET A 256 16.39 -16.22 -5.94
N TRP A 257 16.43 -15.04 -6.56
CA TRP A 257 15.44 -13.98 -6.30
C TRP A 257 14.52 -13.74 -7.49
N ALA A 258 14.65 -14.60 -8.50
CA ALA A 258 13.90 -14.46 -9.76
C ALA A 258 14.07 -13.08 -10.39
N GLN A 259 15.25 -12.48 -10.20
CA GLN A 259 15.46 -11.10 -10.61
C GLN A 259 16.06 -10.99 -12.01
N SER A 260 16.67 -12.08 -12.47
CA SER A 260 17.14 -12.18 -13.84
C SER A 260 16.77 -13.58 -14.32
N TRP A 261 16.20 -13.67 -15.52
CA TRP A 261 15.75 -14.96 -16.02
C TRP A 261 16.65 -15.55 -17.13
N GLU A 262 17.84 -15.01 -17.30
CA GLU A 262 18.72 -15.46 -18.40
C GLU A 262 19.05 -16.95 -18.38
N ASN A 263 19.09 -17.54 -17.18
CA ASN A 263 19.41 -18.96 -17.03
C ASN A 263 18.41 -19.94 -17.62
N ILE A 264 17.17 -19.49 -17.84
CA ILE A 264 16.18 -20.35 -18.47
C ILE A 264 16.00 -20.04 -19.97
N TYR A 265 16.96 -19.34 -20.53
CA TYR A 265 16.94 -18.98 -21.97
C TYR A 265 16.70 -20.16 -22.92
N ASP A 266 17.35 -21.29 -22.65
CA ASP A 266 17.22 -22.47 -23.52
C ASP A 266 15.78 -23.01 -23.55
N MET A 267 15.01 -22.73 -22.50
CA MET A 267 13.61 -23.17 -22.43
C MET A 267 12.66 -22.22 -23.16
N VAL A 268 13.07 -20.97 -23.34
CA VAL A 268 12.18 -19.95 -23.89
C VAL A 268 12.57 -19.47 -25.30
N VAL A 269 13.80 -19.77 -25.72
CA VAL A 269 14.31 -19.36 -27.03
C VAL A 269 13.35 -19.80 -28.17
N PRO A 270 12.76 -18.83 -28.88
CA PRO A 270 11.77 -19.18 -29.92
C PRO A 270 12.34 -19.89 -31.14
N PHE A 271 13.57 -19.59 -31.52
CA PHE A 271 14.16 -20.21 -32.71
C PHE A 271 15.51 -20.90 -32.42
N PRO A 272 15.46 -22.09 -31.79
CA PRO A 272 16.65 -22.86 -31.39
C PRO A 272 17.61 -23.23 -32.52
N ASP A 273 17.11 -23.33 -33.75
CA ASP A 273 17.95 -23.70 -34.91
C ASP A 273 18.94 -22.59 -35.31
N LYS A 274 18.72 -21.38 -34.79
CA LYS A 274 19.65 -20.27 -35.00
C LYS A 274 20.82 -20.42 -34.03
N PRO A 275 21.93 -19.68 -34.27
CA PRO A 275 23.10 -19.73 -33.39
C PRO A 275 22.77 -19.46 -31.92
N ASN A 276 23.40 -20.22 -31.03
CA ASN A 276 23.17 -20.11 -29.60
C ASN A 276 23.81 -18.84 -29.04
N LEU A 277 22.97 -17.92 -28.59
CA LEU A 277 23.40 -16.62 -28.11
C LEU A 277 23.93 -16.66 -26.68
N ASP A 278 23.57 -17.70 -25.95
CA ASP A 278 24.18 -17.95 -24.66
C ASP A 278 25.56 -18.57 -24.89
N VAL A 279 26.56 -17.77 -24.59
CA VAL A 279 27.94 -18.02 -24.95
C VAL A 279 28.71 -18.80 -23.87
N THR A 280 28.02 -19.10 -22.76
CA THR A 280 28.62 -19.78 -21.59
C THR A 280 29.35 -21.08 -21.93
N SER A 281 28.69 -21.98 -22.65
CA SER A 281 29.30 -23.27 -22.98
C SER A 281 30.56 -23.12 -23.83
N THR A 282 30.59 -22.09 -24.68
CA THR A 282 31.76 -21.76 -25.50
C THR A 282 32.92 -21.21 -24.65
N MET A 283 32.59 -20.41 -23.64
CA MET A 283 33.60 -19.90 -22.70
C MET A 283 34.29 -21.04 -21.95
N LEU A 284 33.47 -22.01 -21.49
CA LEU A 284 33.97 -23.22 -20.82
C LEU A 284 34.84 -24.08 -21.74
N GLN A 285 34.32 -24.37 -22.94
CA GLN A 285 35.06 -25.13 -23.95
C GLN A 285 36.41 -24.49 -24.31
N GLN A 286 36.42 -23.15 -24.42
CA GLN A 286 37.66 -22.41 -24.71
C GLN A 286 38.58 -22.27 -23.50
N GLY A 287 38.05 -22.51 -22.31
CA GLY A 287 38.86 -22.43 -21.08
C GLY A 287 39.09 -21.03 -20.54
N TRP A 288 38.09 -20.17 -20.68
CA TRP A 288 38.14 -18.83 -20.07
C TRP A 288 38.26 -18.93 -18.56
N GLN A 289 39.04 -18.03 -17.97
CA GLN A 289 39.13 -17.88 -16.53
C GLN A 289 38.84 -16.43 -16.16
N ALA A 290 38.71 -16.17 -14.86
CA ALA A 290 38.39 -14.83 -14.35
C ALA A 290 39.33 -13.79 -14.95
N THR A 291 40.61 -14.11 -14.95
CA THR A 291 41.64 -13.22 -15.49
C THR A 291 41.33 -12.79 -16.93
N HIS A 292 40.94 -13.74 -17.78
CA HIS A 292 40.60 -13.43 -19.17
C HIS A 292 39.42 -12.46 -19.23
N MET A 293 38.40 -12.76 -18.42
CA MET A 293 37.18 -11.95 -18.36
C MET A 293 37.46 -10.49 -18.01
N PHE A 294 38.28 -10.26 -16.99
CA PHE A 294 38.64 -8.90 -16.59
C PHE A 294 39.52 -8.19 -17.62
N ARG A 295 40.42 -8.94 -18.26
CA ARG A 295 41.27 -8.35 -19.31
C ARG A 295 40.47 -7.97 -20.55
N VAL A 296 39.50 -8.81 -20.92
CA VAL A 296 38.66 -8.53 -22.08
C VAL A 296 37.78 -7.30 -21.83
N ALA A 297 37.26 -7.20 -20.61
CA ALA A 297 36.48 -6.04 -20.17
C ALA A 297 37.32 -4.77 -20.22
N GLU A 298 38.54 -4.86 -19.68
CA GLU A 298 39.48 -3.73 -19.70
C GLU A 298 39.76 -3.22 -21.11
N GLU A 299 39.92 -4.14 -22.05
CA GLU A 299 40.27 -3.76 -23.42
C GLU A 299 39.13 -2.98 -24.10
N PHE A 300 37.88 -3.30 -23.77
CA PHE A 300 36.73 -2.53 -24.28
C PHE A 300 36.85 -1.07 -23.82
N PHE A 301 37.12 -0.87 -22.52
CA PHE A 301 37.27 0.48 -21.97
C PHE A 301 38.40 1.24 -22.66
N THR A 302 39.53 0.59 -22.89
CA THR A 302 40.67 1.25 -23.54
C THR A 302 40.42 1.51 -25.04
N SER A 303 39.57 0.70 -25.66
CA SER A 303 39.20 0.90 -27.07
C SER A 303 38.49 2.24 -27.25
N LEU A 304 37.81 2.67 -26.18
CA LEU A 304 37.10 3.95 -26.15
C LEU A 304 38.02 5.09 -25.71
N GLU A 305 39.30 4.79 -25.52
CA GLU A 305 40.28 5.72 -24.95
C GLU A 305 39.90 6.17 -23.54
N LEU A 306 39.31 5.26 -22.77
CA LEU A 306 39.17 5.47 -21.33
C LEU A 306 40.38 4.81 -20.65
N SER A 307 40.47 4.90 -19.33
CA SER A 307 41.67 4.48 -18.62
C SER A 307 41.77 2.97 -18.46
N PRO A 308 42.98 2.41 -18.61
CA PRO A 308 43.19 1.00 -18.26
C PRO A 308 43.16 0.85 -16.75
N MET A 309 43.09 -0.39 -16.27
CA MET A 309 43.16 -0.63 -14.84
C MET A 309 44.61 -0.40 -14.40
N PRO A 310 44.81 0.33 -13.29
CA PRO A 310 46.19 0.61 -12.85
C PRO A 310 46.85 -0.62 -12.19
N PRO A 311 48.20 -0.62 -12.06
CA PRO A 311 48.91 -1.72 -11.39
C PRO A 311 48.31 -2.07 -10.03
N GLU A 312 47.99 -1.03 -9.24
CA GLU A 312 47.39 -1.19 -7.91
C GLU A 312 46.09 -2.00 -7.92
N PHE A 313 45.31 -1.86 -8.99
CA PHE A 313 44.09 -2.66 -9.18
C PHE A 313 44.39 -4.14 -9.33
N TRP A 314 45.35 -4.48 -10.21
CA TRP A 314 45.66 -5.89 -10.47
C TRP A 314 46.29 -6.58 -9.27
N GLU A 315 47.11 -5.85 -8.52
CA GLU A 315 47.77 -6.40 -7.35
C GLU A 315 46.83 -6.53 -6.15
N GLY A 316 45.86 -5.63 -6.06
CA GLY A 316 44.98 -5.55 -4.88
C GLY A 316 43.64 -6.27 -4.95
N SER A 317 43.10 -6.44 -6.15
CA SER A 317 41.76 -6.98 -6.32
C SER A 317 41.66 -8.48 -6.01
N MET A 318 40.47 -8.90 -5.59
CA MET A 318 40.16 -10.31 -5.40
C MET A 318 39.20 -10.73 -6.50
N LEU A 319 39.70 -11.54 -7.45
CA LEU A 319 38.94 -11.82 -8.67
C LEU A 319 38.38 -13.24 -8.74
N GLU A 320 38.74 -14.06 -7.77
CA GLU A 320 38.16 -15.40 -7.60
C GLU A 320 37.90 -15.61 -6.13
N LYS A 321 36.95 -16.47 -5.80
CA LYS A 321 36.76 -16.93 -4.43
C LYS A 321 38.04 -17.65 -3.98
N PRO A 322 38.68 -17.17 -2.88
CA PRO A 322 39.94 -17.73 -2.40
C PRO A 322 39.92 -19.24 -2.17
N ALA A 323 41.02 -19.90 -2.53
CA ALA A 323 41.13 -21.34 -2.49
C ALA A 323 41.48 -21.87 -1.10
N ASP A 324 42.07 -21.02 -0.26
CA ASP A 324 42.41 -21.40 1.12
C ASP A 324 41.17 -21.46 2.01
N GLY A 325 41.36 -21.55 3.31
CA GLY A 325 40.26 -21.62 4.26
C GLY A 325 39.74 -20.25 4.68
N ARG A 326 39.44 -19.42 3.70
CA ARG A 326 38.96 -18.06 3.96
C ARG A 326 37.48 -17.92 3.67
N GLU A 327 36.75 -17.35 4.61
CA GLU A 327 35.39 -16.93 4.35
C GLU A 327 35.41 -15.46 3.90
N VAL A 328 34.74 -15.20 2.78
CA VAL A 328 34.68 -13.87 2.18
C VAL A 328 33.24 -13.46 1.90
N VAL A 329 33.01 -12.16 1.72
CA VAL A 329 31.75 -11.66 1.18
C VAL A 329 31.81 -11.90 -0.32
N CYS A 330 30.98 -12.79 -0.84
CA CYS A 330 31.07 -13.11 -2.26
C CYS A 330 30.33 -12.16 -3.20
N HIS A 331 29.40 -11.37 -2.68
CA HIS A 331 28.69 -10.41 -3.52
C HIS A 331 29.69 -9.44 -4.15
N ALA A 332 29.61 -9.31 -5.47
CA ALA A 332 30.52 -8.46 -6.24
C ALA A 332 30.45 -7.02 -5.76
N SER A 333 31.62 -6.38 -5.69
CA SER A 333 31.70 -4.98 -5.30
C SER A 333 32.94 -4.29 -5.86
N ALA A 334 32.84 -2.97 -6.00
CA ALA A 334 33.94 -2.14 -6.47
C ALA A 334 34.30 -1.15 -5.37
N TRP A 335 35.60 -0.86 -5.23
CA TRP A 335 36.11 -0.17 -4.06
C TRP A 335 37.00 1.02 -4.44
N ASP A 336 36.63 2.19 -3.96
CA ASP A 336 37.45 3.40 -4.08
C ASP A 336 37.99 3.67 -2.69
N PHE A 337 39.31 3.71 -2.56
CA PHE A 337 39.95 3.91 -1.27
C PHE A 337 40.14 5.38 -0.92
N TYR A 338 39.73 6.26 -1.85
CA TYR A 338 39.80 7.71 -1.67
C TYR A 338 41.23 8.23 -1.44
N ASN A 339 42.21 7.53 -1.99
CA ASN A 339 43.59 8.00 -1.93
C ASN A 339 44.16 8.29 -3.32
N ARG A 340 43.28 8.25 -4.32
CA ARG A 340 43.63 8.50 -5.73
C ARG A 340 44.58 7.46 -6.34
N LYS A 341 44.85 6.39 -5.59
CA LYS A 341 45.81 5.36 -6.00
C LYS A 341 45.21 3.95 -6.02
N ASP A 342 44.45 3.63 -4.97
CA ASP A 342 43.93 2.28 -4.80
C ASP A 342 42.46 2.15 -5.18
N PHE A 343 42.20 1.22 -6.08
CA PHE A 343 40.87 0.92 -6.59
C PHE A 343 40.85 -0.58 -6.82
N ARG A 344 39.82 -1.25 -6.30
CA ARG A 344 39.79 -2.71 -6.32
C ARG A 344 38.41 -3.25 -6.59
N ILE A 345 38.37 -4.42 -7.22
CA ILE A 345 37.12 -5.19 -7.33
C ILE A 345 37.26 -6.45 -6.46
N LYS A 346 36.17 -6.82 -5.79
CA LYS A 346 36.10 -8.09 -5.09
C LYS A 346 34.91 -8.85 -5.67
N GLN A 347 35.20 -9.89 -6.46
CA GLN A 347 34.18 -10.69 -7.11
C GLN A 347 34.58 -12.17 -7.11
N CYS A 348 33.66 -13.02 -6.67
CA CYS A 348 33.89 -14.47 -6.72
C CYS A 348 33.51 -14.96 -8.13
N THR A 349 34.34 -14.59 -9.10
CA THR A 349 34.04 -14.73 -10.52
C THR A 349 33.87 -16.18 -10.95
N ARG A 350 32.78 -16.43 -11.66
CA ARG A 350 32.49 -17.72 -12.25
C ARG A 350 32.48 -17.57 -13.77
N VAL A 351 32.89 -18.63 -14.48
CA VAL A 351 33.01 -18.59 -15.93
C VAL A 351 31.64 -18.77 -16.59
N THR A 352 31.03 -17.65 -16.92
CA THR A 352 29.64 -17.58 -17.29
C THR A 352 29.44 -16.30 -18.14
N MET A 353 28.50 -16.33 -19.08
CA MET A 353 28.18 -15.14 -19.88
C MET A 353 27.63 -13.99 -19.03
N ASP A 354 26.73 -14.28 -18.10
CA ASP A 354 26.17 -13.24 -17.22
C ASP A 354 27.22 -12.65 -16.27
N GLN A 355 28.17 -13.49 -15.84
CA GLN A 355 29.30 -13.03 -15.03
C GLN A 355 30.23 -12.12 -15.83
N LEU A 356 30.36 -12.38 -17.13
CA LEU A 356 31.09 -11.48 -18.02
C LEU A 356 30.41 -10.10 -18.02
N SER A 357 29.09 -10.07 -18.05
CA SER A 357 28.33 -8.81 -17.91
C SER A 357 28.59 -8.15 -16.56
N THR A 358 28.62 -8.95 -15.49
CA THR A 358 28.89 -8.46 -14.14
C THR A 358 30.31 -7.90 -14.00
N VAL A 359 31.28 -8.52 -14.68
CA VAL A 359 32.65 -7.98 -14.70
C VAL A 359 32.66 -6.57 -15.29
N HIS A 360 31.95 -6.38 -16.41
CA HIS A 360 31.81 -5.06 -17.03
C HIS A 360 31.14 -4.06 -16.10
N HIS A 361 30.09 -4.51 -15.40
CA HIS A 361 29.39 -3.70 -14.42
C HIS A 361 30.35 -3.16 -13.34
N GLU A 362 31.15 -4.06 -12.74
CA GLU A 362 32.09 -3.65 -11.70
C GLU A 362 33.20 -2.74 -12.23
N MET A 363 33.66 -3.02 -13.45
CA MET A 363 34.72 -2.21 -14.05
C MET A 363 34.22 -0.81 -14.41
N GLY A 364 32.91 -0.69 -14.64
CA GLY A 364 32.26 0.61 -14.83
C GLY A 364 32.37 1.49 -13.60
N HIS A 365 32.22 0.90 -12.42
CA HIS A 365 32.40 1.61 -11.16
C HIS A 365 33.86 2.09 -11.03
N ILE A 366 34.80 1.18 -11.26
CA ILE A 366 36.22 1.53 -11.23
C ILE A 366 36.55 2.69 -12.20
N GLN A 367 36.05 2.59 -13.43
CA GLN A 367 36.32 3.62 -14.44
C GLN A 367 35.83 4.99 -13.96
N TYR A 368 34.63 5.02 -13.36
CA TYR A 368 34.10 6.23 -12.75
C TYR A 368 35.10 6.79 -11.72
N TYR A 369 35.57 5.94 -10.80
CA TYR A 369 36.57 6.34 -9.79
C TYR A 369 37.84 6.89 -10.43
N LEU A 370 38.31 6.25 -11.50
CA LEU A 370 39.55 6.68 -12.16
C LEU A 370 39.37 8.05 -12.80
N GLN A 371 38.17 8.32 -13.30
CA GLN A 371 37.89 9.58 -13.99
C GLN A 371 37.68 10.79 -13.05
N TYR A 372 37.09 10.56 -11.88
CA TYR A 372 36.87 11.69 -10.95
C TYR A 372 37.81 11.76 -9.75
N LYS A 373 38.93 11.04 -9.83
CA LYS A 373 39.86 10.93 -8.69
C LYS A 373 40.55 12.24 -8.30
N ASP A 374 40.61 13.20 -9.23
CA ASP A 374 41.28 14.47 -8.93
C ASP A 374 40.33 15.56 -8.41
N LEU A 375 39.04 15.23 -8.32
CA LEU A 375 38.06 16.15 -7.73
C LEU A 375 38.15 16.14 -6.20
N PRO A 376 37.70 17.22 -5.55
CA PRO A 376 37.52 17.24 -4.10
C PRO A 376 36.61 16.09 -3.67
N VAL A 377 36.93 15.49 -2.53
CA VAL A 377 36.38 14.19 -2.14
C VAL A 377 34.85 14.07 -2.12
N SER A 378 34.16 15.17 -1.80
CA SER A 378 32.69 15.17 -1.76
C SER A 378 32.05 15.08 -3.15
N LEU A 379 32.83 15.36 -4.19
CA LEU A 379 32.34 15.28 -5.56
C LEU A 379 32.68 13.93 -6.22
N ARG A 380 33.25 13.02 -5.44
CA ARG A 380 33.67 11.71 -5.94
C ARG A 380 32.56 10.68 -5.80
N ARG A 381 31.45 10.96 -6.47
CA ARG A 381 30.33 10.02 -6.57
C ARG A 381 29.69 10.22 -7.94
N GLY A 382 28.73 9.37 -8.30
CA GLY A 382 28.01 9.53 -9.56
C GLY A 382 27.12 10.76 -9.52
N ALA A 383 26.68 11.23 -10.69
CA ALA A 383 25.75 12.35 -10.77
C ALA A 383 24.49 12.06 -9.93
N ASN A 384 24.01 10.81 -10.02
CA ASN A 384 23.19 10.21 -8.97
C ASN A 384 23.57 8.73 -8.86
N PRO A 385 23.13 8.03 -7.81
CA PRO A 385 23.52 6.61 -7.69
C PRO A 385 23.18 5.76 -8.92
N GLY A 386 22.11 6.10 -9.63
CA GLY A 386 21.71 5.42 -10.87
C GLY A 386 22.77 5.50 -11.98
N PHE A 387 23.44 6.65 -12.08
CA PHE A 387 24.53 6.83 -13.05
C PHE A 387 25.65 5.83 -12.84
N HIS A 388 26.09 5.69 -11.58
CA HIS A 388 27.19 4.78 -11.24
C HIS A 388 26.87 3.34 -11.65
N GLU A 389 25.61 2.96 -11.46
CA GLU A 389 25.14 1.61 -11.77
C GLU A 389 24.95 1.36 -13.28
N ALA A 390 24.87 2.43 -14.06
CA ALA A 390 24.60 2.30 -15.49
C ALA A 390 25.85 2.15 -16.37
N ILE A 391 26.99 2.64 -15.89
CA ILE A 391 28.18 2.78 -16.75
C ILE A 391 28.60 1.47 -17.40
N GLY A 392 28.85 0.45 -16.57
CA GLY A 392 29.33 -0.84 -17.07
C GLY A 392 28.26 -1.57 -17.86
N ASP A 393 27.02 -1.41 -17.43
CA ASP A 393 25.87 -1.98 -18.13
C ASP A 393 25.73 -1.46 -19.56
N VAL A 394 25.98 -0.16 -19.77
CA VAL A 394 25.96 0.44 -21.11
CA VAL A 394 25.90 0.38 -21.12
C VAL A 394 26.95 -0.27 -22.04
N LEU A 395 28.16 -0.48 -21.55
CA LEU A 395 29.19 -1.16 -22.33
C LEU A 395 28.85 -2.63 -22.57
N ALA A 396 28.25 -3.28 -21.58
CA ALA A 396 27.86 -4.68 -21.70
C ALA A 396 26.76 -4.89 -22.73
N LEU A 397 25.98 -3.84 -23.00
CA LEU A 397 24.98 -3.87 -24.08
C LEU A 397 25.64 -4.01 -25.45
N SER A 398 26.78 -3.35 -25.64
CA SER A 398 27.58 -3.50 -26.85
C SER A 398 28.27 -4.86 -26.89
N VAL A 399 28.78 -5.30 -25.75
CA VAL A 399 29.52 -6.56 -25.67
C VAL A 399 28.66 -7.77 -26.03
N SER A 400 27.40 -7.77 -25.58
CA SER A 400 26.52 -8.92 -25.76
C SER A 400 25.91 -9.07 -27.17
N THR A 401 26.07 -8.07 -28.02
CA THR A 401 25.59 -8.19 -29.41
C THR A 401 26.30 -9.35 -30.12
N PRO A 402 25.55 -10.12 -30.93
CA PRO A 402 26.16 -11.22 -31.68
C PRO A 402 27.40 -10.80 -32.49
N GLU A 403 27.36 -9.59 -33.05
CA GLU A 403 28.46 -9.07 -33.85
C GLU A 403 29.72 -8.89 -32.98
N HIS A 404 29.55 -8.29 -31.80
CA HIS A 404 30.69 -8.16 -30.90
C HIS A 404 31.20 -9.51 -30.39
N LEU A 405 30.28 -10.39 -30.01
CA LEU A 405 30.65 -11.75 -29.58
C LEU A 405 31.48 -12.46 -30.65
N HIS A 406 31.12 -12.25 -31.92
CA HIS A 406 31.89 -12.80 -33.04
C HIS A 406 33.32 -12.24 -33.05
N LYS A 407 33.46 -10.93 -32.80
CA LYS A 407 34.77 -10.27 -32.76
C LYS A 407 35.70 -10.80 -31.69
N ILE A 408 35.14 -11.15 -30.53
CA ILE A 408 35.96 -11.67 -29.42
C ILE A 408 36.02 -13.20 -29.41
N GLY A 409 35.57 -13.80 -30.50
CA GLY A 409 35.74 -15.24 -30.75
C GLY A 409 34.80 -16.16 -29.99
N LEU A 410 33.65 -15.64 -29.57
CA LEU A 410 32.70 -16.42 -28.79
C LEU A 410 31.46 -16.89 -29.56
N LEU A 411 31.40 -16.54 -30.85
CA LEU A 411 30.25 -16.91 -31.69
C LEU A 411 30.64 -16.97 -33.17
N ASP A 412 30.11 -17.97 -33.88
CA ASP A 412 30.20 -18.01 -35.35
C ASP A 412 29.34 -16.93 -36.00
N ARG A 413 29.90 -16.29 -37.03
CA ARG A 413 29.24 -15.17 -37.71
C ARG A 413 27.75 -15.50 -37.69
N VAL A 414 26.96 -14.59 -37.13
CA VAL A 414 25.52 -14.78 -37.00
C VAL A 414 24.91 -14.12 -38.23
N THR A 415 23.74 -14.59 -38.63
CA THR A 415 23.00 -13.97 -39.71
C THR A 415 22.25 -12.76 -39.18
N ASN A 416 22.00 -11.79 -40.05
CA ASN A 416 21.23 -10.62 -39.72
C ASN A 416 19.78 -10.80 -40.16
N ASP A 417 19.06 -11.67 -39.46
CA ASP A 417 17.68 -11.98 -39.83
C ASP A 417 16.71 -11.74 -38.69
N THR A 418 15.41 -11.74 -38.99
CA THR A 418 14.39 -11.41 -37.99
C THR A 418 14.34 -12.43 -36.86
N GLU A 419 14.53 -13.71 -37.21
CA GLU A 419 14.54 -14.79 -36.20
C GLU A 419 15.65 -14.59 -35.18
N SER A 420 16.85 -14.26 -35.66
CA SER A 420 18.01 -14.05 -34.81
C SER A 420 17.84 -12.82 -33.93
N ASP A 421 17.22 -11.79 -34.49
CA ASP A 421 16.88 -10.56 -33.75
C ASP A 421 15.91 -10.85 -32.61
N ILE A 422 14.84 -11.60 -32.90
CA ILE A 422 13.89 -11.99 -31.86
C ILE A 422 14.59 -12.80 -30.76
N ASN A 423 15.43 -13.77 -31.14
CA ASN A 423 16.20 -14.55 -30.17
C ASN A 423 17.04 -13.64 -29.27
N TYR A 424 17.73 -12.68 -29.89
CA TYR A 424 18.59 -11.80 -29.13
C TYR A 424 17.83 -10.89 -28.17
N LEU A 425 16.80 -10.22 -28.69
CA LEU A 425 15.96 -9.35 -27.88
C LEU A 425 15.25 -10.10 -26.73
N LEU A 426 14.84 -11.34 -26.98
CA LEU A 426 14.26 -12.15 -25.91
C LEU A 426 15.29 -12.45 -24.83
N LYS A 427 16.50 -12.81 -25.25
CA LYS A 427 17.57 -13.03 -24.30
C LYS A 427 17.77 -11.78 -23.45
N MET A 428 17.86 -10.62 -24.10
CA MET A 428 18.07 -9.35 -23.40
C MET A 428 16.89 -9.01 -22.50
N ALA A 429 15.68 -9.36 -22.92
CA ALA A 429 14.48 -9.12 -22.13
C ALA A 429 14.50 -9.93 -20.82
N LEU A 430 14.97 -11.18 -20.90
CA LEU A 430 15.11 -12.02 -19.71
C LEU A 430 16.03 -11.40 -18.66
N GLU A 431 16.99 -10.62 -19.12
CA GLU A 431 17.99 -9.99 -18.28
C GLU A 431 17.57 -8.58 -17.82
N LYS A 432 16.92 -7.83 -18.71
CA LYS A 432 16.63 -6.42 -18.46
C LYS A 432 15.18 -6.17 -18.07
N ILE A 433 14.24 -6.70 -18.86
CA ILE A 433 12.81 -6.55 -18.58
C ILE A 433 12.36 -7.32 -17.34
N ALA A 434 12.79 -8.57 -17.22
CA ALA A 434 12.46 -9.40 -16.07
C ALA A 434 12.86 -8.74 -14.75
N PHE A 435 13.96 -7.99 -14.77
CA PHE A 435 14.47 -7.33 -13.57
C PHE A 435 13.64 -6.16 -13.08
N LEU A 436 13.04 -5.41 -14.01
CA LEU A 436 12.37 -4.14 -13.69
C LEU A 436 11.43 -4.17 -12.47
N PRO A 437 10.50 -5.15 -12.40
CA PRO A 437 9.60 -5.21 -11.24
C PRO A 437 10.33 -5.38 -9.91
N PHE A 438 11.38 -6.21 -9.90
CA PHE A 438 12.14 -6.47 -8.67
C PHE A 438 12.90 -5.22 -8.26
N GLY A 439 13.56 -4.59 -9.24
CA GLY A 439 14.28 -3.34 -9.01
C GLY A 439 13.38 -2.27 -8.42
N TYR A 440 12.11 -2.27 -8.80
CA TYR A 440 11.14 -1.28 -8.32
C TYR A 440 10.64 -1.63 -6.91
N LEU A 441 10.34 -2.91 -6.68
CA LEU A 441 9.71 -3.31 -5.42
C LEU A 441 10.59 -3.27 -4.16
N VAL A 442 11.87 -3.58 -4.29
CA VAL A 442 12.73 -3.74 -3.10
C VAL A 442 12.73 -2.53 -2.18
N ASP A 443 12.94 -1.34 -2.74
CA ASP A 443 12.91 -0.14 -1.92
C ASP A 443 11.50 0.37 -1.60
N GLN A 444 10.49 -0.09 -2.34
CA GLN A 444 9.10 0.14 -1.91
C GLN A 444 8.86 -0.57 -0.58
N TRP A 445 9.26 -1.84 -0.50
CA TRP A 445 9.25 -2.58 0.76
C TRP A 445 10.02 -1.83 1.84
N ARG A 446 11.26 -1.47 1.53
CA ARG A 446 12.14 -0.86 2.51
C ARG A 446 11.67 0.53 2.96
N TRP A 447 11.18 1.34 2.02
CA TRP A 447 10.61 2.63 2.38
C TRP A 447 9.42 2.45 3.34
N GLY A 448 8.61 1.43 3.10
CA GLY A 448 7.48 1.10 3.98
C GLY A 448 7.93 0.72 5.38
N VAL A 449 9.05 0.00 5.46
CA VAL A 449 9.61 -0.41 6.75
C VAL A 449 10.14 0.80 7.53
N PHE A 450 10.92 1.65 6.85
CA PHE A 450 11.45 2.87 7.47
C PHE A 450 10.36 3.83 7.90
N SER A 451 9.29 3.93 7.11
CA SER A 451 8.18 4.85 7.42
C SER A 451 7.30 4.32 8.54
N GLY A 452 7.39 3.03 8.81
CA GLY A 452 6.56 2.39 9.83
C GLY A 452 5.24 1.86 9.31
N ARG A 453 4.99 2.04 8.00
CA ARG A 453 3.81 1.44 7.37
C ARG A 453 3.89 -0.10 7.49
N THR A 454 5.11 -0.62 7.49
CA THR A 454 5.37 -2.05 7.64
C THR A 454 6.16 -2.35 8.92
N PRO A 455 5.44 -2.69 10.01
CA PRO A 455 6.10 -3.08 11.26
C PRO A 455 6.66 -4.51 11.16
N PRO A 456 7.53 -4.91 12.11
CA PRO A 456 8.09 -6.27 12.10
C PRO A 456 7.05 -7.37 11.92
N SER A 457 5.83 -7.13 12.42
CA SER A 457 4.74 -8.10 12.32
C SER A 457 4.22 -8.31 10.88
N ARG A 458 4.60 -7.43 9.95
CA ARG A 458 4.19 -7.56 8.55
C ARG A 458 5.35 -7.58 7.55
N TYR A 459 6.58 -7.75 8.03
CA TYR A 459 7.75 -7.81 7.15
C TYR A 459 7.54 -8.73 5.96
N ASN A 460 7.20 -10.00 6.22
CA ASN A 460 7.10 -10.99 5.17
C ASN A 460 5.77 -10.89 4.40
N PHE A 461 4.71 -10.58 5.13
CA PHE A 461 3.39 -10.34 4.53
C PHE A 461 3.48 -9.27 3.44
N ASP A 462 4.09 -8.14 3.76
CA ASP A 462 4.25 -7.04 2.81
C ASP A 462 5.28 -7.32 1.71
N TRP A 463 6.33 -8.08 2.03
CA TRP A 463 7.32 -8.51 1.03
C TRP A 463 6.64 -9.31 -0.08
N TRP A 464 5.92 -10.35 0.32
CA TRP A 464 5.26 -11.23 -0.65
C TRP A 464 4.08 -10.55 -1.35
N TYR A 465 3.47 -9.57 -0.69
CA TYR A 465 2.44 -8.77 -1.36
C TYR A 465 3.06 -8.11 -2.59
N LEU A 466 4.22 -7.48 -2.38
CA LEU A 466 4.90 -6.74 -3.45
C LEU A 466 5.47 -7.68 -4.51
N ARG A 467 5.98 -8.83 -4.09
CA ARG A 467 6.57 -9.79 -5.01
C ARG A 467 5.52 -10.34 -5.97
N THR A 468 4.34 -10.64 -5.42
CA THR A 468 3.21 -11.07 -6.23
C THR A 468 2.68 -9.91 -7.11
N LYS A 469 2.46 -8.74 -6.50
CA LYS A 469 1.91 -7.59 -7.22
C LYS A 469 2.73 -7.22 -8.45
N TYR A 470 4.05 -7.15 -8.28
CA TYR A 470 4.94 -6.70 -9.33
C TYR A 470 5.51 -7.82 -10.22
N GLN A 471 6.13 -8.82 -9.60
CA GLN A 471 6.80 -9.90 -10.33
C GLN A 471 5.86 -11.03 -10.77
N GLY A 472 4.68 -11.13 -10.15
CA GLY A 472 3.78 -12.24 -10.47
C GLY A 472 4.39 -13.59 -10.16
N ILE A 473 5.07 -13.66 -9.02
CA ILE A 473 5.60 -14.91 -8.49
C ILE A 473 5.01 -15.22 -7.11
N CYS A 474 5.11 -16.49 -6.70
CA CYS A 474 4.62 -16.93 -5.40
C CYS A 474 5.66 -17.82 -4.74
N PRO A 475 5.69 -17.85 -3.39
CA PRO A 475 6.65 -18.75 -2.74
C PRO A 475 6.24 -20.21 -2.98
N PRO A 476 7.22 -21.09 -3.22
CA PRO A 476 6.92 -22.50 -3.50
C PRO A 476 6.58 -23.30 -2.23
N VAL A 477 6.89 -22.75 -1.06
CA VAL A 477 6.46 -23.33 0.22
C VAL A 477 5.79 -22.22 1.04
N THR A 478 4.97 -22.64 2.01
CA THR A 478 4.29 -21.72 2.91
C THR A 478 5.31 -20.90 3.68
N ARG A 479 5.07 -19.59 3.76
CA ARG A 479 5.87 -18.70 4.59
C ARG A 479 4.98 -18.10 5.67
N ASN A 480 5.59 -17.74 6.79
CA ASN A 480 4.93 -17.00 7.87
C ASN A 480 5.86 -15.92 8.41
N GLU A 481 5.48 -15.23 9.48
CA GLU A 481 6.27 -14.07 9.96
C GLU A 481 7.54 -14.40 10.75
N THR A 482 7.79 -15.68 10.99
CA THR A 482 9.11 -16.12 11.46
C THR A 482 10.12 -16.00 10.33
N HIS A 483 9.66 -16.19 9.10
CA HIS A 483 10.50 -16.01 7.92
C HIS A 483 10.70 -14.52 7.62
N PHE A 484 11.88 -14.20 7.13
CA PHE A 484 12.25 -12.83 6.77
C PHE A 484 12.95 -12.89 5.41
N ASP A 485 12.13 -13.10 4.39
CA ASP A 485 12.62 -13.40 3.04
C ASP A 485 13.29 -12.21 2.35
N ALA A 486 12.90 -10.99 2.74
CA ALA A 486 13.62 -9.79 2.29
C ALA A 486 15.08 -9.82 2.72
N GLY A 487 15.35 -10.40 3.89
CA GLY A 487 16.70 -10.48 4.44
C GLY A 487 17.62 -11.45 3.73
N ALA A 488 17.04 -12.35 2.94
CA ALA A 488 17.80 -13.27 2.11
C ALA A 488 18.29 -12.66 0.80
N LYS A 489 18.11 -11.35 0.66
CA LYS A 489 18.65 -10.58 -0.46
C LYS A 489 19.78 -9.68 0.05
N PHE A 490 20.96 -9.80 -0.55
CA PHE A 490 22.19 -9.12 -0.09
C PHE A 490 22.01 -7.70 0.44
N HIS A 491 21.39 -6.85 -0.37
CA HIS A 491 21.32 -5.42 -0.13
C HIS A 491 20.53 -5.02 1.12
N VAL A 492 19.65 -5.91 1.58
CA VAL A 492 18.84 -5.67 2.78
C VAL A 492 19.68 -5.72 4.08
N PRO A 493 20.28 -6.88 4.42
CA PRO A 493 21.18 -6.89 5.58
C PRO A 493 22.42 -6.01 5.42
N ASN A 494 22.83 -5.74 4.18
CA ASN A 494 24.01 -4.91 3.95
C ASN A 494 23.69 -3.42 3.81
N VAL A 495 22.44 -3.08 4.09
CA VAL A 495 21.95 -1.71 4.24
C VAL A 495 22.38 -0.78 3.11
N THR A 496 22.24 -1.26 1.89
CA THR A 496 22.56 -0.46 0.72
C THR A 496 21.34 -0.35 -0.20
N PRO A 497 20.99 0.88 -0.63
CA PRO A 497 19.73 1.14 -1.33
C PRO A 497 19.63 0.45 -2.69
N TYR A 498 18.40 0.24 -3.15
CA TYR A 498 18.14 -0.58 -4.35
C TYR A 498 17.54 0.18 -5.53
N ILE A 499 16.84 1.28 -5.28
CA ILE A 499 16.17 2.02 -6.37
C ILE A 499 17.17 2.44 -7.48
N ARG A 500 18.43 2.65 -7.11
CA ARG A 500 19.52 2.90 -8.08
C ARG A 500 19.52 1.93 -9.27
N TYR A 501 19.18 0.67 -9.01
CA TYR A 501 19.20 -0.35 -10.06
C TYR A 501 18.02 -0.22 -11.02
N PHE A 502 16.85 0.14 -10.50
CA PHE A 502 15.71 0.43 -11.36
C PHE A 502 16.01 1.65 -12.22
N VAL A 503 16.55 2.69 -11.60
CA VAL A 503 16.93 3.90 -12.32
C VAL A 503 17.96 3.55 -13.40
N SER A 504 18.99 2.77 -13.05
CA SER A 504 20.04 2.41 -13.99
C SER A 504 19.56 1.61 -15.19
N PHE A 505 18.59 0.72 -14.98
CA PHE A 505 18.08 -0.12 -16.07
C PHE A 505 17.33 0.68 -17.14
N VAL A 506 16.74 1.80 -16.74
CA VAL A 506 16.09 2.73 -17.67
C VAL A 506 17.15 3.65 -18.30
N LEU A 507 18.01 4.19 -17.44
CA LEU A 507 19.03 5.15 -17.82
C LEU A 507 20.03 4.57 -18.83
N GLN A 508 20.37 3.28 -18.69
CA GLN A 508 21.38 2.68 -19.55
C GLN A 508 20.97 2.67 -21.03
N PHE A 509 19.67 2.60 -21.28
CA PHE A 509 19.17 2.65 -22.65
C PHE A 509 19.19 4.05 -23.23
N GLN A 510 18.99 5.05 -22.37
CA GLN A 510 19.18 6.46 -22.75
C GLN A 510 20.64 6.75 -23.09
N PHE A 511 21.57 6.25 -22.28
CA PHE A 511 23.01 6.38 -22.55
C PHE A 511 23.39 5.68 -23.86
N HIS A 512 22.91 4.45 -24.02
CA HIS A 512 23.21 3.62 -25.19
C HIS A 512 22.78 4.30 -26.47
N GLU A 513 21.57 4.86 -26.46
CA GLU A 513 21.06 5.59 -27.61
C GLU A 513 21.96 6.79 -27.94
N ALA A 514 22.31 7.57 -26.91
CA ALA A 514 23.16 8.75 -27.10
C ALA A 514 24.56 8.39 -27.60
N LEU A 515 25.16 7.35 -27.04
CA LEU A 515 26.51 6.93 -27.42
C LEU A 515 26.55 6.33 -28.83
N CYS A 516 25.53 5.57 -29.17
CA CYS A 516 25.41 5.00 -30.53
C CYS A 516 25.28 6.09 -31.59
N LYS A 517 24.49 7.12 -31.31
CA LYS A 517 24.37 8.27 -32.20
C LYS A 517 25.71 8.99 -32.35
N GLU A 518 26.39 9.24 -31.23
CA GLU A 518 27.70 9.88 -31.24
C GLU A 518 28.74 9.08 -32.01
N ALA A 519 28.68 7.75 -31.91
CA ALA A 519 29.57 6.84 -32.63
C ALA A 519 29.38 6.84 -34.15
N GLY A 520 28.29 7.46 -34.61
CA GLY A 520 27.96 7.53 -36.04
C GLY A 520 27.17 6.34 -36.53
N TYR A 521 26.72 5.49 -35.61
CA TYR A 521 25.97 4.29 -35.95
C TYR A 521 24.55 4.63 -36.42
N GLU A 522 24.09 3.93 -37.46
CA GLU A 522 22.86 4.32 -38.15
C GLU A 522 21.77 3.24 -38.24
N GLY A 523 22.07 2.03 -37.77
CA GLY A 523 21.09 0.93 -37.82
C GLY A 523 20.19 0.81 -36.59
N PRO A 524 19.55 -0.35 -36.42
CA PRO A 524 18.69 -0.64 -35.26
C PRO A 524 19.50 -0.56 -33.96
N LEU A 525 18.91 0.04 -32.93
CA LEU A 525 19.60 0.32 -31.67
C LEU A 525 20.20 -0.92 -31.00
N HIS A 526 19.50 -2.05 -31.12
CA HIS A 526 19.93 -3.30 -30.47
C HIS A 526 21.09 -4.00 -31.18
N GLN A 527 21.51 -3.46 -32.33
CA GLN A 527 22.64 -4.04 -33.05
C GLN A 527 23.89 -3.16 -32.98
N CYS A 528 23.74 -2.03 -32.31
CA CYS A 528 24.85 -1.11 -32.11
C CYS A 528 25.94 -1.70 -31.21
N ASP A 529 27.18 -1.48 -31.62
CA ASP A 529 28.34 -1.83 -30.82
C ASP A 529 29.29 -0.62 -30.84
N ILE A 530 29.53 -0.01 -29.68
CA ILE A 530 30.36 1.21 -29.61
C ILE A 530 31.86 0.93 -29.47
N TYR A 531 32.23 -0.35 -29.51
CA TYR A 531 33.63 -0.79 -29.44
C TYR A 531 34.51 0.03 -30.39
N ARG A 532 35.61 0.57 -29.86
CA ARG A 532 36.59 1.35 -30.63
C ARG A 532 36.09 2.72 -31.11
N SER A 533 34.98 3.19 -30.56
CA SER A 533 34.50 4.53 -30.89
C SER A 533 35.11 5.52 -29.90
N THR A 534 36.12 6.26 -30.35
CA THR A 534 36.76 7.25 -29.49
C THR A 534 35.82 8.45 -29.28
N LYS A 535 34.93 8.70 -30.23
CA LYS A 535 33.91 9.75 -30.07
C LYS A 535 32.88 9.43 -28.98
N ALA A 536 32.36 8.20 -28.99
CA ALA A 536 31.49 7.73 -27.91
C ALA A 536 32.26 7.80 -26.59
N GLY A 537 33.52 7.37 -26.62
CA GLY A 537 34.40 7.41 -25.47
C GLY A 537 34.52 8.80 -24.86
N ALA A 538 34.70 9.82 -25.71
CA ALA A 538 34.88 11.18 -25.22
C ALA A 538 33.60 11.73 -24.56
N LYS A 539 32.45 11.37 -25.11
CA LYS A 539 31.14 11.76 -24.57
C LYS A 539 30.92 11.12 -23.19
N LEU A 540 31.18 9.82 -23.09
CA LEU A 540 31.07 9.12 -21.82
C LEU A 540 32.02 9.71 -20.78
N ARG A 541 33.25 9.98 -21.20
CA ARG A 541 34.29 10.53 -20.31
C ARG A 541 33.87 11.84 -19.67
N LYS A 542 33.18 12.69 -20.43
CA LYS A 542 32.66 13.96 -19.89
C LYS A 542 31.71 13.75 -18.72
N VAL A 543 30.83 12.76 -18.82
CA VAL A 543 29.95 12.39 -17.71
C VAL A 543 30.77 11.88 -16.52
N LEU A 544 31.73 11.00 -16.79
CA LEU A 544 32.51 10.38 -15.72
C LEU A 544 33.38 11.39 -14.96
N ARG A 545 34.01 12.32 -15.68
CA ARG A 545 34.88 13.32 -15.06
C ARG A 545 34.09 14.37 -14.28
N ALA A 546 32.78 14.44 -14.51
CA ALA A 546 31.92 15.39 -13.83
C ALA A 546 31.71 15.05 -12.35
N GLY A 547 31.74 13.75 -12.03
CA GLY A 547 31.43 13.31 -10.67
C GLY A 547 30.05 13.80 -10.27
N SER A 548 29.94 14.36 -9.06
CA SER A 548 28.68 14.95 -8.60
C SER A 548 28.77 16.48 -8.51
N SER A 549 29.66 17.07 -9.29
CA SER A 549 29.88 18.52 -9.29
C SER A 549 28.69 19.31 -9.84
N ARG A 550 27.84 18.64 -10.61
CA ARG A 550 26.67 19.28 -11.25
C ARG A 550 25.40 18.45 -11.01
N PRO A 551 24.22 19.11 -11.01
CA PRO A 551 22.98 18.34 -10.84
C PRO A 551 22.85 17.29 -11.93
N TRP A 552 22.35 16.11 -11.58
CA TRP A 552 22.28 15.01 -12.54
C TRP A 552 21.41 15.36 -13.76
N GLN A 553 20.39 16.18 -13.55
CA GLN A 553 19.49 16.60 -14.63
C GLN A 553 20.24 17.34 -15.75
N GLU A 554 21.21 18.18 -15.36
CA GLU A 554 22.01 18.94 -16.32
C GLU A 554 23.05 18.07 -17.01
N VAL A 555 23.64 17.15 -16.26
CA VAL A 555 24.59 16.19 -16.82
C VAL A 555 23.89 15.33 -17.88
N LEU A 556 22.70 14.86 -17.54
CA LEU A 556 21.91 14.03 -18.44
C LEU A 556 21.48 14.79 -19.70
N LYS A 557 21.07 16.04 -19.53
CA LYS A 557 20.70 16.91 -20.64
C LYS A 557 21.84 17.05 -21.65
N ASP A 558 23.04 17.31 -21.15
CA ASP A 558 24.25 17.42 -21.98
C ASP A 558 24.59 16.15 -22.75
N MET A 559 24.36 15.01 -22.13
CA MET A 559 24.71 13.73 -22.73
C MET A 559 23.64 13.22 -23.68
N VAL A 560 22.38 13.42 -23.31
CA VAL A 560 21.28 12.71 -23.92
C VAL A 560 20.28 13.63 -24.64
N GLY A 561 20.28 14.91 -24.28
CA GLY A 561 19.37 15.88 -24.89
C GLY A 561 18.10 16.07 -24.09
N LEU A 562 18.01 15.40 -22.95
CA LEU A 562 16.84 15.47 -22.09
C LEU A 562 17.27 15.52 -20.63
N ASP A 563 16.52 16.25 -19.81
CA ASP A 563 16.88 16.46 -18.40
C ASP A 563 16.12 15.54 -17.44
N ALA A 564 15.55 14.45 -17.97
CA ALA A 564 14.76 13.53 -17.16
C ALA A 564 14.96 12.08 -17.58
N LEU A 565 14.65 11.16 -16.66
CA LEU A 565 14.58 9.74 -16.99
C LEU A 565 13.45 9.52 -17.99
N ASP A 566 13.70 8.66 -18.96
CA ASP A 566 12.72 8.42 -20.04
C ASP A 566 12.78 6.96 -20.47
N ALA A 567 11.61 6.35 -20.61
CA ALA A 567 11.50 4.93 -20.95
C ALA A 567 11.55 4.67 -22.46
N GLN A 568 11.38 5.73 -23.26
CA GLN A 568 11.31 5.59 -24.71
C GLN A 568 12.52 4.90 -25.37
N PRO A 569 13.76 5.20 -24.93
CA PRO A 569 14.90 4.46 -25.50
C PRO A 569 14.85 2.96 -25.23
N LEU A 570 14.45 2.57 -24.02
CA LEU A 570 14.26 1.16 -23.68
C LEU A 570 13.16 0.55 -24.56
N LEU A 571 12.05 1.27 -24.72
CA LEU A 571 10.94 0.78 -25.54
C LEU A 571 11.35 0.61 -27.00
N LYS A 572 12.12 1.56 -27.51
CA LYS A 572 12.62 1.55 -28.87
C LYS A 572 13.56 0.36 -29.11
N TYR A 573 14.48 0.16 -28.17
CA TYR A 573 15.41 -0.98 -28.18
C TYR A 573 14.65 -2.30 -28.33
N PHE A 574 13.60 -2.47 -27.54
CA PHE A 574 12.89 -3.75 -27.43
C PHE A 574 11.68 -3.89 -28.35
N GLN A 575 11.42 -2.85 -29.12
CA GLN A 575 10.18 -2.74 -29.90
C GLN A 575 9.80 -3.99 -30.71
N LEU A 576 10.77 -4.59 -31.40
CA LEU A 576 10.48 -5.77 -32.23
C LEU A 576 9.98 -6.97 -31.44
N VAL A 577 10.58 -7.24 -30.29
CA VAL A 577 10.18 -8.37 -29.46
C VAL A 577 8.93 -8.06 -28.64
N THR A 578 8.74 -6.80 -28.26
CA THR A 578 7.51 -6.35 -27.62
C THR A 578 6.29 -6.68 -28.50
N GLN A 579 6.36 -6.31 -29.78
CA GLN A 579 5.30 -6.61 -30.74
C GLN A 579 5.16 -8.11 -30.98
N TRP A 580 6.29 -8.81 -31.07
CA TRP A 580 6.28 -10.25 -31.31
C TRP A 580 5.68 -11.04 -30.14
N LEU A 581 6.02 -10.65 -28.92
CA LEU A 581 5.48 -11.32 -27.72
C LEU A 581 3.98 -11.11 -27.57
N GLN A 582 3.53 -9.89 -27.82
CA GLN A 582 2.11 -9.56 -27.83
C GLN A 582 1.36 -10.48 -28.80
N GLU A 583 1.85 -10.56 -30.03
CA GLU A 583 1.25 -11.39 -31.08
C GLU A 583 1.22 -12.86 -30.67
N GLN A 584 2.34 -13.38 -30.18
CA GLN A 584 2.43 -14.78 -29.75
C GLN A 584 1.48 -15.14 -28.61
N ASN A 585 1.42 -14.29 -27.59
CA ASN A 585 0.52 -14.52 -26.46
C ASN A 585 -0.95 -14.52 -26.88
N GLN A 586 -1.33 -13.59 -27.75
CA GLN A 586 -2.68 -13.52 -28.34
C GLN A 586 -3.03 -14.82 -29.07
N GLN A 587 -2.11 -15.29 -29.91
CA GLN A 587 -2.29 -16.52 -30.68
C GLN A 587 -2.36 -17.76 -29.78
N ASN A 588 -1.54 -17.78 -28.74
CA ASN A 588 -1.54 -18.90 -27.79
C ASN A 588 -2.71 -18.85 -26.82
N GLY A 589 -3.47 -17.75 -26.87
CA GLY A 589 -4.64 -17.57 -26.02
C GLY A 589 -4.25 -17.46 -24.55
N GLU A 590 -3.18 -16.72 -24.28
CA GLU A 590 -2.70 -16.53 -22.91
C GLU A 590 -3.55 -15.52 -22.17
N VAL A 591 -3.58 -15.65 -20.85
CA VAL A 591 -4.09 -14.57 -20.01
C VAL A 591 -2.86 -13.80 -19.53
N LEU A 592 -2.86 -12.49 -19.74
CA LEU A 592 -1.80 -11.65 -19.23
C LEU A 592 -2.10 -11.33 -17.77
N GLY A 593 -1.11 -11.48 -16.91
CA GLY A 593 -1.29 -11.29 -15.49
C GLY A 593 -1.53 -12.62 -14.79
N TRP A 594 -1.85 -12.54 -13.51
CA TRP A 594 -2.03 -13.73 -12.69
C TRP A 594 -3.32 -13.60 -11.86
N PRO A 595 -4.50 -13.67 -12.53
CA PRO A 595 -5.77 -13.46 -11.80
C PRO A 595 -6.01 -14.44 -10.66
N GLU A 596 -5.41 -15.63 -10.74
CA GLU A 596 -5.44 -16.58 -9.62
C GLU A 596 -4.33 -16.29 -8.62
N TYR A 597 -4.39 -15.08 -8.04
CA TYR A 597 -3.35 -14.54 -7.16
C TYR A 597 -3.11 -15.33 -5.87
N GLN A 598 -4.06 -16.18 -5.52
CA GLN A 598 -3.99 -16.90 -4.25
C GLN A 598 -3.35 -18.27 -4.44
N TRP A 599 -3.14 -18.65 -5.70
CA TRP A 599 -2.61 -19.96 -6.03
C TRP A 599 -1.18 -20.14 -5.57
N HIS A 600 -0.90 -21.29 -4.97
CA HIS A 600 0.44 -21.74 -4.66
C HIS A 600 0.60 -23.17 -5.17
N PRO A 601 1.83 -23.56 -5.57
CA PRO A 601 2.02 -24.93 -6.04
C PRO A 601 2.01 -25.91 -4.86
N PRO A 602 1.63 -27.17 -5.11
CA PRO A 602 1.71 -28.15 -4.04
C PRO A 602 3.15 -28.55 -3.78
N LEU A 603 3.40 -29.24 -2.66
CA LEU A 603 4.72 -29.79 -2.38
C LEU A 603 4.96 -31.04 -3.24
N PRO A 604 6.23 -31.34 -3.54
CA PRO A 604 6.58 -32.64 -4.15
C PRO A 604 6.23 -33.77 -3.20
N ASP A 605 5.89 -34.94 -3.74
CA ASP A 605 5.41 -36.08 -2.95
C ASP A 605 6.33 -36.45 -1.78
N ASN A 606 7.63 -36.47 -2.04
CA ASN A 606 8.61 -36.92 -1.05
C ASN A 606 9.34 -35.78 -0.35
N TYR A 607 8.71 -34.60 -0.33
CA TYR A 607 9.25 -33.41 0.33
C TYR A 607 9.54 -33.68 1.80
N PRO A 608 10.72 -33.25 2.29
CA PRO A 608 11.77 -32.55 1.56
C PRO A 608 12.98 -33.42 1.17
N GLU A 609 12.83 -34.74 1.27
CA GLU A 609 13.94 -35.66 1.03
C GLU A 609 14.11 -36.03 -0.45
N GLY A 610 15.34 -36.42 -0.81
CA GLY A 610 15.65 -36.79 -2.19
C GLY A 610 17.14 -36.73 -2.47
N LEU B 1 -34.19 21.66 -18.79
CA LEU B 1 -34.49 22.23 -17.44
C LEU B 1 -35.47 23.38 -17.53
N ASP B 2 -36.50 23.34 -16.69
CA ASP B 2 -37.49 24.40 -16.56
C ASP B 2 -36.83 25.77 -16.37
N PRO B 3 -37.23 26.77 -17.17
CA PRO B 3 -36.71 28.15 -17.11
C PRO B 3 -36.73 28.77 -15.73
N GLY B 4 -37.74 28.45 -14.92
CA GLY B 4 -37.85 28.96 -13.55
C GLY B 4 -36.74 28.48 -12.63
N LEU B 5 -36.03 27.44 -13.06
CA LEU B 5 -34.93 26.87 -12.28
C LEU B 5 -33.56 27.37 -12.78
N GLN B 6 -33.57 28.17 -13.85
CA GLN B 6 -32.36 28.75 -14.44
C GLN B 6 -31.84 29.92 -13.61
N PRO B 7 -30.51 30.12 -13.57
CA PRO B 7 -29.95 31.24 -12.82
C PRO B 7 -30.14 32.58 -13.53
N GLY B 8 -30.44 33.61 -12.75
CA GLY B 8 -30.58 34.97 -13.29
C GLY B 8 -29.24 35.67 -13.31
N GLN B 9 -29.26 37.00 -13.41
CA GLN B 9 -28.04 37.77 -13.37
C GLN B 9 -27.81 38.39 -11.98
N PHE B 10 -26.55 38.40 -11.57
CA PHE B 10 -26.14 38.90 -10.26
C PHE B 10 -24.82 39.66 -10.42
N SER B 11 -24.60 40.68 -9.59
CA SER B 11 -23.35 41.44 -9.63
C SER B 11 -22.20 40.55 -9.16
N ALA B 12 -21.01 40.81 -9.71
CA ALA B 12 -19.85 39.97 -9.46
C ALA B 12 -19.07 40.47 -8.23
N ASP B 13 -19.73 40.45 -7.08
CA ASP B 13 -19.15 40.84 -5.81
C ASP B 13 -19.80 40.04 -4.69
N GLU B 14 -19.31 40.20 -3.46
CA GLU B 14 -19.81 39.44 -2.32
C GLU B 14 -21.32 39.63 -2.08
N ALA B 15 -21.79 40.87 -2.20
CA ALA B 15 -23.21 41.19 -2.05
C ALA B 15 -24.10 40.50 -3.09
N GLY B 16 -23.66 40.52 -4.34
CA GLY B 16 -24.32 39.77 -5.43
C GLY B 16 -24.25 38.26 -5.23
N ALA B 17 -23.12 37.79 -4.67
CA ALA B 17 -22.96 36.37 -4.36
C ALA B 17 -23.91 35.87 -3.28
N GLN B 18 -24.25 36.75 -2.33
CA GLN B 18 -25.22 36.42 -1.29
C GLN B 18 -26.61 36.25 -1.89
N LEU B 19 -26.96 37.10 -2.85
CA LEU B 19 -28.22 36.96 -3.58
C LEU B 19 -28.22 35.73 -4.49
N PHE B 20 -27.07 35.46 -5.10
CA PHE B 20 -26.86 34.28 -5.94
C PHE B 20 -27.12 33.00 -5.14
N ALA B 21 -26.55 32.94 -3.94
CA ALA B 21 -26.69 31.78 -3.06
C ALA B 21 -28.14 31.54 -2.62
N GLN B 22 -28.86 32.63 -2.30
CA GLN B 22 -30.26 32.54 -1.92
C GLN B 22 -31.13 31.98 -3.04
N SER B 23 -30.92 32.50 -4.25
CA SER B 23 -31.66 32.06 -5.44
C SER B 23 -31.30 30.62 -5.81
N TYR B 24 -30.02 30.27 -5.69
CA TYR B 24 -29.57 28.89 -5.91
C TYR B 24 -30.31 27.92 -5.00
N GLN B 25 -30.28 28.21 -3.70
CA GLN B 25 -30.82 27.33 -2.68
C GLN B 25 -32.34 27.26 -2.71
N SER B 26 -32.97 28.34 -3.17
CA SER B 26 -34.41 28.38 -3.40
C SER B 26 -34.81 27.41 -4.51
N SER B 27 -34.06 27.43 -5.61
CA SER B 27 -34.36 26.56 -6.75
C SER B 27 -33.93 25.11 -6.49
N ALA B 28 -32.85 24.94 -5.73
CA ALA B 28 -32.30 23.63 -5.43
C ALA B 28 -33.25 22.72 -4.64
N GLU B 29 -34.06 23.32 -3.77
CA GLU B 29 -35.03 22.57 -2.98
C GLU B 29 -35.99 21.75 -3.85
N GLN B 30 -36.48 22.36 -4.92
CA GLN B 30 -37.39 21.72 -5.87
C GLN B 30 -36.72 20.58 -6.63
N VAL B 31 -35.46 20.80 -7.01
CA VAL B 31 -34.66 19.81 -7.73
C VAL B 31 -34.31 18.63 -6.83
N LEU B 32 -33.84 18.93 -5.61
CA LEU B 32 -33.55 17.88 -4.62
C LEU B 32 -34.79 17.06 -4.31
N PHE B 33 -35.92 17.73 -4.07
CA PHE B 33 -37.16 17.02 -3.81
C PHE B 33 -37.48 16.00 -4.90
N GLN B 34 -37.49 16.43 -6.16
CA GLN B 34 -37.83 15.52 -7.27
C GLN B 34 -36.86 14.33 -7.39
N SER B 35 -35.58 14.55 -7.11
CA SER B 35 -34.64 13.42 -7.16
C SER B 35 -34.77 12.48 -5.96
N VAL B 36 -35.02 13.01 -4.77
CA VAL B 36 -35.21 12.17 -3.58
C VAL B 36 -36.49 11.33 -3.72
N ALA B 37 -37.57 11.99 -4.17
CA ALA B 37 -38.85 11.32 -4.39
C ALA B 37 -38.73 10.16 -5.39
N ALA B 38 -37.97 10.38 -6.46
CA ALA B 38 -37.74 9.36 -7.48
C ALA B 38 -36.88 8.20 -6.97
N SER B 39 -35.85 8.54 -6.18
CA SER B 39 -35.04 7.53 -5.52
C SER B 39 -35.87 6.71 -4.54
N TRP B 40 -36.73 7.40 -3.79
CA TRP B 40 -37.62 6.74 -2.84
C TRP B 40 -38.53 5.73 -3.56
N ALA B 41 -39.16 6.17 -4.64
CA ALA B 41 -40.08 5.31 -5.40
C ALA B 41 -39.39 4.07 -5.96
N HIS B 42 -38.12 4.21 -6.32
CA HIS B 42 -37.33 3.08 -6.80
C HIS B 42 -36.92 2.14 -5.67
N ASP B 43 -36.32 2.68 -4.61
CA ASP B 43 -35.77 1.87 -3.54
C ASP B 43 -36.81 1.08 -2.73
N THR B 44 -38.06 1.56 -2.73
CA THR B 44 -39.13 0.88 -2.01
C THR B 44 -39.94 0.00 -2.95
N ASN B 45 -39.49 -0.09 -4.21
CA ASN B 45 -40.24 -0.76 -5.27
C ASN B 45 -39.38 -0.83 -6.53
N ILE B 46 -38.44 -1.78 -6.53
CA ILE B 46 -37.44 -1.89 -7.60
C ILE B 46 -38.07 -2.46 -8.87
N THR B 47 -38.19 -1.60 -9.88
CA THR B 47 -38.69 -1.99 -11.21
C THR B 47 -37.92 -1.23 -12.28
N ALA B 48 -38.00 -1.72 -13.52
CA ALA B 48 -37.37 -1.05 -14.67
C ALA B 48 -37.90 0.37 -14.85
N GLU B 49 -39.21 0.54 -14.68
CA GLU B 49 -39.86 1.82 -14.87
C GLU B 49 -39.49 2.82 -13.78
N ASN B 50 -39.39 2.34 -12.54
CA ASN B 50 -38.97 3.22 -11.44
C ASN B 50 -37.49 3.60 -11.58
N ALA B 51 -36.69 2.69 -12.11
CA ALA B 51 -35.28 2.98 -12.45
C ALA B 51 -35.17 4.05 -13.55
N ARG B 52 -35.96 3.91 -14.60
CA ARG B 52 -36.01 4.89 -15.69
C ARG B 52 -36.39 6.28 -15.18
N ARG B 53 -37.42 6.33 -14.31
CA ARG B 53 -37.86 7.58 -13.69
C ARG B 53 -36.77 8.24 -12.83
N GLN B 54 -36.02 7.45 -12.08
CA GLN B 54 -35.02 8.06 -11.22
C GLN B 54 -33.78 8.52 -12.01
N GLU B 55 -33.49 7.84 -13.12
CA GLU B 55 -32.43 8.27 -14.04
C GLU B 55 -32.79 9.57 -14.75
N GLU B 56 -34.07 9.74 -15.07
CA GLU B 56 -34.57 11.00 -15.61
C GLU B 56 -34.45 12.13 -14.59
N ALA B 57 -34.70 11.81 -13.31
CA ALA B 57 -34.54 12.77 -12.23
C ALA B 57 -33.08 13.16 -12.03
N ALA B 58 -32.18 12.19 -12.16
CA ALA B 58 -30.74 12.43 -12.01
C ALA B 58 -30.19 13.37 -13.08
N LEU B 59 -30.64 13.20 -14.31
CA LEU B 59 -30.29 14.08 -15.44
C LEU B 59 -30.74 15.53 -15.23
N LEU B 60 -31.97 15.70 -14.72
CA LEU B 60 -32.50 17.03 -14.40
C LEU B 60 -31.61 17.69 -13.37
N SER B 61 -31.23 16.92 -12.34
CA SER B 61 -30.34 17.40 -11.29
CA SER B 61 -30.33 17.40 -11.30
C SER B 61 -28.98 17.82 -11.87
N GLN B 62 -28.46 17.03 -12.80
CA GLN B 62 -27.19 17.36 -13.45
C GLN B 62 -27.28 18.63 -14.32
N GLU B 63 -28.39 18.77 -15.05
CA GLU B 63 -28.68 20.00 -15.79
C GLU B 63 -28.65 21.22 -14.89
N PHE B 64 -29.32 21.09 -13.74
CA PHE B 64 -29.38 22.15 -12.74
C PHE B 64 -27.99 22.49 -12.19
N ALA B 65 -27.25 21.47 -11.78
CA ALA B 65 -25.90 21.66 -11.26
C ALA B 65 -24.97 22.32 -12.27
N GLU B 66 -25.10 21.94 -13.55
CA GLU B 66 -24.31 22.53 -14.62
C GLU B 66 -24.59 24.03 -14.79
N ALA B 67 -25.86 24.40 -14.89
CA ALA B 67 -26.23 25.80 -15.13
C ALA B 67 -25.76 26.71 -13.99
N TRP B 68 -25.97 26.27 -12.76
CA TRP B 68 -25.63 27.07 -11.59
C TRP B 68 -24.12 27.09 -11.28
N GLY B 69 -23.48 25.94 -11.49
CA GLY B 69 -22.02 25.84 -11.36
C GLY B 69 -21.24 26.69 -12.36
N GLN B 70 -21.68 26.66 -13.62
CA GLN B 70 -21.07 27.49 -14.67
C GLN B 70 -21.26 28.98 -14.41
N LYS B 71 -22.43 29.36 -13.91
CA LYS B 71 -22.73 30.74 -13.56
C LYS B 71 -21.84 31.22 -12.40
N ALA B 72 -21.67 30.35 -11.40
CA ALA B 72 -20.84 30.65 -10.23
C ALA B 72 -19.37 30.87 -10.61
N LYS B 73 -18.89 30.11 -11.58
CA LYS B 73 -17.52 30.26 -12.09
C LYS B 73 -17.38 31.51 -12.97
N GLU B 74 -18.43 31.78 -13.75
CA GLU B 74 -18.51 32.96 -14.62
C GLU B 74 -18.44 34.26 -13.83
N LEU B 75 -19.01 34.26 -12.62
CA LEU B 75 -19.12 35.47 -11.80
C LEU B 75 -18.11 35.54 -10.67
N TYR B 76 -17.77 34.40 -10.06
CA TYR B 76 -17.10 34.42 -8.77
C TYR B 76 -15.77 33.64 -8.64
N GLU B 77 -15.36 32.96 -9.71
CA GLU B 77 -14.18 32.09 -9.65
C GLU B 77 -12.90 32.75 -9.10
N PRO B 78 -12.53 33.94 -9.63
CA PRO B 78 -11.28 34.53 -9.12
C PRO B 78 -11.42 35.19 -7.73
N ILE B 79 -12.65 35.45 -7.30
CA ILE B 79 -12.88 36.28 -6.10
C ILE B 79 -13.45 35.56 -4.87
N TRP B 80 -14.15 34.44 -5.08
CA TRP B 80 -14.91 33.80 -3.99
C TRP B 80 -14.07 33.35 -2.79
N GLN B 81 -12.79 33.08 -3.03
CA GLN B 81 -11.85 32.67 -1.98
C GLN B 81 -11.56 33.82 -1.00
N GLN B 82 -11.81 35.05 -1.42
CA GLN B 82 -11.50 36.23 -0.62
C GLN B 82 -12.73 36.90 0.04
N PHE B 83 -13.88 36.23 -0.01
CA PHE B 83 -15.10 36.77 0.62
C PHE B 83 -14.98 36.77 2.14
N THR B 84 -15.56 37.78 2.77
CA THR B 84 -15.55 37.93 4.23
C THR B 84 -16.31 36.81 4.94
N ASP B 85 -17.52 36.52 4.44
CA ASP B 85 -18.42 35.52 5.02
C ASP B 85 -17.93 34.08 4.74
N PRO B 86 -17.45 33.38 5.79
CA PRO B 86 -16.95 32.01 5.63
C PRO B 86 -18.04 31.04 5.19
N GLN B 87 -19.26 31.30 5.63
CA GLN B 87 -20.44 30.51 5.29
C GLN B 87 -20.76 30.64 3.80
N LEU B 88 -20.57 31.84 3.25
CA LEU B 88 -20.78 32.08 1.83
C LEU B 88 -19.71 31.38 0.98
N ARG B 89 -18.45 31.47 1.43
CA ARG B 89 -17.35 30.79 0.76
C ARG B 89 -17.61 29.29 0.65
N ARG B 90 -18.15 28.70 1.73
CA ARG B 90 -18.47 27.28 1.76
C ARG B 90 -19.52 26.93 0.71
N ILE B 91 -20.57 27.76 0.62
CA ILE B 91 -21.66 27.54 -0.35
C ILE B 91 -21.19 27.68 -1.79
N ILE B 92 -20.55 28.80 -2.11
CA ILE B 92 -20.08 29.06 -3.49
C ILE B 92 -19.07 28.01 -3.93
N GLY B 93 -18.18 27.62 -3.01
CA GLY B 93 -17.24 26.53 -3.25
C GLY B 93 -17.92 25.24 -3.67
N ALA B 94 -19.03 24.92 -3.03
CA ALA B 94 -19.80 23.71 -3.34
C ALA B 94 -20.54 23.80 -4.68
N VAL B 95 -21.06 24.99 -5.00
CA VAL B 95 -21.77 25.23 -6.25
C VAL B 95 -20.85 25.09 -7.46
N ARG B 96 -19.61 25.60 -7.35
CA ARG B 96 -18.65 25.56 -8.46
C ARG B 96 -17.98 24.19 -8.67
N THR B 97 -18.33 23.22 -7.82
CA THR B 97 -17.92 21.82 -8.00
C THR B 97 -19.09 21.08 -8.65
N LEU B 98 -18.94 20.79 -9.94
CA LEU B 98 -20.03 20.23 -10.73
CA LEU B 98 -20.02 20.22 -10.76
C LEU B 98 -20.20 18.72 -10.62
N GLY B 99 -19.10 18.01 -10.31
CA GLY B 99 -19.14 16.54 -10.20
C GLY B 99 -19.52 15.89 -11.51
N SER B 100 -20.49 14.96 -11.45
CA SER B 100 -20.94 14.23 -12.64
C SER B 100 -21.61 15.13 -13.70
N ALA B 101 -21.91 16.37 -13.32
CA ALA B 101 -22.42 17.35 -14.27
C ALA B 101 -21.34 17.85 -15.24
N ASN B 102 -20.08 17.58 -14.91
CA ASN B 102 -18.95 17.85 -15.81
C ASN B 102 -18.94 16.94 -17.04
N LEU B 103 -19.57 15.77 -16.94
CA LEU B 103 -19.64 14.81 -18.04
C LEU B 103 -20.56 15.29 -19.16
N PRO B 104 -20.22 14.94 -20.42
CA PRO B 104 -21.14 15.22 -21.53
C PRO B 104 -22.42 14.40 -21.36
N LEU B 105 -23.48 14.79 -22.07
CA LEU B 105 -24.81 14.19 -21.93
C LEU B 105 -24.79 12.65 -21.97
N ALA B 106 -24.14 12.09 -23.00
CA ALA B 106 -24.08 10.64 -23.19
C ALA B 106 -23.45 9.92 -22.01
N LYS B 107 -22.36 10.48 -21.48
CA LYS B 107 -21.67 9.89 -20.32
C LYS B 107 -22.44 10.09 -19.02
N ARG B 108 -23.24 11.16 -18.95
CA ARG B 108 -24.15 11.37 -17.83
C ARG B 108 -25.16 10.23 -17.75
N GLN B 109 -25.73 9.89 -18.90
CA GLN B 109 -26.69 8.79 -19.00
C GLN B 109 -26.07 7.45 -18.63
N GLN B 110 -24.83 7.24 -19.06
CA GLN B 110 -24.10 6.01 -18.72
C GLN B 110 -23.83 5.91 -17.22
N TYR B 111 -23.40 7.02 -16.63
CA TYR B 111 -23.17 7.12 -15.18
C TYR B 111 -24.44 6.80 -14.40
N ASN B 112 -25.52 7.49 -14.76
CA ASN B 112 -26.81 7.31 -14.10
C ASN B 112 -27.31 5.87 -14.24
N ALA B 113 -27.17 5.28 -15.42
CA ALA B 113 -27.59 3.90 -15.68
C ALA B 113 -26.76 2.88 -14.90
N LEU B 114 -25.45 3.10 -14.83
CA LEU B 114 -24.56 2.24 -14.05
C LEU B 114 -24.97 2.20 -12.57
N LEU B 115 -25.30 3.36 -12.01
CA LEU B 115 -25.72 3.44 -10.61
C LEU B 115 -27.00 2.64 -10.38
N SER B 116 -27.96 2.78 -11.29
CA SER B 116 -29.22 2.03 -11.24
C SER B 116 -28.96 0.53 -11.25
N GLN B 117 -28.16 0.09 -12.21
CA GLN B 117 -27.89 -1.32 -12.44
C GLN B 117 -27.15 -1.99 -11.28
N MET B 118 -26.14 -1.29 -10.75
CA MET B 118 -25.40 -1.80 -9.58
C MET B 118 -26.31 -1.92 -8.35
N SER B 119 -27.18 -0.94 -8.18
CA SER B 119 -28.15 -0.95 -7.09
C SER B 119 -29.09 -2.14 -7.20
N ARG B 120 -29.64 -2.36 -8.40
CA ARG B 120 -30.53 -3.50 -8.64
C ARG B 120 -29.83 -4.84 -8.39
N ILE B 121 -28.59 -4.98 -8.88
CA ILE B 121 -27.86 -6.23 -8.74
C ILE B 121 -27.63 -6.58 -7.26
N TYR B 122 -27.13 -5.61 -6.48
CA TYR B 122 -26.91 -5.84 -5.04
C TYR B 122 -28.19 -6.22 -4.31
N SER B 123 -29.25 -5.45 -4.54
CA SER B 123 -30.47 -5.57 -3.75
C SER B 123 -31.42 -6.67 -4.22
N THR B 124 -31.17 -7.24 -5.41
CA THR B 124 -31.99 -8.33 -5.92
C THR B 124 -31.24 -9.67 -5.97
N ALA B 125 -29.95 -9.66 -5.63
CA ALA B 125 -29.16 -10.89 -5.65
C ALA B 125 -29.74 -11.90 -4.67
N LYS B 126 -29.81 -13.16 -5.10
CA LYS B 126 -30.30 -14.25 -4.24
C LYS B 126 -29.33 -15.41 -4.22
N VAL B 127 -29.41 -16.21 -3.15
CA VAL B 127 -28.66 -17.45 -3.05
C VAL B 127 -29.63 -18.62 -3.14
N CYS B 128 -29.42 -19.46 -4.16
CA CYS B 128 -30.29 -20.60 -4.39
C CYS B 128 -29.58 -21.92 -4.09
N LEU B 129 -30.37 -22.96 -3.85
CA LEU B 129 -29.84 -24.31 -3.61
C LEU B 129 -29.33 -24.94 -4.91
N PRO B 130 -28.24 -25.74 -4.82
CA PRO B 130 -27.50 -26.24 -6.00
C PRO B 130 -28.38 -26.94 -7.05
N GLN B 131 -29.25 -27.84 -6.61
CA GLN B 131 -30.17 -28.53 -7.50
C GLN B 131 -31.62 -28.13 -7.22
N LYS B 132 -32.08 -28.39 -5.99
CA LYS B 132 -33.46 -28.12 -5.59
C LYS B 132 -33.69 -26.62 -5.38
N THR B 133 -33.94 -25.91 -6.49
CA THR B 133 -34.02 -24.44 -6.49
C THR B 133 -35.35 -23.92 -5.93
N ALA B 134 -35.72 -24.42 -4.75
CA ALA B 134 -36.97 -24.04 -4.08
C ALA B 134 -36.76 -22.86 -3.12
N THR B 135 -37.46 -21.76 -3.41
CA THR B 135 -37.45 -20.54 -2.59
C THR B 135 -36.10 -19.95 -2.16
N CYS B 136 -35.43 -19.28 -3.10
CA CYS B 136 -34.10 -18.74 -2.87
C CYS B 136 -33.97 -17.78 -1.68
N TRP B 137 -32.75 -17.71 -1.12
CA TRP B 137 -32.49 -16.88 0.05
C TRP B 137 -32.06 -15.47 -0.34
N SER B 138 -32.63 -14.48 0.33
CA SER B 138 -32.21 -13.08 0.17
C SER B 138 -31.26 -12.71 1.30
N LEU B 139 -30.52 -11.60 1.13
CA LEU B 139 -29.58 -11.16 2.15
C LEU B 139 -30.29 -10.89 3.48
N ASP B 140 -31.37 -10.13 3.40
CA ASP B 140 -32.12 -9.71 4.57
C ASP B 140 -33.57 -10.12 4.32
N PRO B 141 -34.12 -11.01 5.17
CA PRO B 141 -33.57 -11.54 6.43
C PRO B 141 -32.80 -12.87 6.36
N ASP B 142 -32.94 -13.61 5.26
CA ASP B 142 -32.53 -15.02 5.22
C ASP B 142 -31.05 -15.26 5.54
N LEU B 143 -30.17 -14.65 4.75
CA LEU B 143 -28.72 -14.84 4.92
C LEU B 143 -28.18 -14.17 6.19
N THR B 144 -28.71 -12.99 6.51
CA THR B 144 -28.39 -12.31 7.77
C THR B 144 -28.66 -13.22 8.97
N ASN B 145 -29.87 -13.80 9.01
CA ASN B 145 -30.24 -14.72 10.09
C ASN B 145 -29.34 -15.95 10.17
N ILE B 146 -28.98 -16.50 9.00
CA ILE B 146 -28.09 -17.67 8.94
C ILE B 146 -26.73 -17.35 9.56
N LEU B 147 -26.11 -16.25 9.12
CA LEU B 147 -24.80 -15.87 9.65
C LEU B 147 -24.84 -15.51 11.13
N ALA B 148 -25.99 -15.02 11.59
CA ALA B 148 -26.15 -14.61 12.98
C ALA B 148 -26.26 -15.78 13.96
N SER B 149 -26.97 -16.84 13.55
CA SER B 149 -27.39 -17.88 14.47
C SER B 149 -26.88 -19.30 14.15
N SER B 150 -26.54 -19.56 12.90
CA SER B 150 -26.04 -20.89 12.55
C SER B 150 -24.64 -21.13 13.12
N ARG B 151 -24.46 -22.29 13.74
CA ARG B 151 -23.17 -22.70 14.29
C ARG B 151 -22.65 -23.90 13.50
N SER B 152 -23.18 -24.07 12.30
CA SER B 152 -22.76 -25.12 11.37
C SER B 152 -21.77 -24.55 10.37
N TYR B 153 -20.53 -25.03 10.41
CA TYR B 153 -19.47 -24.51 9.55
C TYR B 153 -19.88 -24.49 8.08
N ALA B 154 -20.36 -25.63 7.59
CA ALA B 154 -20.72 -25.80 6.17
C ALA B 154 -21.88 -24.91 5.72
N MET B 155 -22.88 -24.75 6.58
CA MET B 155 -24.05 -23.91 6.32
C MET B 155 -23.68 -22.42 6.24
N LEU B 156 -22.85 -21.97 7.19
CA LEU B 156 -22.34 -20.60 7.19
C LEU B 156 -21.52 -20.35 5.92
N LEU B 157 -20.71 -21.34 5.55
CA LEU B 157 -19.87 -21.27 4.36
C LEU B 157 -20.73 -21.14 3.10
N PHE B 158 -21.75 -21.98 2.98
CA PHE B 158 -22.67 -21.93 1.84
C PHE B 158 -23.31 -20.54 1.72
N ALA B 159 -23.70 -19.96 2.86
CA ALA B 159 -24.28 -18.62 2.87
C ALA B 159 -23.25 -17.53 2.52
N TRP B 160 -22.07 -17.59 3.13
CA TRP B 160 -20.99 -16.63 2.85
C TRP B 160 -20.58 -16.66 1.38
N GLU B 161 -20.30 -17.86 0.87
CA GLU B 161 -19.82 -18.03 -0.50
C GLU B 161 -20.93 -17.71 -1.49
N GLY B 162 -22.13 -18.21 -1.20
CA GLY B 162 -23.30 -17.95 -2.02
C GLY B 162 -23.51 -16.47 -2.25
N TRP B 163 -23.49 -15.69 -1.16
CA TRP B 163 -23.71 -14.27 -1.25
C TRP B 163 -22.61 -13.54 -2.01
N HIS B 164 -21.35 -13.80 -1.65
CA HIS B 164 -20.24 -13.10 -2.27
C HIS B 164 -20.17 -13.35 -3.78
N ASN B 165 -20.44 -14.58 -4.20
CA ASN B 165 -20.52 -14.93 -5.61
C ASN B 165 -21.70 -14.29 -6.34
N ALA B 166 -22.88 -14.34 -5.73
CA ALA B 166 -24.10 -13.82 -6.35
C ALA B 166 -24.05 -12.31 -6.54
N ALA B 167 -23.57 -11.60 -5.53
CA ALA B 167 -23.51 -10.13 -5.60
C ALA B 167 -22.27 -9.64 -6.33
N GLY B 168 -21.10 -10.13 -5.90
CA GLY B 168 -19.81 -9.62 -6.40
C GLY B 168 -19.57 -9.79 -7.88
N ILE B 169 -19.62 -11.03 -8.35
CA ILE B 169 -19.23 -11.36 -9.74
C ILE B 169 -19.87 -10.45 -10.82
N PRO B 170 -21.22 -10.35 -10.87
CA PRO B 170 -21.84 -9.48 -11.89
C PRO B 170 -21.61 -7.98 -11.69
N LEU B 171 -21.18 -7.56 -10.50
CA LEU B 171 -20.95 -6.14 -10.26
C LEU B 171 -19.64 -5.63 -10.86
N LYS B 172 -18.64 -6.50 -10.95
CA LYS B 172 -17.29 -6.05 -11.34
C LYS B 172 -17.22 -5.24 -12.65
N PRO B 173 -17.75 -5.76 -13.78
CA PRO B 173 -17.69 -4.98 -15.03
C PRO B 173 -18.28 -3.57 -14.90
N LEU B 174 -19.40 -3.46 -14.20
CA LEU B 174 -20.06 -2.16 -14.00
C LEU B 174 -19.25 -1.24 -13.10
N TYR B 175 -18.67 -1.79 -12.04
CA TYR B 175 -17.89 -0.98 -11.12
C TYR B 175 -16.67 -0.35 -11.79
N GLU B 176 -16.03 -1.09 -12.68
CA GLU B 176 -14.88 -0.58 -13.46
C GLU B 176 -15.27 0.66 -14.28
N ASP B 177 -16.41 0.56 -14.97
CA ASP B 177 -16.92 1.66 -15.79
C ASP B 177 -17.30 2.87 -14.95
N PHE B 178 -17.98 2.62 -13.81
CA PHE B 178 -18.34 3.70 -12.90
C PHE B 178 -17.11 4.47 -12.43
N THR B 179 -16.09 3.74 -11.96
CA THR B 179 -14.86 4.34 -11.46
C THR B 179 -14.24 5.32 -12.48
N ALA B 180 -14.12 4.88 -13.73
CA ALA B 180 -13.55 5.69 -14.80
C ALA B 180 -14.35 6.97 -15.04
N LEU B 181 -15.69 6.86 -15.06
CA LEU B 181 -16.57 8.01 -15.29
C LEU B 181 -16.55 8.99 -14.12
N SER B 182 -16.59 8.45 -12.90
CA SER B 182 -16.52 9.26 -11.69
C SER B 182 -15.22 10.06 -11.63
N ASN B 183 -14.10 9.42 -11.95
CA ASN B 183 -12.81 10.06 -11.96
C ASN B 183 -12.70 11.20 -12.97
N GLU B 184 -13.19 10.98 -14.18
CA GLU B 184 -13.12 12.03 -15.18
C GLU B 184 -14.05 13.20 -14.88
N ALA B 185 -15.16 12.92 -14.20
CA ALA B 185 -16.08 13.96 -13.74
C ALA B 185 -15.37 14.89 -12.74
N TYR B 186 -14.83 14.31 -11.67
CA TYR B 186 -14.25 15.09 -10.58
C TYR B 186 -12.87 15.68 -10.87
N LYS B 187 -12.14 15.09 -11.82
CA LYS B 187 -10.87 15.64 -12.27
C LYS B 187 -11.04 17.03 -12.90
N GLN B 188 -12.21 17.25 -13.52
CA GLN B 188 -12.52 18.55 -14.11
C GLN B 188 -12.84 19.63 -13.06
N ASP B 189 -13.07 19.21 -11.83
CA ASP B 189 -13.26 20.15 -10.71
C ASP B 189 -11.93 20.49 -10.02
N GLY B 190 -10.83 19.90 -10.50
CA GLY B 190 -9.51 20.17 -9.96
C GLY B 190 -9.01 19.13 -8.97
N PHE B 191 -9.77 18.05 -8.78
CA PHE B 191 -9.39 16.95 -7.90
C PHE B 191 -8.57 15.92 -8.66
N THR B 192 -7.56 15.35 -8.00
CA THR B 192 -6.73 14.29 -8.61
C THR B 192 -7.55 13.04 -8.95
N ASP B 193 -8.55 12.76 -8.11
CA ASP B 193 -9.49 11.65 -8.30
C ASP B 193 -10.70 11.81 -7.39
N THR B 194 -11.69 10.93 -7.54
CA THR B 194 -12.91 10.96 -6.73
C THR B 194 -12.65 10.80 -5.24
N GLY B 195 -11.71 9.93 -4.89
CA GLY B 195 -11.28 9.76 -3.50
C GLY B 195 -10.82 11.04 -2.83
N ALA B 196 -10.05 11.84 -3.56
CA ALA B 196 -9.60 13.14 -3.04
C ALA B 196 -10.77 14.09 -2.77
N TYR B 197 -11.77 14.07 -3.64
CA TYR B 197 -13.00 14.82 -3.41
C TYR B 197 -13.70 14.37 -2.13
N TRP B 198 -13.88 13.06 -1.96
CA TRP B 198 -14.53 12.51 -0.76
C TRP B 198 -13.80 12.95 0.51
N ARG B 199 -12.48 12.87 0.49
CA ARG B 199 -11.66 13.25 1.66
C ARG B 199 -11.75 14.74 1.98
N SER B 200 -12.04 15.56 0.98
CA SER B 200 -12.08 17.01 1.15
C SER B 200 -13.19 17.45 2.11
N TRP B 201 -14.20 16.61 2.29
CA TRP B 201 -15.32 16.89 3.20
C TRP B 201 -14.89 17.04 4.66
N TYR B 202 -13.69 16.55 4.98
CA TYR B 202 -13.20 16.60 6.36
C TYR B 202 -12.29 17.78 6.63
N ASN B 203 -11.93 18.50 5.57
CA ASN B 203 -11.23 19.79 5.67
C ASN B 203 -9.98 19.77 6.57
N SER B 204 -9.24 18.66 6.51
CA SER B 204 -8.03 18.50 7.31
C SER B 204 -6.92 18.11 6.38
N PRO B 205 -5.85 18.92 6.34
CA PRO B 205 -4.71 18.65 5.47
C PRO B 205 -3.99 17.35 5.82
N THR B 206 -4.05 16.94 7.09
CA THR B 206 -3.41 15.69 7.51
C THR B 206 -4.43 14.61 7.86
N PHE B 207 -5.57 14.61 7.17
CA PHE B 207 -6.67 13.65 7.42
C PHE B 207 -6.18 12.20 7.51
N GLU B 208 -5.52 11.72 6.46
CA GLU B 208 -5.04 10.33 6.41
C GLU B 208 -4.06 10.01 7.54
N ASP B 209 -3.16 10.94 7.83
CA ASP B 209 -2.21 10.80 8.93
C ASP B 209 -2.92 10.72 10.29
N ASP B 210 -3.91 11.59 10.50
CA ASP B 210 -4.69 11.61 11.73
C ASP B 210 -5.43 10.30 11.98
N LEU B 211 -5.99 9.74 10.91
CA LEU B 211 -6.70 8.46 10.97
C LEU B 211 -5.74 7.32 11.35
N GLU B 212 -4.55 7.33 10.74
CA GLU B 212 -3.54 6.32 10.99
C GLU B 212 -3.08 6.35 12.44
N HIS B 213 -2.93 7.56 12.97
CA HIS B 213 -2.53 7.76 14.37
C HIS B 213 -3.60 7.28 15.34
N LEU B 214 -4.87 7.52 14.99
CA LEU B 214 -5.99 6.99 15.78
C LEU B 214 -5.98 5.47 15.78
N TYR B 215 -5.83 4.88 14.58
CA TYR B 215 -5.85 3.42 14.48
C TYR B 215 -4.75 2.72 15.29
N GLN B 216 -3.55 3.32 15.33
CA GLN B 216 -2.42 2.79 16.09
C GLN B 216 -2.74 2.66 17.59
N GLN B 217 -3.57 3.55 18.11
CA GLN B 217 -4.02 3.50 19.50
C GLN B 217 -5.09 2.44 19.75
N LEU B 218 -5.86 2.14 18.70
CA LEU B 218 -7.00 1.23 18.83
C LEU B 218 -6.65 -0.23 18.53
N GLU B 219 -5.57 -0.43 17.76
CA GLU B 219 -5.18 -1.77 17.31
C GLU B 219 -4.96 -2.83 18.42
N PRO B 220 -4.22 -2.50 19.50
CA PRO B 220 -4.02 -3.51 20.57
C PRO B 220 -5.33 -4.02 21.16
N LEU B 221 -6.33 -3.14 21.24
CA LEU B 221 -7.66 -3.51 21.71
C LEU B 221 -8.26 -4.56 20.78
N TYR B 222 -8.24 -4.27 19.48
CA TYR B 222 -8.71 -5.23 18.50
C TYR B 222 -7.93 -6.55 18.56
N LEU B 223 -6.60 -6.44 18.63
CA LEU B 223 -5.74 -7.64 18.62
C LEU B 223 -6.10 -8.61 19.75
N ASN B 224 -6.30 -8.07 20.95
CA ASN B 224 -6.70 -8.88 22.11
C ASN B 224 -8.09 -9.47 21.99
N LEU B 225 -9.04 -8.70 21.48
CA LEU B 225 -10.40 -9.20 21.25
C LEU B 225 -10.38 -10.32 20.21
N HIS B 226 -9.62 -10.08 19.13
CA HIS B 226 -9.42 -11.04 18.05
C HIS B 226 -8.96 -12.39 18.57
N ALA B 227 -7.91 -12.37 19.41
CA ALA B 227 -7.27 -13.59 19.92
C ALA B 227 -8.18 -14.38 20.86
N PHE B 228 -8.92 -13.65 21.69
CA PHE B 228 -9.91 -14.23 22.61
C PHE B 228 -11.03 -14.97 21.86
N VAL B 229 -11.55 -14.31 20.82
CA VAL B 229 -12.63 -14.86 20.01
C VAL B 229 -12.11 -16.07 19.22
N ARG B 230 -10.91 -15.94 18.68
CA ARG B 230 -10.29 -17.04 17.94
C ARG B 230 -10.19 -18.31 18.79
N ARG B 231 -9.78 -18.14 20.05
CA ARG B 231 -9.71 -19.26 21.01
C ARG B 231 -11.05 -20.00 21.16
N ALA B 232 -12.13 -19.24 21.31
CA ALA B 232 -13.46 -19.84 21.48
C ALA B 232 -13.91 -20.55 20.21
N LEU B 233 -13.63 -19.95 19.06
CA LEU B 233 -13.93 -20.55 17.77
C LEU B 233 -13.18 -21.87 17.58
N HIS B 234 -11.94 -21.90 18.06
CA HIS B 234 -11.11 -23.10 17.98
C HIS B 234 -11.73 -24.28 18.75
N ARG B 235 -12.20 -24.01 19.96
CA ARG B 235 -12.89 -24.99 20.79
C ARG B 235 -14.20 -25.45 20.17
N ARG B 236 -14.82 -24.58 19.39
CA ARG B 236 -16.10 -24.89 18.75
C ARG B 236 -15.93 -25.67 17.44
N TYR B 237 -15.01 -25.23 16.59
CA TYR B 237 -14.88 -25.79 15.25
C TYR B 237 -13.72 -26.77 15.04
N GLY B 238 -12.74 -26.74 15.95
CA GLY B 238 -11.63 -27.68 15.88
C GLY B 238 -10.39 -27.13 15.18
N ASP B 239 -9.30 -27.91 15.26
CA ASP B 239 -7.99 -27.52 14.74
C ASP B 239 -7.92 -27.53 13.21
N ARG B 240 -8.87 -28.21 12.58
CA ARG B 240 -8.93 -28.28 11.11
C ARG B 240 -9.40 -26.96 10.49
N TYR B 241 -10.34 -26.28 11.15
CA TYR B 241 -10.94 -25.07 10.60
C TYR B 241 -10.45 -23.77 11.24
N ILE B 242 -9.79 -23.88 12.40
CA ILE B 242 -9.25 -22.71 13.10
C ILE B 242 -7.75 -22.86 13.34
N ASN B 243 -7.01 -21.80 13.03
CA ASN B 243 -5.59 -21.72 13.28
C ASN B 243 -5.34 -20.66 14.34
N LEU B 244 -4.84 -21.10 15.50
CA LEU B 244 -4.65 -20.22 16.66
C LEU B 244 -3.58 -19.15 16.47
N ARG B 245 -2.80 -19.28 15.39
CA ARG B 245 -1.80 -18.28 15.02
C ARG B 245 -2.04 -17.73 13.61
N GLY B 246 -3.23 -17.98 13.07
CA GLY B 246 -3.59 -17.51 11.74
C GLY B 246 -4.81 -16.62 11.73
N PRO B 247 -5.24 -16.14 10.53
CA PRO B 247 -6.45 -15.32 10.46
C PRO B 247 -7.70 -16.17 10.70
N ILE B 248 -8.77 -15.54 11.17
CA ILE B 248 -10.05 -16.22 11.40
C ILE B 248 -10.82 -16.36 10.08
N PRO B 249 -11.41 -17.54 9.80
CA PRO B 249 -12.25 -17.65 8.61
C PRO B 249 -13.40 -16.63 8.65
N ALA B 250 -13.58 -15.91 7.54
CA ALA B 250 -14.40 -14.69 7.48
C ALA B 250 -15.91 -14.90 7.70
N HIS B 251 -16.35 -16.15 7.78
CA HIS B 251 -17.76 -16.48 7.85
C HIS B 251 -18.22 -16.90 9.24
N LEU B 252 -17.31 -16.84 10.21
CA LEU B 252 -17.57 -17.43 11.54
C LEU B 252 -17.89 -16.42 12.65
N LEU B 253 -17.97 -15.14 12.28
CA LEU B 253 -18.03 -14.04 13.26
C LEU B 253 -19.43 -13.40 13.46
N GLY B 254 -20.46 -14.03 12.92
CA GLY B 254 -21.85 -13.64 13.18
C GLY B 254 -22.45 -12.69 12.16
N ASP B 255 -21.63 -12.27 11.20
CA ASP B 255 -21.96 -11.18 10.29
C ASP B 255 -21.37 -11.48 8.91
N MET B 256 -22.11 -11.16 7.84
CA MET B 256 -21.67 -11.43 6.45
C MET B 256 -20.28 -10.85 6.12
N TRP B 257 -19.98 -9.69 6.69
CA TRP B 257 -18.73 -8.97 6.43
C TRP B 257 -17.76 -9.05 7.59
N ALA B 258 -18.12 -9.82 8.62
CA ALA B 258 -17.36 -9.91 9.87
C ALA B 258 -17.10 -8.53 10.50
N GLN B 259 -18.06 -7.62 10.31
CA GLN B 259 -17.88 -6.21 10.70
C GLN B 259 -18.37 -5.92 12.12
N SER B 260 -19.29 -6.74 12.60
CA SER B 260 -19.80 -6.63 13.96
C SER B 260 -19.89 -8.06 14.49
N TRP B 261 -19.35 -8.30 15.68
CA TRP B 261 -19.29 -9.68 16.20
C TRP B 261 -20.32 -9.97 17.28
N GLU B 262 -21.29 -9.08 17.48
CA GLU B 262 -22.29 -9.22 18.55
C GLU B 262 -23.04 -10.56 18.52
N ASN B 263 -23.29 -11.07 17.32
CA ASN B 263 -24.06 -12.31 17.15
C ASN B 263 -23.41 -13.60 17.67
N ILE B 264 -22.10 -13.56 17.92
CA ILE B 264 -21.43 -14.72 18.53
C ILE B 264 -21.15 -14.52 20.02
N TYR B 265 -21.78 -13.50 20.60
CA TYR B 265 -21.73 -13.26 22.04
C TYR B 265 -22.05 -14.52 22.86
N ASP B 266 -23.05 -15.29 22.42
CA ASP B 266 -23.43 -16.51 23.13
C ASP B 266 -22.39 -17.64 23.07
N MET B 267 -21.42 -17.51 22.17
CA MET B 267 -20.30 -18.45 22.08
C MET B 267 -19.09 -18.01 22.92
N VAL B 268 -18.98 -16.71 23.17
CA VAL B 268 -17.79 -16.17 23.82
C VAL B 268 -18.02 -15.55 25.21
N VAL B 269 -19.27 -15.42 25.62
CA VAL B 269 -19.60 -14.87 26.94
C VAL B 269 -18.93 -15.69 28.06
N PRO B 270 -18.06 -15.03 28.86
CA PRO B 270 -17.31 -15.72 29.92
C PRO B 270 -18.16 -16.23 31.09
N PHE B 271 -19.26 -15.55 31.36
CA PHE B 271 -20.10 -15.89 32.50
C PHE B 271 -21.56 -16.08 32.07
N PRO B 272 -21.83 -17.23 31.40
CA PRO B 272 -23.16 -17.46 30.81
C PRO B 272 -24.27 -17.76 31.82
N ASP B 273 -23.89 -17.99 33.07
CA ASP B 273 -24.84 -18.17 34.17
C ASP B 273 -25.56 -16.87 34.56
N LYS B 274 -24.89 -15.74 34.31
CA LYS B 274 -25.45 -14.42 34.55
C LYS B 274 -26.61 -14.14 33.59
N PRO B 275 -27.50 -13.18 33.93
CA PRO B 275 -28.60 -12.81 33.03
C PRO B 275 -28.11 -12.45 31.63
N ASN B 276 -28.87 -12.86 30.62
CA ASN B 276 -28.49 -12.65 29.23
C ASN B 276 -28.65 -11.19 28.83
N LEU B 277 -27.52 -10.54 28.52
CA LEU B 277 -27.50 -9.13 28.17
C LEU B 277 -27.94 -8.87 26.73
N ASP B 278 -28.06 -9.93 25.95
CA ASP B 278 -28.72 -9.86 24.65
C ASP B 278 -30.21 -10.06 24.92
N VAL B 279 -30.97 -8.97 24.82
CA VAL B 279 -32.39 -8.99 25.21
C VAL B 279 -33.33 -9.46 24.09
N THR B 280 -32.76 -9.99 23.01
CA THR B 280 -33.52 -10.41 21.84
C THR B 280 -34.66 -11.37 22.19
N SER B 281 -34.34 -12.46 22.89
CA SER B 281 -35.34 -13.45 23.26
C SER B 281 -36.47 -12.85 24.10
N THR B 282 -36.11 -11.95 25.02
CA THR B 282 -37.09 -11.21 25.82
C THR B 282 -37.97 -10.28 24.95
N MET B 283 -37.36 -9.63 23.96
CA MET B 283 -38.12 -8.80 23.02
C MET B 283 -39.18 -9.63 22.29
N LEU B 284 -38.80 -10.82 21.83
CA LEU B 284 -39.72 -11.72 21.14
C LEU B 284 -40.79 -12.29 22.07
N GLN B 285 -40.38 -12.67 23.28
CA GLN B 285 -41.31 -13.17 24.29
C GLN B 285 -42.38 -12.13 24.64
N GLN B 286 -41.95 -10.87 24.78
CA GLN B 286 -42.86 -9.77 25.08
C GLN B 286 -43.68 -9.30 23.88
N GLY B 287 -43.28 -9.71 22.68
CA GLY B 287 -44.01 -9.39 21.47
C GLY B 287 -43.72 -8.02 20.87
N TRP B 288 -42.49 -7.56 21.01
CA TRP B 288 -42.04 -6.32 20.36
C TRP B 288 -42.19 -6.40 18.84
N GLN B 289 -42.61 -5.30 18.23
CA GLN B 289 -42.62 -5.19 16.79
C GLN B 289 -41.87 -3.94 16.37
N ALA B 290 -41.67 -3.78 15.06
CA ALA B 290 -41.00 -2.61 14.50
C ALA B 290 -41.57 -1.30 15.07
N THR B 291 -42.90 -1.19 15.13
CA THR B 291 -43.53 0.03 15.63
CA THR B 291 -43.59 0.00 15.64
C THR B 291 -43.12 0.35 17.07
N HIS B 292 -43.07 -0.66 17.94
CA HIS B 292 -42.63 -0.47 19.32
C HIS B 292 -41.20 0.04 19.37
N MET B 293 -40.33 -0.52 18.53
CA MET B 293 -38.92 -0.16 18.51
C MET B 293 -38.72 1.30 18.12
N PHE B 294 -39.47 1.75 17.11
CA PHE B 294 -39.39 3.15 16.66
C PHE B 294 -39.95 4.15 17.68
N ARG B 295 -41.07 3.80 18.32
CA ARG B 295 -41.66 4.64 19.38
C ARG B 295 -40.74 4.73 20.60
N VAL B 296 -40.15 3.61 21.00
CA VAL B 296 -39.22 3.60 22.12
C VAL B 296 -38.01 4.50 21.86
N ALA B 297 -37.42 4.40 20.65
CA ALA B 297 -36.31 5.27 20.24
C ALA B 297 -36.72 6.74 20.26
N GLU B 298 -37.87 7.04 19.68
CA GLU B 298 -38.40 8.40 19.67
C GLU B 298 -38.51 9.01 21.06
N GLU B 299 -39.01 8.23 22.01
CA GLU B 299 -39.20 8.71 23.37
C GLU B 299 -37.87 9.05 24.05
N PHE B 300 -36.80 8.32 23.70
CA PHE B 300 -35.47 8.69 24.20
C PHE B 300 -35.12 10.08 23.71
N PHE B 301 -35.31 10.32 22.41
CA PHE B 301 -35.06 11.64 21.83
C PHE B 301 -35.85 12.75 22.51
N THR B 302 -37.16 12.53 22.68
CA THR B 302 -38.02 13.54 23.32
C THR B 302 -37.73 13.71 24.81
N SER B 303 -37.22 12.66 25.46
CA SER B 303 -36.79 12.77 26.87
C SER B 303 -35.65 13.76 27.03
N LEU B 304 -34.85 13.92 25.97
CA LEU B 304 -33.76 14.89 25.92
C LEU B 304 -34.23 16.27 25.42
N GLU B 305 -35.55 16.41 25.25
CA GLU B 305 -36.18 17.60 24.67
C GLU B 305 -35.74 17.88 23.24
N LEU B 306 -35.40 16.82 22.51
CA LEU B 306 -35.24 16.88 21.06
C LEU B 306 -36.61 16.63 20.41
N SER B 307 -36.71 16.78 19.10
CA SER B 307 -38.02 16.76 18.42
C SER B 307 -38.60 15.34 18.28
N PRO B 308 -39.93 15.22 18.38
CA PRO B 308 -40.59 13.95 18.04
C PRO B 308 -40.65 13.79 16.52
N MET B 309 -40.86 12.56 16.04
CA MET B 309 -41.05 12.33 14.60
C MET B 309 -42.37 12.92 14.15
N PRO B 310 -42.34 13.76 13.09
CA PRO B 310 -43.57 14.43 12.59
C PRO B 310 -44.56 13.44 11.97
N PRO B 311 -45.84 13.83 11.81
CA PRO B 311 -46.83 12.97 11.16
C PRO B 311 -46.37 12.42 9.81
N GLU B 312 -45.70 13.24 9.00
CA GLU B 312 -45.20 12.85 7.69
C GLU B 312 -44.24 11.65 7.77
N PHE B 313 -43.45 11.58 8.84
CA PHE B 313 -42.57 10.45 9.10
C PHE B 313 -43.34 9.14 9.26
N TRP B 314 -44.37 9.14 10.11
CA TRP B 314 -45.11 7.90 10.41
C TRP B 314 -45.97 7.45 9.23
N GLU B 315 -46.46 8.40 8.44
CA GLU B 315 -47.28 8.07 7.30
C GLU B 315 -46.43 7.59 6.11
N GLY B 316 -45.22 8.10 5.99
CA GLY B 316 -44.40 7.88 4.79
C GLY B 316 -43.35 6.80 4.88
N SER B 317 -42.87 6.54 6.10
CA SER B 317 -41.78 5.58 6.31
C SER B 317 -42.19 4.13 6.02
N MET B 318 -41.20 3.33 5.64
CA MET B 318 -41.36 1.89 5.48
C MET B 318 -40.56 1.23 6.59
N LEU B 319 -41.26 0.70 7.59
CA LEU B 319 -40.60 0.21 8.81
C LEU B 319 -40.52 -1.31 8.89
N GLU B 320 -41.08 -2.00 7.91
CA GLU B 320 -41.03 -3.45 7.79
C GLU B 320 -40.81 -3.83 6.33
N LYS B 321 -40.23 -5.00 6.09
CA LYS B 321 -40.12 -5.51 4.71
C LYS B 321 -41.53 -5.82 4.17
N PRO B 322 -41.90 -5.23 3.02
CA PRO B 322 -43.24 -5.40 2.48
C PRO B 322 -43.63 -6.86 2.31
N ALA B 323 -44.84 -7.21 2.72
CA ALA B 323 -45.37 -8.57 2.67
C ALA B 323 -45.76 -9.02 1.26
N ASP B 324 -46.02 -8.06 0.37
CA ASP B 324 -46.38 -8.38 -1.01
C ASP B 324 -45.17 -8.90 -1.79
N GLY B 325 -45.37 -9.19 -3.07
CA GLY B 325 -44.29 -9.66 -3.93
C GLY B 325 -43.57 -8.53 -4.65
N ARG B 326 -43.04 -7.58 -3.89
CA ARG B 326 -42.28 -6.48 -4.48
C ARG B 326 -40.84 -6.45 -3.95
N GLU B 327 -39.92 -6.06 -4.82
CA GLU B 327 -38.52 -5.99 -4.45
C GLU B 327 -38.19 -4.63 -3.84
N VAL B 328 -37.42 -4.64 -2.76
CA VAL B 328 -36.98 -3.43 -2.08
C VAL B 328 -35.48 -3.46 -1.79
N VAL B 329 -34.89 -2.28 -1.64
CA VAL B 329 -33.56 -2.16 -1.06
C VAL B 329 -33.77 -2.32 0.44
N CYS B 330 -33.24 -3.39 1.02
CA CYS B 330 -33.50 -3.63 2.43
C CYS B 330 -32.52 -2.96 3.37
N HIS B 331 -31.34 -2.58 2.87
CA HIS B 331 -30.37 -1.85 3.68
C HIS B 331 -31.03 -0.59 4.24
N ALA B 332 -30.86 -0.39 5.55
CA ALA B 332 -31.53 0.71 6.26
C ALA B 332 -31.03 2.07 5.80
N SER B 333 -31.95 3.03 5.74
CA SER B 333 -31.61 4.39 5.33
C SER B 333 -32.59 5.42 5.85
N ALA B 334 -32.09 6.65 5.98
CA ALA B 334 -32.87 7.80 6.43
C ALA B 334 -32.90 8.84 5.32
N TRP B 335 -34.04 9.49 5.16
CA TRP B 335 -34.30 10.32 3.99
C TRP B 335 -34.78 11.73 4.33
N ASP B 336 -34.07 12.72 3.79
CA ASP B 336 -34.46 14.11 3.85
C ASP B 336 -34.93 14.53 2.45
N PHE B 337 -36.19 14.95 2.32
CA PHE B 337 -36.74 15.31 1.03
C PHE B 337 -36.48 16.77 0.66
N TYR B 338 -35.79 17.49 1.54
CA TYR B 338 -35.39 18.90 1.33
C TYR B 338 -36.55 19.88 1.08
N ASN B 339 -37.72 19.55 1.60
CA ASN B 339 -38.88 20.45 1.57
C ASN B 339 -39.27 20.91 2.97
N ARG B 340 -38.46 20.54 3.97
CA ARG B 340 -38.66 20.91 5.38
C ARG B 340 -39.89 20.26 6.03
N LYS B 341 -40.47 19.27 5.35
CA LYS B 341 -41.70 18.64 5.82
C LYS B 341 -41.62 17.12 5.83
N ASP B 342 -41.10 16.55 4.75
CA ASP B 342 -41.02 15.10 4.59
C ASP B 342 -39.67 14.54 5.02
N PHE B 343 -39.74 13.57 5.93
CA PHE B 343 -38.58 12.88 6.49
C PHE B 343 -39.01 11.43 6.73
N ARG B 344 -38.22 10.48 6.24
CA ARG B 344 -38.61 9.06 6.28
C ARG B 344 -37.45 8.13 6.58
N ILE B 345 -37.77 7.00 7.22
CA ILE B 345 -36.86 5.87 7.31
C ILE B 345 -37.39 4.71 6.44
N LYS B 346 -36.47 4.03 5.78
CA LYS B 346 -36.76 2.81 5.05
C LYS B 346 -35.88 1.72 5.69
N GLN B 347 -36.50 0.87 6.49
CA GLN B 347 -35.76 -0.20 7.19
C GLN B 347 -36.58 -1.49 7.22
N CYS B 348 -35.94 -2.58 6.81
CA CYS B 348 -36.55 -3.92 6.88
C CYS B 348 -36.39 -4.48 8.30
N THR B 349 -37.08 -3.85 9.24
CA THR B 349 -36.82 -4.05 10.67
C THR B 349 -37.12 -5.45 11.18
N ARG B 350 -36.14 -6.04 11.85
CA ARG B 350 -36.32 -7.32 12.53
C ARG B 350 -36.28 -7.09 14.03
N VAL B 351 -36.93 -7.96 14.79
CA VAL B 351 -36.99 -7.81 16.24
C VAL B 351 -35.78 -8.48 16.89
N THR B 352 -34.68 -7.73 16.95
CA THR B 352 -33.48 -8.15 17.66
C THR B 352 -32.93 -6.94 18.40
N MET B 353 -32.05 -7.18 19.36
CA MET B 353 -31.39 -6.11 20.09
C MET B 353 -30.50 -5.24 19.18
N ASP B 354 -29.73 -5.87 18.29
CA ASP B 354 -28.88 -5.10 17.36
C ASP B 354 -29.70 -4.22 16.40
N GLN B 355 -30.91 -4.66 16.07
CA GLN B 355 -31.82 -3.88 15.25
C GLN B 355 -32.40 -2.69 16.01
N LEU B 356 -32.60 -2.84 17.32
CA LEU B 356 -32.97 -1.73 18.18
C LEU B 356 -31.93 -0.62 18.10
N SER B 357 -30.65 -1.01 18.16
CA SER B 357 -29.57 -0.04 17.95
C SER B 357 -29.59 0.60 16.56
N THR B 358 -29.90 -0.19 15.53
CA THR B 358 -29.99 0.33 14.16
C THR B 358 -31.13 1.35 14.04
N VAL B 359 -32.26 1.05 14.69
CA VAL B 359 -33.38 2.00 14.74
C VAL B 359 -32.94 3.34 15.31
N HIS B 360 -32.23 3.32 16.44
CA HIS B 360 -31.67 4.54 17.02
C HIS B 360 -30.75 5.27 16.06
N HIS B 361 -29.92 4.50 15.35
CA HIS B 361 -28.96 5.05 14.36
C HIS B 361 -29.71 5.82 13.30
N GLU B 362 -30.71 5.19 12.69
CA GLU B 362 -31.50 5.83 11.64
C GLU B 362 -32.27 7.04 12.17
N MET B 363 -32.81 6.92 13.37
CA MET B 363 -33.58 8.04 13.96
C MET B 363 -32.67 9.22 14.30
N GLY B 364 -31.39 8.92 14.54
CA GLY B 364 -30.38 9.96 14.72
C GLY B 364 -30.21 10.81 13.47
N HIS B 365 -30.19 10.16 12.29
CA HIS B 365 -30.15 10.90 11.01
C HIS B 365 -31.40 11.80 10.87
N ILE B 366 -32.57 11.24 11.17
CA ILE B 366 -33.82 12.01 11.10
C ILE B 366 -33.81 13.24 12.02
N GLN B 367 -33.36 13.02 13.26
CA GLN B 367 -33.30 14.08 14.24
C GLN B 367 -32.41 15.23 13.76
N TYR B 368 -31.28 14.89 13.16
CA TYR B 368 -30.40 15.87 12.53
C TYR B 368 -31.16 16.69 11.50
N TYR B 369 -31.87 16.02 10.59
CA TYR B 369 -32.66 16.72 9.57
C TYR B 369 -33.66 17.69 10.19
N LEU B 370 -34.34 17.24 11.25
CA LEU B 370 -35.35 18.05 11.93
C LEU B 370 -34.75 19.30 12.58
N GLN B 371 -33.54 19.16 13.14
CA GLN B 371 -32.88 20.26 13.83
C GLN B 371 -32.31 21.32 12.88
N TYR B 372 -31.87 20.93 11.68
CA TYR B 372 -31.32 21.90 10.74
C TYR B 372 -32.21 22.23 9.54
N LYS B 373 -33.49 21.90 9.62
CA LYS B 373 -34.40 22.08 8.48
C LYS B 373 -34.58 23.53 8.03
N ASP B 374 -34.40 24.48 8.94
CA ASP B 374 -34.63 25.89 8.63
C ASP B 374 -33.39 26.56 8.02
N LEU B 375 -32.26 25.84 8.03
CA LEU B 375 -31.03 26.33 7.41
C LEU B 375 -31.14 26.33 5.88
N PRO B 376 -30.39 27.24 5.21
CA PRO B 376 -30.24 27.20 3.76
C PRO B 376 -29.72 25.83 3.31
N VAL B 377 -30.25 25.35 2.18
CA VAL B 377 -30.13 23.95 1.78
C VAL B 377 -28.70 23.37 1.73
N SER B 378 -27.72 24.17 1.32
CA SER B 378 -26.33 23.72 1.23
C SER B 378 -25.70 23.48 2.61
N LEU B 379 -26.37 23.94 3.66
CA LEU B 379 -25.89 23.76 5.03
C LEU B 379 -26.62 22.62 5.76
N ARG B 380 -27.54 21.97 5.06
CA ARG B 380 -28.32 20.87 5.64
C ARG B 380 -27.57 19.54 5.55
N ARG B 381 -26.45 19.46 6.27
CA ARG B 381 -25.64 18.25 6.39
C ARG B 381 -24.96 18.29 7.76
N GLY B 382 -24.33 17.19 8.17
CA GLY B 382 -23.61 17.16 9.44
C GLY B 382 -22.36 18.04 9.39
N ALA B 383 -21.80 18.37 10.56
CA ALA B 383 -20.57 19.17 10.63
C ALA B 383 -19.46 18.54 9.76
N ASN B 384 -19.34 17.22 9.87
CA ASN B 384 -18.75 16.38 8.83
C ASN B 384 -19.58 15.08 8.75
N PRO B 385 -19.36 14.24 7.72
CA PRO B 385 -20.21 13.06 7.61
C PRO B 385 -20.17 12.11 8.82
N GLY B 386 -19.04 12.09 9.54
CA GLY B 386 -18.92 11.33 10.79
C GLY B 386 -19.87 11.76 11.89
N PHE B 387 -20.17 13.06 11.95
CA PHE B 387 -21.15 13.58 12.92
C PHE B 387 -22.53 12.96 12.70
N HIS B 388 -22.94 12.89 11.44
CA HIS B 388 -24.26 12.37 11.09
C HIS B 388 -24.39 10.92 11.55
N GLU B 389 -23.33 10.14 11.35
CA GLU B 389 -23.33 8.71 11.70
C GLU B 389 -23.26 8.47 13.21
N ALA B 390 -22.83 9.47 13.96
CA ALA B 390 -22.56 9.31 15.39
C ALA B 390 -23.77 9.55 16.29
N ILE B 391 -24.73 10.37 15.82
CA ILE B 391 -25.82 10.87 16.66
C ILE B 391 -26.66 9.78 17.33
N GLY B 392 -27.29 8.92 16.53
CA GLY B 392 -28.12 7.84 17.05
C GLY B 392 -27.33 6.82 17.85
N ASP B 393 -26.08 6.59 17.43
CA ASP B 393 -25.19 5.65 18.11
C ASP B 393 -24.89 6.08 19.55
N VAL B 394 -24.74 7.39 19.75
CA VAL B 394 -24.55 7.95 21.09
C VAL B 394 -25.71 7.59 22.01
N LEU B 395 -26.93 7.83 21.55
CA LEU B 395 -28.10 7.46 22.35
C LEU B 395 -28.14 5.95 22.61
N ALA B 396 -27.82 5.15 21.59
CA ALA B 396 -27.80 3.68 21.71
C ALA B 396 -26.83 3.18 22.78
N LEU B 397 -25.74 3.91 22.99
CA LEU B 397 -24.80 3.61 24.07
C LEU B 397 -25.50 3.62 25.43
N SER B 398 -26.30 4.65 25.68
CA SER B 398 -27.12 4.74 26.91
C SER B 398 -28.19 3.66 26.98
N VAL B 399 -28.86 3.42 25.86
CA VAL B 399 -29.95 2.43 25.79
C VAL B 399 -29.47 1.02 26.13
N SER B 400 -28.27 0.68 25.68
CA SER B 400 -27.72 -0.65 25.82
C SER B 400 -27.30 -1.04 27.27
N THR B 401 -27.16 -0.03 28.14
CA THR B 401 -26.77 -0.28 29.53
C THR B 401 -27.81 -1.15 30.26
N PRO B 402 -27.35 -2.10 31.09
CA PRO B 402 -28.26 -2.96 31.84
C PRO B 402 -29.26 -2.18 32.69
N GLU B 403 -28.85 -1.04 33.22
CA GLU B 403 -29.72 -0.17 33.99
C GLU B 403 -30.84 0.40 33.12
N HIS B 404 -30.53 0.82 31.90
CA HIS B 404 -31.56 1.34 31.01
C HIS B 404 -32.50 0.24 30.52
N LEU B 405 -31.93 -0.90 30.17
CA LEU B 405 -32.72 -2.05 29.72
C LEU B 405 -33.73 -2.46 30.79
N HIS B 406 -33.32 -2.36 32.05
CA HIS B 406 -34.23 -2.59 33.17
C HIS B 406 -35.36 -1.56 33.20
N LYS B 407 -35.02 -0.29 33.00
CA LYS B 407 -36.01 0.79 32.98
C LYS B 407 -37.09 0.56 31.91
N ILE B 408 -36.70 0.07 30.75
CA ILE B 408 -37.66 -0.19 29.67
C ILE B 408 -38.19 -1.64 29.68
N GLY B 409 -37.95 -2.33 30.80
CA GLY B 409 -38.53 -3.65 31.07
C GLY B 409 -38.02 -4.79 30.23
N LEU B 410 -36.77 -4.69 29.78
CA LEU B 410 -36.18 -5.73 28.94
C LEU B 410 -35.20 -6.63 29.71
N LEU B 411 -34.92 -6.27 30.95
CA LEU B 411 -33.96 -7.01 31.76
C LEU B 411 -34.28 -6.87 33.24
N ASP B 412 -34.14 -7.97 33.99
CA ASP B 412 -34.23 -7.91 35.44
C ASP B 412 -33.02 -7.13 35.95
N ARG B 413 -33.23 -6.34 37.00
CA ARG B 413 -32.16 -5.51 37.57
C ARG B 413 -30.91 -6.38 37.77
N VAL B 414 -29.82 -5.99 37.12
CA VAL B 414 -28.60 -6.78 37.12
C VAL B 414 -27.84 -6.61 38.44
N THR B 415 -27.18 -7.68 38.88
CA THR B 415 -26.32 -7.60 40.05
C THR B 415 -25.01 -6.89 39.68
N ASN B 416 -24.75 -5.77 40.34
CA ASN B 416 -23.62 -4.92 40.02
C ASN B 416 -22.29 -5.48 40.54
N ASP B 417 -21.80 -6.52 39.88
CA ASP B 417 -20.52 -7.14 40.23
C ASP B 417 -19.54 -7.12 39.05
N THR B 418 -18.32 -7.60 39.32
CA THR B 418 -17.24 -7.61 38.32
C THR B 418 -17.64 -8.43 37.09
N GLU B 419 -18.28 -9.57 37.32
CA GLU B 419 -18.67 -10.49 36.25
C GLU B 419 -19.65 -9.89 35.25
N SER B 420 -20.66 -9.18 35.76
CA SER B 420 -21.69 -8.55 34.92
C SER B 420 -21.10 -7.44 34.08
N ASP B 421 -20.14 -6.72 34.67
CA ASP B 421 -19.45 -5.64 33.99
C ASP B 421 -18.65 -6.17 32.79
N ILE B 422 -17.92 -7.26 33.02
CA ILE B 422 -17.11 -7.91 31.99
C ILE B 422 -18.00 -8.47 30.89
N ASN B 423 -19.10 -9.11 31.29
CA ASN B 423 -20.09 -9.58 30.34
C ASN B 423 -20.59 -8.44 29.45
N TYR B 424 -20.89 -7.29 30.05
CA TYR B 424 -21.41 -6.13 29.30
C TYR B 424 -20.37 -5.53 28.36
N LEU B 425 -19.18 -5.27 28.88
CA LEU B 425 -18.12 -4.63 28.09
C LEU B 425 -17.60 -5.50 26.95
N LEU B 426 -17.60 -6.83 27.14
CA LEU B 426 -17.24 -7.75 26.07
C LEU B 426 -18.27 -7.67 24.94
N LYS B 427 -19.55 -7.67 25.30
CA LYS B 427 -20.62 -7.55 24.31
C LYS B 427 -20.49 -6.25 23.54
N MET B 428 -20.19 -5.17 24.25
CA MET B 428 -19.99 -3.86 23.62
C MET B 428 -18.72 -3.84 22.74
N ALA B 429 -17.69 -4.56 23.17
CA ALA B 429 -16.46 -4.73 22.36
C ALA B 429 -16.75 -5.46 21.04
N LEU B 430 -17.61 -6.47 21.08
CA LEU B 430 -17.95 -7.22 19.87
C LEU B 430 -18.67 -6.36 18.84
N GLU B 431 -19.41 -5.37 19.32
CA GLU B 431 -20.15 -4.43 18.50
C GLU B 431 -19.25 -3.28 17.98
N LYS B 432 -18.46 -2.70 18.87
CA LYS B 432 -17.77 -1.44 18.58
C LYS B 432 -16.30 -1.62 18.18
N ILE B 433 -15.55 -2.39 18.96
CA ILE B 433 -14.13 -2.62 18.71
C ILE B 433 -13.91 -3.45 17.44
N ALA B 434 -14.70 -4.52 17.28
CA ALA B 434 -14.58 -5.40 16.13
C ALA B 434 -14.83 -4.68 14.80
N PHE B 435 -15.63 -3.62 14.83
CA PHE B 435 -15.91 -2.82 13.64
C PHE B 435 -14.73 -1.95 13.21
N LEU B 436 -13.95 -1.47 14.18
CA LEU B 436 -12.88 -0.51 13.89
C LEU B 436 -12.03 -0.82 12.63
N PRO B 437 -11.43 -2.04 12.54
CA PRO B 437 -10.63 -2.31 11.33
C PRO B 437 -11.41 -2.27 10.02
N PHE B 438 -12.65 -2.75 10.02
CA PHE B 438 -13.48 -2.71 8.82
C PHE B 438 -13.83 -1.28 8.41
N GLY B 439 -14.23 -0.45 9.38
CA GLY B 439 -14.54 0.97 9.12
C GLY B 439 -13.38 1.71 8.50
N TYR B 440 -12.17 1.33 8.88
CA TYR B 440 -10.96 1.99 8.40
C TYR B 440 -10.57 1.50 7.00
N LEU B 441 -10.67 0.18 6.77
CA LEU B 441 -10.15 -0.45 5.55
C LEU B 441 -10.95 -0.20 4.27
N VAL B 442 -12.27 -0.11 4.38
CA VAL B 442 -13.13 -0.05 3.19
C VAL B 442 -12.79 1.12 2.28
N ASP B 443 -12.66 2.31 2.85
CA ASP B 443 -12.27 3.43 2.00
C ASP B 443 -10.78 3.47 1.64
N GLN B 444 -9.93 2.81 2.43
CA GLN B 444 -8.55 2.61 1.97
C GLN B 444 -8.54 1.86 0.64
N TRP B 445 -9.37 0.82 0.55
CA TRP B 445 -9.55 0.09 -0.71
C TRP B 445 -10.06 0.99 -1.83
N ARG B 446 -11.15 1.71 -1.59
CA ARG B 446 -11.74 2.59 -2.59
C ARG B 446 -10.84 3.75 -3.01
N TRP B 447 -10.14 4.36 -2.07
CA TRP B 447 -9.21 5.44 -2.42
C TRP B 447 -8.12 4.93 -3.36
N GLY B 448 -7.70 3.68 -3.14
CA GLY B 448 -6.72 3.01 -3.99
C GLY B 448 -7.27 2.75 -5.39
N VAL B 449 -8.55 2.38 -5.47
CA VAL B 449 -9.21 2.18 -6.76
C VAL B 449 -9.38 3.50 -7.51
N PHE B 450 -9.88 4.53 -6.83
CA PHE B 450 -10.02 5.86 -7.44
C PHE B 450 -8.69 6.45 -7.92
N SER B 451 -7.62 6.25 -7.15
CA SER B 451 -6.31 6.80 -7.49
C SER B 451 -5.61 6.05 -8.62
N GLY B 452 -6.06 4.83 -8.89
CA GLY B 452 -5.42 3.99 -9.90
C GLY B 452 -4.38 3.03 -9.35
N ARG B 453 -4.07 3.14 -8.06
CA ARG B 453 -3.14 2.22 -7.40
C ARG B 453 -3.65 0.78 -7.52
N THR B 454 -4.96 0.63 -7.46
CA THR B 454 -5.64 -0.66 -7.58
C THR B 454 -6.48 -0.71 -8.87
N PRO B 455 -5.90 -1.25 -9.96
CA PRO B 455 -6.68 -1.43 -11.19
C PRO B 455 -7.60 -2.65 -11.07
N PRO B 456 -8.54 -2.81 -12.02
CA PRO B 456 -9.45 -3.98 -12.02
C PRO B 456 -8.76 -5.33 -11.80
N SER B 457 -7.55 -5.48 -12.33
CA SER B 457 -6.79 -6.73 -12.20
C SER B 457 -6.36 -7.03 -10.76
N ARG B 458 -6.47 -6.04 -9.88
CA ARG B 458 -6.13 -6.24 -8.48
C ARG B 458 -7.25 -5.90 -7.50
N TYR B 459 -8.49 -5.78 -7.99
CA TYR B 459 -9.64 -5.50 -7.10
C TYR B 459 -9.70 -6.44 -5.88
N ASN B 460 -9.74 -7.75 -6.13
CA ASN B 460 -9.88 -8.70 -5.02
C ASN B 460 -8.57 -8.93 -4.26
N PHE B 461 -7.47 -8.96 -5.00
CA PHE B 461 -6.13 -9.08 -4.42
C PHE B 461 -5.93 -8.02 -3.32
N ASP B 462 -6.20 -6.76 -3.64
CA ASP B 462 -6.02 -5.65 -2.69
C ASP B 462 -7.08 -5.60 -1.58
N TRP B 463 -8.30 -6.03 -1.90
CA TRP B 463 -9.36 -6.15 -0.90
C TRP B 463 -8.95 -7.11 0.22
N TRP B 464 -8.57 -8.32 -0.16
CA TRP B 464 -8.17 -9.33 0.81
C TRP B 464 -6.85 -9.04 1.52
N TYR B 465 -5.96 -8.30 0.85
CA TYR B 465 -4.76 -7.81 1.54
C TYR B 465 -5.20 -6.94 2.72
N LEU B 466 -6.13 -6.03 2.48
CA LEU B 466 -6.59 -5.11 3.52
C LEU B 466 -7.39 -5.82 4.60
N ARG B 467 -8.26 -6.74 4.19
CA ARG B 467 -9.06 -7.53 5.13
C ARG B 467 -8.20 -8.34 6.08
N THR B 468 -7.13 -8.93 5.56
CA THR B 468 -6.19 -9.69 6.37
C THR B 468 -5.33 -8.74 7.21
N LYS B 469 -4.80 -7.69 6.59
CA LYS B 469 -3.95 -6.72 7.30
C LYS B 469 -4.64 -6.17 8.53
N TYR B 470 -5.89 -5.75 8.38
CA TYR B 470 -6.60 -5.03 9.43
C TYR B 470 -7.49 -5.90 10.32
N GLN B 471 -8.37 -6.69 9.71
CA GLN B 471 -9.30 -7.54 10.46
C GLN B 471 -8.74 -8.89 10.88
N GLY B 472 -7.65 -9.32 10.25
CA GLY B 472 -7.11 -10.65 10.55
C GLY B 472 -8.07 -11.76 10.22
N ILE B 473 -8.72 -11.65 9.06
CA ILE B 473 -9.59 -12.69 8.57
C ILE B 473 -9.09 -13.21 7.22
N CYS B 474 -9.57 -14.38 6.82
CA CYS B 474 -9.21 -14.95 5.52
C CYS B 474 -10.48 -15.47 4.89
N PRO B 475 -10.54 -15.48 3.54
CA PRO B 475 -11.70 -16.09 2.90
C PRO B 475 -11.75 -17.59 3.18
N PRO B 476 -12.94 -18.14 3.45
CA PRO B 476 -13.05 -19.56 3.80
C PRO B 476 -13.03 -20.47 2.57
N VAL B 477 -13.07 -19.86 1.39
CA VAL B 477 -12.87 -20.55 0.12
C VAL B 477 -11.89 -19.75 -0.71
N THR B 478 -11.28 -20.40 -1.70
CA THR B 478 -10.35 -19.74 -2.62
C THR B 478 -11.06 -18.67 -3.45
N ARG B 479 -10.42 -17.53 -3.59
CA ARG B 479 -10.95 -16.42 -4.40
C ARG B 479 -9.93 -16.09 -5.48
N ASN B 480 -10.41 -15.63 -6.63
CA ASN B 480 -9.55 -15.13 -7.70
C ASN B 480 -10.10 -13.79 -8.23
N GLU B 481 -9.52 -13.27 -9.31
CA GLU B 481 -9.95 -11.96 -9.80
C GLU B 481 -11.26 -11.90 -10.59
N THR B 482 -11.90 -13.05 -10.81
CA THR B 482 -13.28 -13.07 -11.30
C THR B 482 -14.23 -12.66 -10.17
N HIS B 483 -13.84 -12.99 -8.94
CA HIS B 483 -14.58 -12.56 -7.76
C HIS B 483 -14.35 -11.08 -7.48
N PHE B 484 -15.38 -10.43 -6.96
CA PHE B 484 -15.31 -9.01 -6.60
C PHE B 484 -15.94 -8.84 -5.22
N ASP B 485 -15.21 -9.25 -4.20
CA ASP B 485 -15.76 -9.37 -2.84
C ASP B 485 -16.10 -8.02 -2.18
N ALA B 486 -15.42 -6.96 -2.60
CA ALA B 486 -15.78 -5.61 -2.16
C ALA B 486 -17.20 -5.24 -2.59
N GLY B 487 -17.63 -5.73 -3.76
CA GLY B 487 -18.96 -5.43 -4.28
C GLY B 487 -20.11 -6.09 -3.55
N ALA B 488 -19.80 -7.10 -2.74
CA ALA B 488 -20.79 -7.78 -1.90
C ALA B 488 -21.10 -7.02 -0.60
N LYS B 489 -20.50 -5.83 -0.45
CA LYS B 489 -20.78 -4.93 0.65
C LYS B 489 -21.57 -3.73 0.12
N PHE B 490 -22.77 -3.50 0.66
CA PHE B 490 -23.74 -2.48 0.18
C PHE B 490 -23.16 -1.16 -0.33
N HIS B 491 -22.33 -0.53 0.50
CA HIS B 491 -21.84 0.82 0.21
C HIS B 491 -20.97 0.94 -1.05
N VAL B 492 -20.43 -0.18 -1.52
CA VAL B 492 -19.57 -0.17 -2.71
C VAL B 492 -20.38 0.03 -4.00
N PRO B 493 -21.28 -0.93 -4.35
CA PRO B 493 -22.13 -0.69 -5.53
C PRO B 493 -23.06 0.52 -5.39
N ASN B 494 -23.40 0.88 -4.17
CA ASN B 494 -24.27 2.03 -3.96
C ASN B 494 -23.50 3.34 -3.84
N VAL B 495 -22.20 3.25 -4.06
CA VAL B 495 -21.31 4.41 -4.19
C VAL B 495 -21.52 5.43 -3.07
N THR B 496 -21.46 4.96 -1.83
CA THR B 496 -21.54 5.85 -0.69
C THR B 496 -20.33 5.61 0.22
N PRO B 497 -19.66 6.70 0.66
CA PRO B 497 -18.38 6.58 1.37
C PRO B 497 -18.49 5.89 2.73
N TYR B 498 -17.36 5.40 3.21
CA TYR B 498 -17.35 4.55 4.39
C TYR B 498 -16.56 5.09 5.58
N ILE B 499 -15.60 5.97 5.31
CA ILE B 499 -14.71 6.44 6.38
C ILE B 499 -15.48 7.15 7.50
N ARG B 500 -16.66 7.67 7.15
CA ARG B 500 -17.59 8.29 8.10
C ARG B 500 -17.89 7.39 9.30
N TYR B 501 -17.95 6.07 9.06
CA TYR B 501 -18.26 5.10 10.11
C TYR B 501 -17.09 4.90 11.06
N PHE B 502 -15.87 4.81 10.53
CA PHE B 502 -14.70 4.78 11.39
C PHE B 502 -14.65 6.05 12.24
N VAL B 503 -14.79 7.21 11.59
CA VAL B 503 -14.80 8.49 12.31
C VAL B 503 -15.90 8.48 13.38
N SER B 504 -17.09 8.04 12.99
CA SER B 504 -18.23 7.96 13.88
C SER B 504 -18.00 7.09 15.12
N PHE B 505 -17.30 5.98 14.94
CA PHE B 505 -17.12 5.03 16.04
C PHE B 505 -16.15 5.56 17.10
N VAL B 506 -15.26 6.45 16.70
CA VAL B 506 -14.38 7.14 17.65
C VAL B 506 -15.11 8.34 18.25
N LEU B 507 -15.82 9.07 17.40
CA LEU B 507 -16.52 10.29 17.77
C LEU B 507 -17.64 10.06 18.79
N GLN B 508 -18.37 8.96 18.66
CA GLN B 508 -19.50 8.69 19.55
C GLN B 508 -19.10 8.54 21.02
N PHE B 509 -17.86 8.10 21.26
CA PHE B 509 -17.36 7.97 22.62
C PHE B 509 -16.92 9.32 23.17
N GLN B 510 -16.48 10.20 22.28
CA GLN B 510 -16.16 11.57 22.63
C GLN B 510 -17.43 12.33 23.01
N PHE B 511 -18.49 12.16 22.21
CA PHE B 511 -19.81 12.72 22.50
C PHE B 511 -20.34 12.17 23.83
N HIS B 512 -20.35 10.84 23.93
CA HIS B 512 -20.84 10.14 25.13
C HIS B 512 -20.19 10.66 26.43
N GLU B 513 -18.86 10.76 26.44
CA GLU B 513 -18.15 11.27 27.60
C GLU B 513 -18.60 12.69 27.96
N ALA B 514 -18.70 13.55 26.93
CA ALA B 514 -19.08 14.94 27.13
C ALA B 514 -20.53 15.09 27.60
N LEU B 515 -21.42 14.25 27.08
CA LEU B 515 -22.82 14.31 27.46
C LEU B 515 -23.05 13.80 28.87
N CYS B 516 -22.39 12.71 29.21
CA CYS B 516 -22.44 12.14 30.55
C CYS B 516 -21.93 13.11 31.61
N LYS B 517 -20.83 13.81 31.31
CA LYS B 517 -20.33 14.86 32.17
C LYS B 517 -21.38 15.95 32.37
N GLU B 518 -21.96 16.40 31.26
CA GLU B 518 -22.97 17.48 31.30
C GLU B 518 -24.23 17.07 32.04
N ALA B 519 -24.60 15.79 31.93
CA ALA B 519 -25.73 15.23 32.64
C ALA B 519 -25.51 15.18 34.17
N GLY B 520 -24.25 15.40 34.59
CA GLY B 520 -23.89 15.42 36.00
C GLY B 520 -23.60 14.02 36.53
N TYR B 521 -23.35 13.09 35.62
CA TYR B 521 -23.03 11.72 35.98
C TYR B 521 -21.58 11.62 36.43
N GLU B 522 -21.32 10.81 37.45
CA GLU B 522 -20.00 10.74 38.08
C GLU B 522 -19.40 9.33 38.19
N GLY B 523 -20.22 8.31 37.91
CA GLY B 523 -19.77 6.91 37.96
C GLY B 523 -18.92 6.46 36.78
N PRO B 524 -18.78 5.13 36.59
CA PRO B 524 -18.03 4.58 35.46
C PRO B 524 -18.71 4.95 34.13
N LEU B 525 -17.90 5.35 33.15
CA LEU B 525 -18.41 5.85 31.86
C LEU B 525 -19.33 4.86 31.13
N HIS B 526 -19.02 3.58 31.23
CA HIS B 526 -19.80 2.54 30.54
C HIS B 526 -21.13 2.20 31.23
N GLN B 527 -21.42 2.83 32.36
CA GLN B 527 -22.67 2.60 33.07
C GLN B 527 -23.60 3.81 33.00
N CYS B 528 -23.12 4.86 32.35
CA CYS B 528 -23.86 6.10 32.21
C CYS B 528 -25.08 5.97 31.30
N ASP B 529 -26.19 6.57 31.74
CA ASP B 529 -27.41 6.66 30.96
C ASP B 529 -27.85 8.13 30.92
N ILE B 530 -27.90 8.72 29.72
CA ILE B 530 -28.24 10.15 29.59
C ILE B 530 -29.74 10.42 29.44
N TYR B 531 -30.53 9.35 29.47
CA TYR B 531 -31.99 9.42 29.42
C TYR B 531 -32.52 10.50 30.33
N ARG B 532 -33.37 11.37 29.76
CA ARG B 532 -34.07 12.44 30.49
C ARG B 532 -33.18 13.57 31.01
N SER B 533 -31.91 13.57 30.60
CA SER B 533 -31.04 14.71 30.88
C SER B 533 -31.33 15.83 29.87
N THR B 534 -32.00 16.86 30.34
CA THR B 534 -32.33 18.01 29.49
C THR B 534 -31.07 18.84 29.21
N LYS B 535 -30.12 18.83 30.15
CA LYS B 535 -28.83 19.49 29.95
C LYS B 535 -27.99 18.82 28.86
N ALA B 536 -27.95 17.49 28.85
CA ALA B 536 -27.26 16.76 27.79
C ALA B 536 -27.95 16.97 26.44
N GLY B 537 -29.29 16.98 26.46
CA GLY B 537 -30.09 17.27 25.28
C GLY B 537 -29.78 18.64 24.68
N ALA B 538 -29.66 19.65 25.54
CA ALA B 538 -29.38 21.01 25.09
C ALA B 538 -28.01 21.13 24.40
N LYS B 539 -27.04 20.40 24.94
CA LYS B 539 -25.69 20.37 24.39
C LYS B 539 -25.66 19.65 23.04
N LEU B 540 -26.45 18.57 22.92
CA LEU B 540 -26.55 17.84 21.66
C LEU B 540 -27.24 18.70 20.62
N ARG B 541 -28.29 19.40 21.03
CA ARG B 541 -29.11 20.22 20.13
C ARG B 541 -28.30 21.33 19.47
N LYS B 542 -27.33 21.88 20.21
CA LYS B 542 -26.42 22.91 19.68
C LYS B 542 -25.65 22.39 18.47
N VAL B 543 -25.16 21.16 18.58
CA VAL B 543 -24.44 20.50 17.49
C VAL B 543 -25.36 20.29 16.28
N LEU B 544 -26.57 19.77 16.53
CA LEU B 544 -27.48 19.39 15.45
C LEU B 544 -28.02 20.58 14.66
N ARG B 545 -28.34 21.67 15.36
CA ARG B 545 -28.87 22.88 14.71
C ARG B 545 -27.82 23.59 13.88
N ALA B 546 -26.54 23.36 14.18
CA ALA B 546 -25.43 23.99 13.47
C ALA B 546 -25.32 23.52 12.01
N GLY B 547 -25.83 22.33 11.72
CA GLY B 547 -25.64 21.72 10.40
C GLY B 547 -24.17 21.76 10.00
N SER B 548 -23.91 22.19 8.76
CA SER B 548 -22.53 22.36 8.29
C SER B 548 -22.17 23.85 8.12
N SER B 549 -22.80 24.70 8.93
CA SER B 549 -22.57 26.15 8.85
C SER B 549 -21.23 26.59 9.47
N ARG B 550 -20.66 25.73 10.32
CA ARG B 550 -19.39 26.01 10.97
C ARG B 550 -18.42 24.84 10.80
N PRO B 551 -17.10 25.12 10.76
CA PRO B 551 -16.10 24.05 10.66
C PRO B 551 -16.21 23.07 11.83
N TRP B 552 -16.21 21.77 11.53
CA TRP B 552 -16.46 20.74 12.52
C TRP B 552 -15.51 20.78 13.72
N GLN B 553 -14.27 21.22 13.49
CA GLN B 553 -13.29 21.34 14.57
C GLN B 553 -13.77 22.28 15.67
N GLU B 554 -14.46 23.34 15.28
CA GLU B 554 -14.99 24.33 16.21
C GLU B 554 -16.28 23.84 16.88
N VAL B 555 -17.13 23.17 16.12
CA VAL B 555 -18.33 22.53 16.66
C VAL B 555 -17.92 21.51 17.71
N LEU B 556 -16.89 20.72 17.41
CA LEU B 556 -16.38 19.73 18.33
C LEU B 556 -15.77 20.35 19.59
N LYS B 557 -15.06 21.47 19.43
CA LYS B 557 -14.46 22.15 20.59
C LYS B 557 -15.53 22.67 21.56
N ASP B 558 -16.59 23.26 21.03
CA ASP B 558 -17.73 23.74 21.83
C ASP B 558 -18.39 22.63 22.64
N MET B 559 -18.50 21.45 22.05
CA MET B 559 -19.17 20.31 22.67
C MET B 559 -18.24 19.49 23.57
N VAL B 560 -16.99 19.34 23.17
CA VAL B 560 -16.10 18.33 23.76
C VAL B 560 -14.88 18.92 24.50
N GLY B 561 -14.52 20.15 24.18
CA GLY B 561 -13.35 20.81 24.78
C GLY B 561 -12.09 20.65 23.94
N LEU B 562 -12.22 19.89 22.86
CA LEU B 562 -11.12 19.55 21.98
C LEU B 562 -11.54 19.71 20.53
N ASP B 563 -10.63 20.17 19.68
CA ASP B 563 -10.93 20.44 18.28
C ASP B 563 -10.44 19.32 17.34
N ALA B 564 -10.34 18.11 17.88
CA ALA B 564 -9.83 16.98 17.11
C ALA B 564 -10.42 15.67 17.56
N LEU B 565 -10.44 14.70 16.65
CA LEU B 565 -10.79 13.32 16.99
C LEU B 565 -9.75 12.79 17.98
N ASP B 566 -10.23 12.03 18.96
CA ASP B 566 -9.38 11.55 20.04
C ASP B 566 -9.90 10.19 20.49
N ALA B 567 -8.99 9.23 20.62
CA ALA B 567 -9.33 7.85 20.96
C ALA B 567 -9.48 7.62 22.46
N GLN B 568 -9.04 8.59 23.26
CA GLN B 568 -9.00 8.44 24.71
C GLN B 568 -10.37 8.10 25.34
N PRO B 569 -11.45 8.82 24.96
CA PRO B 569 -12.76 8.45 25.51
C PRO B 569 -13.16 7.00 25.24
N LEU B 570 -12.93 6.54 24.04
CA LEU B 570 -13.10 5.14 23.69
C LEU B 570 -12.29 4.21 24.58
N LEU B 571 -11.01 4.48 24.69
CA LEU B 571 -10.12 3.68 25.54
C LEU B 571 -10.59 3.65 27.00
N LYS B 572 -11.02 4.81 27.50
CA LYS B 572 -11.49 4.95 28.88
C LYS B 572 -12.76 4.13 29.12
N TYR B 573 -13.64 4.12 28.13
CA TYR B 573 -14.89 3.37 28.18
C TYR B 573 -14.61 1.87 28.36
N PHE B 574 -13.62 1.36 27.63
CA PHE B 574 -13.33 -0.08 27.55
C PHE B 574 -12.24 -0.60 28.49
N GLN B 575 -11.64 0.33 29.23
CA GLN B 575 -10.53 0.07 30.16
C GLN B 575 -10.52 -1.29 30.87
N LEU B 576 -11.65 -1.65 31.47
CA LEU B 576 -11.75 -2.85 32.30
C LEU B 576 -11.67 -4.14 31.48
N VAL B 577 -12.32 -4.15 30.32
CA VAL B 577 -12.32 -5.34 29.47
C VAL B 577 -10.99 -5.46 28.70
N THR B 578 -10.38 -4.32 28.39
CA THR B 578 -9.06 -4.28 27.76
C THR B 578 -8.05 -5.00 28.64
N GLN B 579 -8.06 -4.68 29.93
CA GLN B 579 -7.18 -5.32 30.89
C GLN B 579 -7.55 -6.80 31.09
N TRP B 580 -8.84 -7.08 31.20
CA TRP B 580 -9.30 -8.46 31.37
C TRP B 580 -8.90 -9.34 30.19
N LEU B 581 -9.10 -8.85 28.96
CA LEU B 581 -8.76 -9.60 27.77
C LEU B 581 -7.27 -9.89 27.65
N GLN B 582 -6.44 -8.90 27.98
CA GLN B 582 -4.99 -9.10 28.02
C GLN B 582 -4.63 -10.25 28.95
N GLU B 583 -5.20 -10.23 30.15
CA GLU B 583 -4.92 -11.25 31.16
C GLU B 583 -5.34 -12.63 30.69
N GLN B 584 -6.55 -12.74 30.14
CA GLN B 584 -7.07 -14.02 29.62
C GLN B 584 -6.16 -14.61 28.52
N ASN B 585 -5.73 -13.75 27.60
CA ASN B 585 -4.88 -14.15 26.48
C ASN B 585 -3.48 -14.57 26.93
N GLN B 586 -2.91 -13.85 27.88
CA GLN B 586 -1.62 -14.21 28.47
C GLN B 586 -1.68 -15.55 29.19
N GLN B 587 -2.75 -15.77 29.96
CA GLN B 587 -2.97 -17.03 30.68
C GLN B 587 -3.15 -18.21 29.75
N ASN B 588 -3.83 -17.98 28.63
CA ASN B 588 -4.02 -19.02 27.61
C ASN B 588 -2.83 -19.17 26.67
N GLY B 589 -1.83 -18.30 26.86
CA GLY B 589 -0.61 -18.31 26.05
C GLY B 589 -0.86 -17.96 24.59
N GLU B 590 -1.83 -17.07 24.34
CA GLU B 590 -2.20 -16.69 22.98
C GLU B 590 -1.10 -15.92 22.29
N VAL B 591 -1.07 -16.05 20.96
CA VAL B 591 -0.24 -15.20 20.12
C VAL B 591 -1.14 -14.07 19.63
N LEU B 592 -0.74 -12.83 19.91
CA LEU B 592 -1.49 -11.68 19.42
C LEU B 592 -1.13 -11.44 17.95
N GLY B 593 -2.16 -11.37 17.12
CA GLY B 593 -1.94 -11.23 15.69
C GLY B 593 -2.11 -12.55 14.98
N TRP B 594 -1.76 -12.55 13.70
CA TRP B 594 -1.95 -13.72 12.86
C TRP B 594 -0.70 -13.95 11.99
N PRO B 595 0.45 -14.28 12.64
CA PRO B 595 1.73 -14.44 11.92
C PRO B 595 1.71 -15.49 10.80
N GLU B 596 0.79 -16.45 10.89
CA GLU B 596 0.57 -17.37 9.78
C GLU B 596 -0.43 -16.76 8.79
N TYR B 597 -0.01 -15.64 8.18
CA TYR B 597 -0.84 -14.78 7.34
C TYR B 597 -1.34 -15.46 6.05
N GLN B 598 -0.70 -16.57 5.69
CA GLN B 598 -1.00 -17.25 4.44
C GLN B 598 -2.04 -18.35 4.64
N TRP B 599 -2.33 -18.66 5.90
CA TRP B 599 -3.20 -19.80 6.21
C TRP B 599 -4.65 -19.56 5.75
N HIS B 600 -5.24 -20.61 5.17
CA HIS B 600 -6.65 -20.66 4.83
C HIS B 600 -7.21 -22.01 5.29
N PRO B 601 -8.50 -22.04 5.70
CA PRO B 601 -9.11 -23.33 6.05
C PRO B 601 -9.36 -24.20 4.81
N PRO B 602 -9.37 -25.53 4.99
CA PRO B 602 -9.75 -26.40 3.87
C PRO B 602 -11.26 -26.44 3.73
N LEU B 603 -11.76 -27.01 2.63
CA LEU B 603 -13.19 -27.23 2.44
C LEU B 603 -13.72 -28.31 3.38
N PRO B 604 -14.98 -28.15 3.85
CA PRO B 604 -15.66 -29.21 4.62
C PRO B 604 -15.80 -30.49 3.80
N ASP B 605 -15.85 -31.63 4.50
CA ASP B 605 -15.83 -32.96 3.90
C ASP B 605 -16.56 -33.07 2.55
N ASN B 606 -17.87 -32.88 2.56
CA ASN B 606 -18.68 -33.08 1.36
C ASN B 606 -19.34 -31.79 0.89
N TYR B 607 -18.53 -30.77 0.63
CA TYR B 607 -19.03 -29.47 0.25
C TYR B 607 -19.23 -29.36 -1.26
N PRO B 608 -20.40 -28.88 -1.73
CA PRO B 608 -21.53 -28.37 -0.94
C PRO B 608 -22.75 -29.30 -0.82
N GLU B 609 -22.58 -30.59 -1.06
CA GLU B 609 -23.69 -31.55 -0.93
C GLU B 609 -24.06 -31.82 0.53
N GLY B 610 -25.37 -31.99 0.77
CA GLY B 610 -25.88 -32.22 2.12
C GLY B 610 -25.69 -31.03 3.05
C1 NAG C . 6.28 -20.86 10.59
C2 NAG C . 5.78 -21.15 12.01
C3 NAG C . 6.57 -22.24 12.74
C4 NAG C . 7.01 -23.38 11.83
C5 NAG C . 7.55 -22.85 10.50
C6 NAG C . 8.05 -24.01 9.61
C7 NAG C . 4.80 -19.47 13.48
C8 NAG C . 4.99 -18.19 14.25
N2 NAG C . 5.84 -19.92 12.79
O3 NAG C . 5.78 -22.77 13.78
O4 NAG C . 7.99 -24.16 12.48
O5 NAG C . 6.55 -22.05 9.87
O6 NAG C . 7.30 -24.17 8.41
O7 NAG C . 3.71 -20.03 13.50
C1 FUC C . 6.22 -25.13 8.64
C2 FUC C . 5.07 -24.88 7.65
C3 FUC C . 5.09 -25.80 6.41
C4 FUC C . 5.51 -27.22 6.76
C5 FUC C . 6.84 -27.18 7.52
C6 FUC C . 7.40 -28.58 7.77
O2 FUC C . 5.12 -23.55 7.21
O3 FUC C . 3.81 -25.81 5.81
O4 FUC C . 4.51 -27.84 7.54
O5 FUC C . 6.65 -26.49 8.75
C1 NAG D . 42.79 -12.89 7.99
C2 NAG D . 44.21 -12.94 7.40
C3 NAG D . 45.25 -13.30 8.46
C4 NAG D . 45.11 -12.48 9.75
C5 NAG D . 43.63 -12.40 10.18
C6 NAG D . 43.42 -11.42 11.32
C7 NAG D . 44.72 -13.55 5.08
C8 NAG D . 44.74 -14.63 4.05
N2 NAG D . 44.29 -13.90 6.30
O3 NAG D . 46.55 -13.11 7.93
O4 NAG D . 45.87 -13.10 10.76
O5 NAG D . 42.82 -12.00 9.10
O6 NAG D . 42.07 -11.50 11.76
O7 NAG D . 45.06 -12.40 4.79
C1 NAG D . 46.95 -12.25 11.22
C2 NAG D . 47.30 -12.64 12.65
C3 NAG D . 48.50 -11.85 13.17
C4 NAG D . 49.67 -11.86 12.18
C5 NAG D . 49.20 -11.53 10.76
C6 NAG D . 50.33 -11.71 9.74
C7 NAG D . 45.47 -13.47 14.04
C8 NAG D . 44.33 -13.12 14.95
N2 NAG D . 46.17 -12.45 13.55
O3 NAG D . 48.93 -12.41 14.39
O4 NAG D . 50.63 -10.91 12.61
O5 NAG D . 48.09 -12.35 10.38
O6 NAG D . 50.21 -12.94 9.06
O7 NAG D . 45.70 -14.65 13.79
C1 NAG E . 20.92 -5.74 -40.36
C2 NAG E . 22.06 -4.73 -40.25
C3 NAG E . 21.54 -3.30 -40.16
C4 NAG E . 20.38 -3.01 -41.09
C5 NAG E . 19.35 -4.14 -41.09
C6 NAG E . 18.28 -3.94 -42.15
C7 NAG E . 24.05 -5.63 -39.13
C8 NAG E . 24.74 -5.84 -37.81
N2 NAG E . 22.87 -5.02 -39.08
O3 NAG E . 22.59 -2.42 -40.46
O4 NAG E . 19.74 -1.80 -40.72
O5 NAG E . 20.01 -5.37 -41.36
O6 NAG E . 18.94 -4.01 -43.40
O7 NAG E . 24.58 -6.03 -40.17
C1 NAG E . 19.93 -0.77 -41.71
C2 NAG E . 18.88 0.32 -41.50
C3 NAG E . 19.11 1.52 -42.42
C4 NAG E . 20.58 1.94 -42.51
C5 NAG E . 21.46 0.70 -42.75
C6 NAG E . 22.96 1.03 -42.83
C7 NAG E . 16.64 -0.41 -40.78
C8 NAG E . 15.34 -1.00 -41.24
N2 NAG E . 17.56 -0.23 -41.73
O3 NAG E . 18.33 2.62 -41.98
O4 NAG E . 20.73 2.86 -43.57
O5 NAG E . 21.23 -0.23 -41.70
O6 NAG E . 23.48 1.25 -41.53
O7 NAG E . 16.80 -0.12 -39.59
C1 BMA E . 21.03 4.18 -43.08
C2 BMA E . 21.85 4.92 -44.14
C3 BMA E . 22.05 6.40 -43.82
C4 BMA E . 20.78 7.07 -43.32
C5 BMA E . 20.09 6.24 -42.24
C6 BMA E . 18.77 6.86 -41.80
O2 BMA E . 21.21 4.78 -45.42
O3 BMA E . 22.54 7.08 -44.98
O4 BMA E . 21.11 8.37 -42.82
O5 BMA E . 19.85 4.91 -42.73
O6 BMA E . 18.15 6.01 -40.83
C1 FUC E . 18.08 -3.51 -44.46
C2 FUC E . 18.90 -3.37 -45.74
C3 FUC E . 19.18 -4.75 -46.37
C4 FUC E . 17.88 -5.54 -46.50
C5 FUC E . 17.19 -5.62 -45.13
C6 FUC E . 15.90 -6.43 -45.15
O2 FUC E . 20.12 -2.71 -45.50
O3 FUC E . 19.78 -4.60 -47.63
O4 FUC E . 17.04 -4.88 -47.43
O5 FUC E . 16.93 -4.32 -44.65
C1 NAG F . -12.03 -18.39 -10.45
C2 NAG F . -11.51 -18.80 -11.83
C3 NAG F . -12.46 -19.72 -12.62
C4 NAG F . -13.34 -20.65 -11.78
C5 NAG F . -13.77 -20.03 -10.45
C6 NAG F . -14.45 -21.09 -9.58
C7 NAG F . -10.19 -17.50 -13.40
C8 NAG F . -10.02 -16.23 -14.17
N2 NAG F . -11.26 -17.61 -12.62
O3 NAG F . -11.71 -20.52 -13.52
O4 NAG F . -14.47 -20.98 -12.57
O5 NAG F . -12.65 -19.46 -9.78
O6 NAG F . -13.77 -21.30 -8.36
O7 NAG F . -9.36 -18.40 -13.50
C1 FUC F . -13.02 -22.54 -8.42
C2 FUC F . -11.52 -22.30 -8.32
C3 FUC F . -11.19 -21.73 -6.94
C4 FUC F . -11.68 -22.68 -5.84
C5 FUC F . -13.14 -23.11 -6.08
C6 FUC F . -13.57 -24.23 -5.13
O2 FUC F . -11.07 -21.42 -9.34
O3 FUC F . -9.80 -21.51 -6.83
O4 FUC F . -10.82 -23.80 -5.75
O5 FUC F . -13.40 -23.49 -7.43
C1 NAG G . -44.30 -0.15 -8.11
C2 NAG G . -45.70 0.19 -7.60
C3 NAG G . -46.74 0.18 -8.72
C4 NAG G . -46.25 0.79 -10.05
C5 NAG G . -44.81 0.38 -10.35
C6 NAG G . -44.20 1.12 -11.54
C7 NAG G . -46.48 -0.26 -5.33
C8 NAG G . -46.86 -1.30 -4.32
N2 NAG G . -46.09 -0.71 -6.54
O3 NAG G . -47.88 0.87 -8.27
O4 NAG G . -47.09 0.34 -11.11
O5 NAG G . -44.01 0.66 -9.23
O6 NAG G . -43.19 0.30 -12.12
O7 NAG G . -46.54 0.94 -5.04
C1 NAG G . -48.01 1.35 -11.54
C2 NAG G . -48.50 0.95 -12.93
C3 NAG G . -49.62 1.86 -13.43
C4 NAG G . -50.74 2.00 -12.38
C5 NAG G . -50.17 2.31 -11.00
C6 NAG G . -51.27 2.19 -9.93
C7 NAG G . -46.70 -0.10 -14.25
C8 NAG G . -45.60 0.12 -15.24
N2 NAG G . -47.39 0.99 -13.88
O3 NAG G . -50.14 1.33 -14.63
O4 NAG G . -51.62 3.01 -12.80
O5 NAG G . -49.11 1.44 -10.64
O6 NAG G . -51.51 0.82 -9.64
O7 NAG G . -46.93 -1.24 -13.83
C1 NAG H . -21.60 -0.49 40.66
C2 NAG H . -22.23 0.91 40.64
C3 NAG H . -21.16 1.99 40.43
C4 NAG H . -19.96 1.82 41.37
C5 NAG H . -19.50 0.36 41.41
C6 NAG H . -18.45 0.06 42.50
C7 NAG H . -24.55 0.99 39.84
C8 NAG H . -25.44 1.10 38.62
N2 NAG H . -23.23 0.99 39.59
O3 NAG H . -21.74 3.27 40.59
O4 NAG H . -18.91 2.64 40.90
O5 NAG H . -20.58 -0.53 41.64
O6 NAG H . -17.19 -0.16 41.89
O7 NAG H . -25.05 0.92 40.95
C1 NAG H . -18.63 3.75 41.78
C2 NAG H . -17.29 4.35 41.34
C3 NAG H . -16.97 5.68 42.05
C4 NAG H . -18.18 6.59 42.18
C5 NAG H . -19.39 5.80 42.68
C6 NAG H . -20.66 6.64 42.83
C7 NAG H . -15.39 2.98 40.62
C8 NAG H . -14.35 1.98 41.03
N2 NAG H . -16.22 3.39 41.57
O3 NAG H . -15.95 6.33 41.33
O4 NAG H . -17.87 7.65 43.08
O5 NAG H . -19.65 4.73 41.78
O6 NAG H . -21.19 6.97 41.57
O7 NAG H . -15.43 3.38 39.45
C1 BMA H . -17.76 8.91 42.42
C2 BMA H . -18.46 9.99 43.26
C3 BMA H . -18.16 11.43 42.83
C4 BMA H . -16.68 11.64 42.46
C5 BMA H . -16.17 10.54 41.55
C6 BMA H . -14.67 10.71 41.29
O2 BMA H . -18.15 9.81 44.65
O3 BMA H . -18.50 12.34 43.89
O4 BMA H . -16.56 12.91 41.80
O5 BMA H . -16.39 9.25 42.15
O6 BMA H . -14.29 10.03 40.09
C1 FUC H . -16.75 -1.39 41.23
C2 FUC H . -16.00 -2.56 41.89
C3 FUC H . -16.95 -3.72 42.16
C4 FUC H . -17.69 -4.13 40.88
C5 FUC H . -18.37 -2.90 40.26
C6 FUC H . -19.09 -3.24 38.95
O2 FUC H . -15.40 -2.12 43.12
O3 FUC H . -16.24 -4.84 42.68
O4 FUC H . -16.77 -4.72 39.94
O5 FUC H . -17.41 -1.85 40.04
ZN ZN I . 27.01 -1.71 -9.21
CAX RX4 J . 30.66 0.66 -2.79
CAA RX4 J . 29.34 0.84 -2.12
OAE RX4 J . 31.70 0.77 -2.17
CBB RX4 J . 29.31 -1.30 -5.16
OAI RX4 J . 30.32 -1.98 -5.21
CBF RX4 J . 29.48 0.16 -4.92
CAR RX4 J . 29.77 0.92 -6.20
CAZ RX4 J . 29.78 2.39 -5.87
OAK RX4 J . 28.72 2.91 -5.47
OAG RX4 J . 30.85 3.04 -6.00
NAU RX4 J . 30.67 0.35 -4.09
CAP RX4 J . 26.96 -2.24 -2.41
CAN RX4 J . 27.43 -1.97 -1.11
CAM RX4 J . 28.31 -2.86 -0.48
CAO RX4 J . 28.73 -4.00 -1.16
CAQ RX4 J . 28.25 -4.28 -2.45
CBC RX4 J . 27.37 -3.40 -3.07
CAS RX4 J . 26.87 -3.68 -4.48
CBG RX4 J . 27.89 -3.22 -5.54
P1 RX4 J . 27.32 -3.56 -7.23
O4 RX4 J . 28.50 -3.29 -8.14
O3 RX4 J . 26.05 -2.78 -7.52
NAW RX4 J . 28.08 -1.79 -5.32
CAT RX4 J . 26.98 -5.33 -7.27
CBD RX4 J . 26.01 -5.71 -8.39
CAB RX4 J . 26.37 -7.11 -8.89
CBA RX4 J . 24.60 -5.79 -7.87
OAH RX4 J . 24.39 -5.92 -6.67
N RX4 J . 23.64 -5.75 -8.80
CA RX4 J . 22.22 -5.85 -8.50
CB RX4 J . 21.40 -5.63 -9.76
C RX4 J . 21.95 -7.24 -7.97
O RX4 J . 22.61 -8.18 -8.39
NAD RX4 J . 21.01 -7.38 -7.06
O7 P6G K . 9.93 -24.86 -28.62
C8 P6G K . 10.51 -23.70 -29.23
C9 P6G K . 9.70 -22.47 -28.86
O10 P6G K . 9.45 -22.50 -27.46
C11 P6G K . 9.85 -21.26 -26.83
C12 P6G K . 8.91 -20.93 -25.68
O13 P6G K . 7.58 -20.79 -26.20
C14 P6G K . 6.62 -20.48 -25.19
C15 P6G K . 5.24 -20.50 -25.85
O16 P6G K . 4.96 -21.83 -26.29
C17 P6G K . 3.73 -21.92 -27.01
C18 P6G K . 3.83 -23.06 -28.02
O19 P6G K . 3.31 -24.26 -27.44
CL CL L . 19.87 4.73 -4.44
C1 PEG M . 14.36 17.30 4.70
O1 PEG M . 13.32 18.29 4.72
C2 PEG M . 15.41 17.64 5.75
O2 PEG M . 16.69 17.71 5.11
C3 PEG M . 17.58 18.58 5.81
C4 PEG M . 18.37 19.39 4.80
O4 PEG M . 19.18 18.51 4.01
CL CL N . -17.41 10.17 4.40
ZN ZN O . -26.08 6.09 9.12
CAX RX4 P . -28.66 9.52 2.73
CAA RX4 P . -29.82 10.15 2.00
OAE RX4 P . -27.57 9.35 2.18
CBB RX4 P . -28.23 7.11 5.09
OAI RX4 P . -29.40 6.73 5.09
CBF RX4 P . -27.91 8.57 4.85
CAR RX4 P . -27.92 9.38 6.14
CAZ RX4 P . -27.41 10.79 5.88
OAK RX4 P . -26.21 10.95 5.57
OAG RX4 P . -28.22 11.74 5.97
NAU RX4 P . -28.92 9.18 4.00
CAP RX4 P . -26.16 5.63 2.38
CAN RX4 P . -26.57 6.05 1.11
CAM RX4 P . -27.71 5.50 0.53
CAO RX4 P . -28.43 4.53 1.21
CAQ RX4 P . -28.03 4.09 2.48
CBC RX4 P . -26.88 4.65 3.07
CAS RX4 P . -26.44 4.21 4.46
CBG RX4 P . -27.35 4.88 5.52
P1 RX4 P . -26.93 4.46 7.22
O4 RX4 P . -27.96 5.11 8.12
O3 RX4 P . -25.49 4.86 7.45
NAW RX4 P . -27.19 6.31 5.30
CAT RX4 P . -27.16 2.66 7.30
CBD RX4 P . -26.40 1.97 8.43
CAB RX4 P . -27.19 0.74 8.87
CBA RX4 P . -25.07 1.48 7.93
OAH RX4 P . -24.90 1.26 6.74
N RX4 P . -24.15 1.26 8.87
CA RX4 P . -22.82 0.76 8.55
CB RX4 P . -21.95 0.75 9.80
C RX4 P . -22.92 -0.62 7.97
O RX4 P . -23.84 -1.38 8.26
NAD RX4 P . -21.97 -0.96 7.12
O2 PG4 Q . 4.63 -1.35 0.88
C3 PG4 Q . 3.96 -2.42 1.56
C4 PG4 Q . 2.82 -2.93 0.70
O3 PG4 Q . 1.57 -2.64 1.35
C5 PG4 Q . 0.48 -2.84 0.46
C6 PG4 Q . -0.42 -1.62 0.41
O4 PG4 Q . -1.44 -1.86 -0.56
C7 PG4 Q . -2.68 -1.28 -0.17
C8 PG4 Q . -3.81 -1.89 -1.01
O5 PG4 Q . -4.90 -0.97 -1.05
O1 PG4 R . -49.17 0.14 20.95
C1 PG4 R . -49.22 -1.19 20.41
C2 PG4 R . -49.41 -2.18 21.55
O2 PG4 R . -48.90 -3.45 21.15
C3 PG4 R . -49.12 -4.43 22.16
C4 PG4 R . -47.95 -5.40 22.20
O3 PG4 R . -46.91 -4.84 22.99
C5 PG4 R . -45.72 -5.64 22.99
C6 PG4 R . -44.77 -5.14 24.06
O4 PG4 R . -43.95 -4.11 23.52
C7 PG4 R . -43.40 -3.26 24.54
C8 PG4 R . -43.40 -1.82 24.04
O5 PG4 R . -42.86 -0.95 25.04
O1 P6G S . -50.22 1.17 16.70
C2 P6G S . -50.07 2.59 16.60
C3 P6G S . -50.08 3.20 18.00
O4 P6G S . -50.14 4.63 17.92
C5 P6G S . -48.91 5.25 18.31
C6 P6G S . -49.00 5.70 19.77
O7 P6G S . -47.92 5.11 20.50
C8 P6G S . -47.10 6.12 21.10
C9 P6G S . -46.13 5.49 22.09
O10 P6G S . -45.00 6.35 22.26
C11 P6G S . -44.34 6.21 23.52
C12 P6G S . -43.75 4.81 23.72
O13 P6G S . -42.46 4.90 24.33
C14 P6G S . -42.45 4.39 25.67
C15 P6G S . -41.04 3.90 26.00
O16 P6G S . -41.02 3.27 27.28
C17 P6G S . -41.66 1.99 27.26
C18 P6G S . -40.98 1.03 28.23
O19 P6G S . -41.35 -0.31 27.87
C1 PEG T . -10.92 22.68 -6.16
O1 PEG T . -11.28 23.96 -5.61
C2 PEG T . -10.45 21.77 -5.02
O2 PEG T . -9.30 21.04 -5.46
C3 PEG T . -8.48 20.68 -4.36
C4 PEG T . -7.02 20.66 -4.79
O4 PEG T . -6.39 21.88 -4.37
#